data_6MZB
#
_entry.id   6MZB
#
_cell.length_a   1
_cell.length_b   1
_cell.length_c   1
_cell.angle_alpha   90.00
_cell.angle_beta   90.00
_cell.angle_gamma   90.00
#
_symmetry.space_group_name_H-M   'P 1'
#
loop_
_entity.id
_entity.type
_entity.pdbx_description
1 polymer "Rod cGMP-specific 3',5'-cyclic phosphodiesterase subunit beta"
2 polymer "Rod cGMP-specific 3',5'-cyclic phosphodiesterase subunit alpha"
3 polymer "Retinal rod rhodopsin-sensitive cGMP 3',5'-cyclic phosphodiesterase subunit gamma"
4 non-polymer 'ZINC ION'
5 non-polymer 'MAGNESIUM ION'
6 non-polymer "GUANOSINE-3',5'-MONOPHOSPHATE"
#
loop_
_entity_poly.entity_id
_entity_poly.type
_entity_poly.pdbx_seq_one_letter_code
_entity_poly.pdbx_strand_id
1 'polypeptide(L)'
;MSLSEGQVHRFLDQNPGFADQYFGRKLSPEDVANACEDGCPEGCTSFRELCQVEESAALFELVQDMQENVNMERVVFKIL
RRLCSILHADRCSLFMYRQRNGVAELATRLFSVQPDSVLEDCLVPPDSEIVFPLDIGVVGHVAQTKKMVNVQDVMECPHF
SSFADELTDYVTRNILATPIMNGKDVVAVIMAVNKLDGPCFTSEDEDVFLKYLNFGTLNLKIYHLSYLHNCETRRGQVLL
WSANKVFEELTDIERQFHKAFYTVRAYLNCDRYSVGLLDMTKEKEFFDVWPVLMGEAQAYSGPRTPDGREILFYKVIDYI
LHGKEDIKVIPSPPADHWALASGLPTYVAESGFICNIMNAPADEMFNFQEGPLDDSGWIVKNVLSMPIVNKKEEIVGVAT
FYNRKDGKPFDEQDEVLMESLTQFLGWSVLNTDTYDKMNKLENRKDIAQDMVLYHVRCDREEIQLILPTRERLGKEPADC
EEDELGKILKEVLPGPAKFDIYEFHFSDLECTELELVKCGIQMYYELGVVRKFQIPQEVLVRFLFSVSKGYRRITYHNWR
HGFNVAQTMFTLLMTGKLKSYYTDLEAFAMVTAGLCHDIDHRGTNNLYQMKSQNPLAKLHGSSILERHHLEFGKFLLSEE
TLNIYQNLNRRQHEHVIHLMDIAIIATDLALYFKKRTMFQKIVDESKNYEDRKSWVEYLSLETTRKEIVMAMMMTACDLS
AITKPWEVQSKVALLVAAEFWEQGDLERTVLDQQPIPMMDRNKAAELPKLQVGFIDFVCTFVYKEFSRFHEEILPMFDRL
QNNRKEWKALADEYEAKVKALEEDQKKETTAKKVGTEICNGGPAPRSSTCRIL
;
B
2 'polypeptide(L)'
;MGEVTAEEVEKFLDSNVSFAKQYYNLRYRAKVISDLLGPREAAVDFSNYHALNSVEESEIIFDLLRDFQDNLQAEKCVFN
VMKKLCFLLQADRMSLFMYRARNGIAELATRLFNVHKDAVLEECLVAPDSEIVFPLDMGVVGHVALSKKIVNVPNTEEDE
HFCDFVDTLTEYQTKNILASPIMNGKDVVAIIMVVNKVDGPHFTENDEEILLKYLNFANLIMKVFHLSYLHNCETRRGQI
LLWSGSKVFEELTDIERQFHKALYTVRAFLNCDRYSVGLLDMTKQKEFFDVWPVLMGEAPPYAGPRTPDGREINFYKVID
YILHGKEDIKVIPNPPPDHWALVSGLPTYVAQNGLICNIMNAPSEDFFAFQKEPLDESGWMIKNVLSMPIVNKKEEIVGV
ATFYNRKDGKPFDEMDETLMESLTQFLGWSVLNPDTYELMNKLENRKDIFQDMVKYHVKCDNEEIQTILKTREVYGKEPW
ECEEEELAEILQGELPDADKYEINKFHFSDLPLTELELVKCGIQMYYELKVVDKFHIPQEALVRFMYSLSKGYRRITYHN
WRHGFNVGQTMFSLLVTGKLKRYFTDLEALAMVTAAFCHDIDHRGTNNLYQMKSQNPLAKLHGSSILERHHLEFGKTLLR
DESLNIFQNLNRRQHEHAIHMMDIAIIATDLALYFKKRTMFQKIVDQSKTYETQQEWTQYMMLDQTRKEIVMAMMMTACD
LSAITKPWEVQSKVALLVAAEFWEQGDLERTVLQQNPIPMMDRNKADELPKLQVGFIDFVCTFVYKEFSRFHEEITPMLD
GITNNRKEWKALADEYETKMKGLEEEKQKQQAANQAAAGSQHGGKQPGGGPASKSCCVQ
;
A
3 'polypeptide(L)'
;MNLEPPKAEIRSATRVMGGPVTPRKGPPKFKQRQTRQFKSKPPKKGVQGFGDDIPGMEGLGTDITVICPWEAFNHLELHE
LAQYGII
;
C,D
#
loop_
_chem_comp.id
_chem_comp.type
_chem_comp.name
_chem_comp.formula
35G non-polymer GUANOSINE-3',5'-MONOPHOSPHATE 'C10 H12 N5 O7 P'
MG non-polymer 'MAGNESIUM ION' 'Mg 2'
ZN non-polymer 'ZINC ION' 'Zn 2'
#
# COMPACT_ATOMS: atom_id res chain seq x y z
N PHE A 18 -21.03 55.51 63.46
CA PHE A 18 -20.19 54.80 62.51
C PHE A 18 -18.78 55.35 62.51
N ALA A 19 -17.88 54.69 63.25
CA ALA A 19 -16.51 55.15 63.37
C ALA A 19 -15.80 55.01 62.02
N ASP A 20 -14.62 55.64 61.93
CA ASP A 20 -13.85 55.66 60.69
C ASP A 20 -12.52 54.92 60.84
N GLN A 21 -11.67 55.31 61.80
CA GLN A 21 -10.36 54.67 61.95
C GLN A 21 -9.99 54.32 63.37
N TYR A 22 -10.60 54.94 64.39
CA TYR A 22 -10.11 54.78 65.76
C TYR A 22 -10.20 53.34 66.23
N PHE A 23 -11.32 52.66 65.92
CA PHE A 23 -11.57 51.32 66.44
C PHE A 23 -10.71 50.30 65.67
N GLY A 24 -9.42 50.30 66.00
CA GLY A 24 -8.50 49.32 65.49
C GLY A 24 -7.98 48.42 66.59
N ARG A 25 -7.92 48.96 67.81
CA ARG A 25 -7.52 48.21 68.99
C ARG A 25 -8.71 47.62 69.73
N LYS A 26 -9.91 47.72 69.17
CA LYS A 26 -11.11 47.15 69.77
C LYS A 26 -11.39 45.74 69.27
N LEU A 27 -11.27 45.52 67.96
CA LEU A 27 -11.70 44.26 67.38
C LEU A 27 -10.88 43.08 67.92
N SER A 28 -9.58 43.09 67.66
CA SER A 28 -8.75 41.94 67.99
C SER A 28 -8.36 41.91 69.47
N PRO A 29 -7.89 43.02 70.05
CA PRO A 29 -7.45 42.97 71.45
C PRO A 29 -8.54 42.56 72.42
N GLU A 30 -9.81 42.78 72.10
CA GLU A 30 -10.90 42.35 72.96
C GLU A 30 -10.92 40.84 73.13
N ASP A 31 -10.29 40.10 72.21
CA ASP A 31 -10.13 38.66 72.29
C ASP A 31 -11.38 37.93 72.74
N VAL A 32 -12.55 38.46 72.38
CA VAL A 32 -13.82 37.77 72.61
C VAL A 32 -13.87 37.29 74.05
N ALA A 33 -13.99 38.23 74.99
CA ALA A 33 -13.87 37.93 76.42
C ALA A 33 -15.14 37.27 76.97
N ASN A 34 -15.53 36.17 76.32
CA ASN A 34 -16.65 35.37 76.80
C ASN A 34 -16.31 33.89 76.79
N ALA A 35 -15.40 33.48 75.91
CA ALA A 35 -15.02 32.09 75.66
C ALA A 35 -16.13 31.29 75.01
N CYS A 36 -17.30 31.89 74.76
CA CYS A 36 -18.38 31.21 74.07
C CYS A 36 -19.10 32.12 73.10
N GLU A 37 -18.59 33.31 72.84
CA GLU A 37 -19.29 34.29 72.01
C GLU A 37 -19.40 33.80 70.57
N ASP A 38 -20.38 34.33 69.86
CA ASP A 38 -20.81 33.93 68.52
C ASP A 38 -21.63 32.65 68.56
N GLY A 39 -21.77 32.02 69.73
CA GLY A 39 -22.62 30.85 69.87
C GLY A 39 -21.84 29.59 70.17
N CYS A 40 -20.74 29.35 69.46
CA CYS A 40 -19.92 28.18 69.72
C CYS A 40 -18.50 28.37 69.20
N PRO A 41 -17.50 28.46 70.08
CA PRO A 41 -16.11 28.40 69.62
C PRO A 41 -15.55 26.98 69.75
N GLU A 42 -14.33 26.82 69.23
CA GLU A 42 -13.62 25.55 69.31
C GLU A 42 -12.19 25.74 69.84
N GLY A 43 -11.91 26.87 70.49
CA GLY A 43 -10.58 27.16 70.97
C GLY A 43 -9.97 28.39 70.32
N CYS A 44 -10.83 29.30 69.87
CA CYS A 44 -10.37 30.52 69.23
C CYS A 44 -10.05 31.58 70.29
N THR A 45 -9.16 32.50 69.91
CA THR A 45 -8.69 33.54 70.82
C THR A 45 -9.34 34.89 70.56
N SER A 46 -9.37 35.34 69.30
CA SER A 46 -9.86 36.67 68.97
C SER A 46 -10.63 36.59 67.66
N PHE A 47 -10.98 37.76 67.12
CA PHE A 47 -11.63 37.79 65.81
C PHE A 47 -10.71 37.26 64.72
N ARG A 48 -9.42 37.62 64.79
CA ARG A 48 -8.48 37.16 63.76
C ARG A 48 -8.35 35.64 63.77
N GLU A 49 -8.51 35.02 64.94
CA GLU A 49 -8.45 33.57 65.06
C GLU A 49 -9.81 32.91 64.87
N LEU A 50 -10.88 33.70 64.68
CA LEU A 50 -12.21 33.17 64.44
C LEU A 50 -12.54 33.07 62.95
N CYS A 51 -12.12 34.06 62.16
CA CYS A 51 -12.27 33.95 60.71
C CYS A 51 -11.37 32.84 60.16
N GLN A 52 -10.18 32.67 60.75
CA GLN A 52 -9.22 31.72 60.23
C GLN A 52 -9.77 30.30 60.24
N VAL A 53 -10.35 29.88 61.35
CA VAL A 53 -10.82 28.51 61.47
C VAL A 53 -11.99 28.25 60.52
N GLU A 54 -12.92 29.20 60.42
CA GLU A 54 -14.05 29.03 59.53
C GLU A 54 -13.59 28.96 58.08
N GLU A 55 -12.66 29.84 57.68
CA GLU A 55 -12.15 29.79 56.33
C GLU A 55 -11.45 28.47 56.05
N SER A 56 -10.65 27.98 57.00
CA SER A 56 -9.96 26.71 56.81
C SER A 56 -10.96 25.57 56.65
N ALA A 57 -12.01 25.55 57.48
CA ALA A 57 -13.00 24.50 57.38
C ALA A 57 -13.72 24.53 56.04
N ALA A 58 -14.11 25.73 55.60
CA ALA A 58 -14.80 25.84 54.31
C ALA A 58 -13.91 25.40 53.17
N LEU A 59 -12.64 25.81 53.19
CA LEU A 59 -11.73 25.43 52.12
C LEU A 59 -11.46 23.93 52.13
N PHE A 60 -11.36 23.33 53.32
CA PHE A 60 -11.18 21.89 53.41
C PHE A 60 -12.39 21.15 52.86
N GLU A 61 -13.59 21.64 53.16
CA GLU A 61 -14.78 21.03 52.59
C GLU A 61 -14.78 21.14 51.07
N LEU A 62 -14.38 22.29 50.54
CA LEU A 62 -14.27 22.45 49.10
C LEU A 62 -13.27 21.46 48.51
N VAL A 63 -12.13 21.29 49.17
CA VAL A 63 -11.13 20.35 48.68
C VAL A 63 -11.68 18.94 48.69
N GLN A 64 -12.38 18.56 49.76
CA GLN A 64 -12.98 17.24 49.83
C GLN A 64 -14.03 17.04 48.74
N ASP A 65 -14.72 18.11 48.35
CA ASP A 65 -15.72 17.99 47.29
C ASP A 65 -15.07 17.57 45.97
N MET A 66 -13.91 18.13 45.65
CA MET A 66 -13.22 17.86 44.39
C MET A 66 -12.28 16.65 44.48
N GLN A 67 -12.40 15.84 45.53
CA GLN A 67 -11.44 14.76 45.72
C GLN A 67 -11.51 13.73 44.59
N GLU A 68 -12.72 13.36 44.18
CA GLU A 68 -12.91 12.36 43.14
C GLU A 68 -14.15 12.71 42.34
N ASN A 69 -14.21 12.17 41.12
CA ASN A 69 -15.31 12.45 40.20
C ASN A 69 -15.42 13.96 39.96
N VAL A 70 -14.35 14.48 39.36
CA VAL A 70 -14.17 15.92 39.19
C VAL A 70 -15.44 16.55 38.64
N ASN A 71 -15.95 17.56 39.34
CA ASN A 71 -17.12 18.32 38.94
C ASN A 71 -16.70 19.79 38.89
N MET A 72 -16.20 20.20 37.72
CA MET A 72 -15.60 21.52 37.60
C MET A 72 -16.60 22.63 37.93
N GLU A 73 -17.77 22.61 37.29
CA GLU A 73 -18.71 23.70 37.45
C GLU A 73 -19.23 23.78 38.88
N ARG A 74 -19.61 22.64 39.47
CA ARG A 74 -20.25 22.67 40.77
C ARG A 74 -19.33 23.22 41.85
N VAL A 75 -18.03 22.97 41.73
CA VAL A 75 -17.09 23.44 42.75
C VAL A 75 -16.57 24.83 42.45
N VAL A 76 -16.36 25.18 41.18
CA VAL A 76 -15.97 26.55 40.85
C VAL A 76 -17.09 27.52 41.21
N PHE A 77 -18.35 27.08 41.09
CA PHE A 77 -19.45 27.94 41.51
C PHE A 77 -19.37 28.24 43.00
N LYS A 78 -19.07 27.24 43.82
CA LYS A 78 -18.94 27.48 45.25
C LYS A 78 -17.71 28.33 45.57
N ILE A 79 -16.62 28.13 44.82
CA ILE A 79 -15.43 28.95 45.03
C ILE A 79 -15.73 30.42 44.74
N LEU A 80 -16.43 30.69 43.64
CA LEU A 80 -16.79 32.05 43.29
C LEU A 80 -17.87 32.62 44.19
N ARG A 81 -18.70 31.77 44.80
CA ARG A 81 -19.80 32.26 45.61
C ARG A 81 -19.28 33.07 46.80
N ARG A 82 -18.26 32.58 47.49
CA ARG A 82 -17.71 33.27 48.64
C ARG A 82 -16.45 34.06 48.32
N LEU A 83 -15.97 34.01 47.07
CA LEU A 83 -14.90 34.91 46.67
C LEU A 83 -15.44 36.30 46.36
N CYS A 84 -16.68 36.40 45.89
CA CYS A 84 -17.26 37.69 45.59
C CYS A 84 -17.36 38.53 46.86
N SER A 85 -17.81 37.93 47.96
CA SER A 85 -18.05 38.67 49.19
C SER A 85 -16.75 39.24 49.75
N ILE A 86 -15.66 38.47 49.71
CA ILE A 86 -14.39 38.98 50.18
C ILE A 86 -13.97 40.21 49.39
N LEU A 87 -14.32 40.26 48.11
CA LEU A 87 -14.02 41.40 47.26
C LEU A 87 -15.13 42.43 47.22
N HIS A 88 -16.28 42.16 47.83
CA HIS A 88 -17.45 43.03 47.79
C HIS A 88 -17.99 43.18 46.37
N ALA A 89 -17.61 42.28 45.47
CA ALA A 89 -18.06 42.37 44.08
C ALA A 89 -19.53 42.02 43.96
N ASP A 90 -20.23 42.71 43.06
CA ASP A 90 -21.64 42.43 42.83
C ASP A 90 -21.83 41.04 42.22
N ARG A 91 -21.09 40.75 41.15
CA ARG A 91 -21.22 39.50 40.42
C ARG A 91 -19.84 38.96 40.09
N CYS A 92 -19.76 37.64 39.91
CA CYS A 92 -18.53 36.99 39.48
C CYS A 92 -18.90 36.00 38.38
N SER A 93 -18.05 35.89 37.36
CA SER A 93 -18.38 35.07 36.21
C SER A 93 -17.13 34.44 35.63
N LEU A 94 -17.22 33.13 35.34
CA LEU A 94 -16.16 32.40 34.66
C LEU A 94 -16.37 32.46 33.16
N PHE A 95 -15.28 32.63 32.43
CA PHE A 95 -15.29 32.71 30.96
C PHE A 95 -14.34 31.65 30.41
N MET A 96 -14.90 30.55 29.94
CA MET A 96 -14.08 29.48 29.37
C MET A 96 -13.39 29.96 28.09
N TYR A 97 -12.32 29.27 27.73
CA TYR A 97 -11.49 29.61 26.58
C TYR A 97 -11.37 28.41 25.67
N ARG A 98 -11.49 28.64 24.36
CA ARG A 98 -11.33 27.57 23.38
C ARG A 98 -10.80 28.17 22.09
N GLN A 99 -10.40 27.29 21.17
CA GLN A 99 -9.83 27.68 19.90
C GLN A 99 -10.59 27.02 18.77
N ARG A 100 -10.82 27.77 17.68
CA ARG A 100 -11.44 27.23 16.49
C ARG A 100 -10.80 27.82 15.25
N ASN A 101 -10.47 26.95 14.31
CA ASN A 101 -9.91 27.31 13.00
C ASN A 101 -8.93 28.48 13.13
N GLY A 102 -8.05 28.37 14.12
CA GLY A 102 -6.94 29.28 14.27
C GLY A 102 -7.19 30.48 15.18
N VAL A 103 -8.46 30.81 15.44
CA VAL A 103 -8.81 31.98 16.23
C VAL A 103 -9.43 31.52 17.54
N ALA A 104 -8.97 32.10 18.65
CA ALA A 104 -9.48 31.75 19.96
C ALA A 104 -10.86 32.35 20.18
N GLU A 105 -11.58 31.78 21.16
CA GLU A 105 -12.94 32.21 21.46
C GLU A 105 -13.20 31.94 22.93
N LEU A 106 -13.78 32.92 23.62
CA LEU A 106 -14.03 32.85 25.06
C LEU A 106 -15.53 32.72 25.31
N ALA A 107 -15.99 31.49 25.53
CA ALA A 107 -17.40 31.24 25.78
C ALA A 107 -17.78 31.63 27.22
N THR A 108 -19.08 31.64 27.48
CA THR A 108 -19.65 32.07 28.76
C THR A 108 -20.23 30.86 29.47
N ARG A 109 -19.45 30.25 30.37
CA ARG A 109 -19.90 29.03 31.04
C ARG A 109 -20.69 29.36 32.31
N LEU A 110 -20.08 30.06 33.25
CA LEU A 110 -20.73 30.48 34.49
C LEU A 110 -20.85 32.00 34.48
N PHE A 111 -22.06 32.51 34.72
CA PHE A 111 -22.35 33.93 34.59
C PHE A 111 -23.16 34.42 35.78
N SER A 112 -22.80 35.60 36.27
CA SER A 112 -23.51 36.28 37.35
C SER A 112 -23.67 35.35 38.56
N VAL A 113 -22.54 35.01 39.17
CA VAL A 113 -22.51 34.22 40.39
C VAL A 113 -22.58 35.18 41.58
N GLN A 114 -23.57 34.98 42.45
CA GLN A 114 -23.78 35.80 43.62
C GLN A 114 -23.90 34.91 44.86
N PRO A 115 -23.66 35.45 46.05
CA PRO A 115 -23.69 34.62 47.26
C PRO A 115 -25.06 34.02 47.55
N ASP A 116 -26.13 34.53 46.95
CA ASP A 116 -27.50 34.07 47.21
C ASP A 116 -28.12 33.44 45.97
N SER A 117 -27.34 32.62 45.26
CA SER A 117 -27.80 31.98 44.03
C SER A 117 -27.49 30.49 44.07
N VAL A 118 -28.39 29.69 43.49
CA VAL A 118 -28.17 28.26 43.33
C VAL A 118 -27.35 28.03 42.06
N LEU A 119 -26.85 26.81 41.89
CA LEU A 119 -25.98 26.52 40.74
C LEU A 119 -26.72 26.73 39.42
N GLU A 120 -27.95 26.23 39.32
CA GLU A 120 -28.67 26.28 38.04
C GLU A 120 -29.04 27.70 37.65
N ASP A 121 -29.03 28.65 38.59
CA ASP A 121 -29.38 30.03 38.26
C ASP A 121 -28.24 30.73 37.51
N CYS A 122 -27.00 30.28 37.69
CA CYS A 122 -25.84 30.92 37.08
C CYS A 122 -25.23 30.13 35.93
N LEU A 123 -25.42 28.81 35.89
CA LEU A 123 -24.84 28.02 34.82
C LEU A 123 -25.49 28.37 33.49
N VAL A 124 -24.68 28.44 32.44
CA VAL A 124 -25.12 28.80 31.10
C VAL A 124 -25.05 27.54 30.24
N PRO A 125 -26.15 27.07 29.66
CA PRO A 125 -26.09 25.85 28.85
C PRO A 125 -25.33 26.08 27.55
N PRO A 126 -24.91 25.02 26.87
CA PRO A 126 -24.11 25.22 25.65
C PRO A 126 -24.83 26.01 24.57
N ASP A 127 -26.17 25.98 24.54
CA ASP A 127 -26.94 26.70 23.54
C ASP A 127 -27.32 28.10 24.00
N SER A 128 -26.59 28.67 24.96
CA SER A 128 -26.87 30.03 25.44
C SER A 128 -25.59 30.83 25.68
N GLU A 129 -24.48 30.44 25.04
CA GLU A 129 -23.21 31.10 25.28
C GLU A 129 -23.23 32.52 24.71
N ILE A 130 -22.34 33.35 25.23
CA ILE A 130 -22.05 34.67 24.66
C ILE A 130 -20.55 34.68 24.40
N VAL A 131 -20.15 34.27 23.21
CA VAL A 131 -18.74 34.09 22.87
C VAL A 131 -18.16 35.42 22.40
N PHE A 132 -16.90 35.65 22.76
CA PHE A 132 -16.21 36.88 22.40
C PHE A 132 -14.97 36.56 21.57
N PRO A 133 -14.63 37.39 20.58
CA PRO A 133 -13.43 37.12 19.77
C PRO A 133 -12.15 37.53 20.46
N LEU A 134 -11.03 37.47 19.74
CA LEU A 134 -9.72 37.67 20.35
C LEU A 134 -9.62 39.05 21.02
N ASP A 135 -10.03 40.10 20.32
CA ASP A 135 -9.72 41.46 20.73
C ASP A 135 -10.90 42.20 21.35
N ILE A 136 -12.13 41.90 20.95
CA ILE A 136 -13.28 42.67 21.38
C ILE A 136 -13.40 42.59 22.89
N GLY A 137 -13.17 43.72 23.57
CA GLY A 137 -13.41 43.83 24.99
C GLY A 137 -12.20 43.44 25.84
N VAL A 138 -12.31 43.78 27.12
CA VAL A 138 -11.25 43.46 28.07
C VAL A 138 -11.14 41.95 28.26
N VAL A 139 -12.25 41.23 28.13
CA VAL A 139 -12.21 39.77 28.28
C VAL A 139 -11.27 39.16 27.25
N GLY A 140 -11.15 39.77 26.08
CA GLY A 140 -10.24 39.28 25.06
C GLY A 140 -8.88 39.93 25.15
N HIS A 141 -8.83 41.17 25.61
CA HIS A 141 -7.54 41.82 25.83
C HIS A 141 -6.71 41.08 26.87
N VAL A 142 -7.37 40.60 27.92
CA VAL A 142 -6.68 39.81 28.93
C VAL A 142 -6.17 38.51 28.34
N ALA A 143 -6.98 37.84 27.53
CA ALA A 143 -6.55 36.60 26.90
C ALA A 143 -5.32 36.83 26.03
N GLN A 144 -5.32 37.91 25.25
CA GLN A 144 -4.14 38.24 24.45
C GLN A 144 -2.95 38.55 25.35
N THR A 145 -3.17 39.30 26.42
CA THR A 145 -2.07 39.71 27.30
C THR A 145 -1.65 38.61 28.27
N LYS A 146 -2.60 37.77 28.69
CA LYS A 146 -2.32 36.75 29.71
C LYS A 146 -1.84 37.37 31.01
N LYS A 147 -2.47 38.48 31.41
CA LYS A 147 -2.09 39.18 32.63
C LYS A 147 -3.33 39.77 33.27
N MET A 148 -3.15 40.33 34.47
CA MET A 148 -4.21 41.03 35.17
C MET A 148 -4.43 42.41 34.56
N VAL A 149 -5.70 42.84 34.58
CA VAL A 149 -6.07 44.21 34.25
C VAL A 149 -7.09 44.69 35.27
N ASN A 150 -6.90 45.91 35.76
CA ASN A 150 -7.86 46.55 36.66
C ASN A 150 -8.25 47.89 36.06
N VAL A 151 -9.55 48.09 35.85
CA VAL A 151 -10.06 49.29 35.21
C VAL A 151 -10.91 50.02 36.24
N GLN A 152 -10.46 51.22 36.64
CA GLN A 152 -11.20 51.98 37.63
C GLN A 152 -12.54 52.44 37.09
N ASP A 153 -12.54 53.01 35.89
CA ASP A 153 -13.77 53.40 35.19
C ASP A 153 -13.72 52.85 33.77
N VAL A 154 -14.80 52.18 33.37
CA VAL A 154 -14.77 51.44 32.11
C VAL A 154 -14.98 52.33 30.89
N MET A 155 -15.42 53.59 31.08
CA MET A 155 -15.56 54.49 29.95
C MET A 155 -14.20 54.94 29.43
N GLU A 156 -13.19 54.98 30.30
CA GLU A 156 -11.90 55.56 29.92
C GLU A 156 -11.09 54.63 29.01
N CYS A 157 -11.10 53.33 29.27
CA CYS A 157 -10.22 52.43 28.54
C CYS A 157 -10.60 52.41 27.06
N PRO A 158 -9.62 52.44 26.15
CA PRO A 158 -9.98 52.52 24.71
C PRO A 158 -10.78 51.33 24.22
N HIS A 159 -10.51 50.13 24.72
CA HIS A 159 -11.14 48.90 24.23
C HIS A 159 -12.10 48.38 25.30
N PHE A 160 -13.39 48.35 24.95
CA PHE A 160 -14.43 47.86 25.84
C PHE A 160 -15.72 47.67 25.05
N SER A 161 -16.35 46.52 25.19
CA SER A 161 -17.53 46.17 24.42
C SER A 161 -18.80 46.37 25.26
N SER A 162 -19.89 46.71 24.57
CA SER A 162 -21.19 46.88 25.21
C SER A 162 -22.18 45.81 24.76
N PHE A 163 -21.73 44.80 24.03
CA PHE A 163 -22.64 43.75 23.57
C PHE A 163 -23.16 42.90 24.72
N ALA A 164 -22.44 42.83 25.84
CA ALA A 164 -22.92 42.16 27.04
C ALA A 164 -23.64 43.12 27.97
N ASP A 165 -23.86 44.36 27.54
CA ASP A 165 -24.55 45.37 28.31
C ASP A 165 -26.02 45.51 27.92
N GLU A 166 -26.30 45.55 26.62
CA GLU A 166 -27.67 45.79 26.17
C GLU A 166 -28.54 44.55 26.38
N LEU A 167 -28.02 43.35 26.13
CA LEU A 167 -28.80 42.15 26.37
C LEU A 167 -29.12 41.99 27.85
N THR A 168 -28.13 42.18 28.72
CA THR A 168 -28.31 41.92 30.14
C THR A 168 -29.12 42.99 30.86
N ASP A 169 -29.31 44.15 30.23
CA ASP A 169 -29.92 45.30 30.89
C ASP A 169 -29.08 45.75 32.08
N TYR A 170 -27.78 45.49 32.01
CA TYR A 170 -26.84 45.73 33.10
C TYR A 170 -25.88 46.85 32.73
N VAL A 171 -25.33 47.49 33.76
CA VAL A 171 -24.35 48.56 33.60
C VAL A 171 -23.17 48.24 34.50
N THR A 172 -21.96 48.30 33.94
CA THR A 172 -20.74 47.98 34.65
C THR A 172 -19.86 49.23 34.75
N ARG A 173 -19.21 49.39 35.90
CA ARG A 173 -18.39 50.56 36.16
C ARG A 173 -17.06 50.26 36.84
N ASN A 174 -16.79 49.00 37.20
CA ASN A 174 -15.55 48.67 37.90
C ASN A 174 -15.27 47.18 37.70
N ILE A 175 -14.21 46.85 36.96
CA ILE A 175 -13.91 45.47 36.59
C ILE A 175 -12.62 45.02 37.25
N LEU A 176 -12.45 43.70 37.34
CA LEU A 176 -11.23 43.11 37.89
C LEU A 176 -11.13 41.68 37.36
N ALA A 177 -10.17 41.42 36.47
CA ALA A 177 -10.10 40.17 35.74
C ALA A 177 -8.67 39.64 35.71
N THR A 178 -8.54 38.31 35.76
CA THR A 178 -7.28 37.63 35.55
C THR A 178 -7.54 36.34 34.76
N PRO A 179 -6.56 35.90 33.97
CA PRO A 179 -6.73 34.63 33.26
C PRO A 179 -6.16 33.45 34.02
N ILE A 180 -6.81 32.30 33.85
CA ILE A 180 -6.35 31.04 34.42
C ILE A 180 -5.42 30.39 33.41
N MET A 181 -4.16 30.18 33.80
CA MET A 181 -3.13 29.68 32.90
C MET A 181 -2.63 28.33 33.37
N ASN A 182 -2.48 27.42 32.42
CA ASN A 182 -1.87 26.11 32.64
C ASN A 182 -0.56 26.11 31.87
N GLY A 183 0.50 26.61 32.52
CA GLY A 183 1.77 26.80 31.83
C GLY A 183 1.74 28.05 30.98
N LYS A 184 1.66 27.87 29.66
CA LYS A 184 1.56 28.99 28.73
C LYS A 184 0.22 29.03 28.01
N ASP A 185 -0.68 28.07 28.27
CA ASP A 185 -1.97 28.00 27.61
C ASP A 185 -3.04 28.49 28.57
N VAL A 186 -3.66 29.62 28.25
CA VAL A 186 -4.73 30.16 29.08
C VAL A 186 -5.93 29.22 29.02
N VAL A 187 -6.51 28.93 30.18
CA VAL A 187 -7.62 28.00 30.28
C VAL A 187 -8.96 28.73 30.37
N ALA A 188 -9.01 29.81 31.14
CA ALA A 188 -10.24 30.58 31.30
C ALA A 188 -9.88 31.95 31.85
N VAL A 189 -10.90 32.77 32.10
CA VAL A 189 -10.72 34.09 32.69
C VAL A 189 -11.90 34.37 33.60
N ILE A 190 -11.62 34.86 34.81
CA ILE A 190 -12.64 35.19 35.80
C ILE A 190 -12.53 36.67 36.12
N MET A 191 -13.67 37.36 36.12
CA MET A 191 -13.69 38.82 36.22
C MET A 191 -14.81 39.26 37.17
N ALA A 192 -14.43 39.89 38.28
CA ALA A 192 -15.40 40.59 39.11
C ALA A 192 -15.79 41.89 38.42
N VAL A 193 -17.09 42.24 38.51
CA VAL A 193 -17.66 43.29 37.67
C VAL A 193 -18.07 44.52 38.46
N ASN A 194 -17.84 44.53 39.78
CA ASN A 194 -18.22 45.68 40.58
C ASN A 194 -17.41 45.72 41.87
N LYS A 195 -17.45 46.88 42.52
CA LYS A 195 -16.75 47.10 43.79
C LYS A 195 -17.68 47.46 44.93
N LEU A 196 -18.86 48.00 44.65
CA LEU A 196 -19.84 48.38 45.68
C LEU A 196 -19.27 49.46 46.61
N ASP A 197 -18.75 49.06 47.77
CA ASP A 197 -18.29 50.00 48.78
C ASP A 197 -16.84 50.40 48.51
N GLY A 198 -16.65 51.04 47.37
CA GLY A 198 -15.35 51.50 46.96
C GLY A 198 -15.32 51.89 45.50
N PRO A 199 -14.57 52.94 45.15
CA PRO A 199 -14.62 53.43 43.77
C PRO A 199 -13.66 52.75 42.81
N CYS A 200 -12.52 52.25 43.31
CA CYS A 200 -11.43 51.89 42.41
C CYS A 200 -10.71 50.61 42.82
N PHE A 201 -11.39 49.65 43.44
CA PHE A 201 -10.79 48.36 43.78
C PHE A 201 -9.44 48.53 44.50
N THR A 202 -9.54 49.05 45.73
CA THR A 202 -8.37 49.17 46.59
C THR A 202 -7.44 47.97 46.39
N SER A 203 -6.16 48.26 46.19
CA SER A 203 -5.22 47.22 45.76
C SER A 203 -5.12 46.07 46.75
N GLU A 204 -5.53 46.29 48.00
CA GLU A 204 -5.50 45.20 48.98
C GLU A 204 -6.36 44.02 48.51
N ASP A 205 -7.42 44.29 47.75
CA ASP A 205 -8.25 43.22 47.22
C ASP A 205 -7.60 42.50 46.04
N GLU A 206 -6.78 43.21 45.27
CA GLU A 206 -6.16 42.61 44.09
C GLU A 206 -5.25 41.44 44.46
N ASP A 207 -4.43 41.62 45.51
CA ASP A 207 -3.51 40.56 45.90
C ASP A 207 -4.26 39.32 46.37
N VAL A 208 -5.30 39.51 47.20
CA VAL A 208 -6.05 38.36 47.69
C VAL A 208 -6.80 37.68 46.55
N PHE A 209 -7.28 38.47 45.57
CA PHE A 209 -7.93 37.86 44.41
C PHE A 209 -6.95 37.03 43.61
N LEU A 210 -5.72 37.52 43.46
CA LEU A 210 -4.67 36.72 42.82
C LEU A 210 -4.30 35.49 43.65
N LYS A 211 -4.51 35.53 44.96
CA LYS A 211 -4.10 34.43 45.83
C LYS A 211 -5.25 33.49 46.18
N TYR A 212 -6.42 34.02 46.55
CA TYR A 212 -7.55 33.15 46.87
C TYR A 212 -7.97 32.32 45.66
N LEU A 213 -7.76 32.84 44.46
CA LEU A 213 -8.07 32.12 43.23
C LEU A 213 -6.91 31.26 42.74
N ASN A 214 -5.79 31.24 43.48
CA ASN A 214 -4.63 30.48 43.03
C ASN A 214 -4.85 28.98 43.18
N PHE A 215 -5.41 28.55 44.31
CA PHE A 215 -5.71 27.14 44.50
C PHE A 215 -7.04 26.72 43.89
N GLY A 216 -7.86 27.68 43.44
CA GLY A 216 -8.98 27.35 42.59
C GLY A 216 -8.58 27.08 41.15
N THR A 217 -7.41 27.57 40.74
CA THR A 217 -6.88 27.24 39.43
C THR A 217 -6.48 25.77 39.35
N LEU A 218 -6.09 25.17 40.49
CA LEU A 218 -5.61 23.80 40.48
C LEU A 218 -6.65 22.84 39.93
N ASN A 219 -7.94 23.16 40.09
CA ASN A 219 -8.99 22.27 39.61
C ASN A 219 -9.34 22.50 38.15
N LEU A 220 -9.26 23.75 37.67
CA LEU A 220 -9.49 24.01 36.26
C LEU A 220 -8.47 23.27 35.40
N LYS A 221 -7.20 23.29 35.82
CA LYS A 221 -6.17 22.61 35.05
C LYS A 221 -6.34 21.10 35.13
N ILE A 222 -6.87 20.58 36.23
CA ILE A 222 -7.15 19.14 36.31
C ILE A 222 -8.19 18.76 35.27
N TYR A 223 -9.27 19.54 35.18
CA TYR A 223 -10.30 19.28 34.19
C TYR A 223 -9.74 19.38 32.77
N HIS A 224 -8.96 20.42 32.50
CA HIS A 224 -8.37 20.58 31.18
C HIS A 224 -7.45 19.42 30.84
N LEU A 225 -6.63 18.98 31.80
CA LEU A 225 -5.70 17.89 31.56
C LEU A 225 -6.44 16.59 31.29
N SER A 226 -7.52 16.33 32.05
CA SER A 226 -8.30 15.13 31.81
C SER A 226 -8.94 15.16 30.42
N TYR A 227 -9.48 16.32 30.03
CA TYR A 227 -10.08 16.44 28.71
C TYR A 227 -9.05 16.20 27.61
N LEU A 228 -7.87 16.80 27.74
CA LEU A 228 -6.82 16.59 26.74
C LEU A 228 -6.39 15.13 26.69
N HIS A 229 -6.26 14.50 27.85
CA HIS A 229 -5.89 13.10 27.89
C HIS A 229 -6.91 12.24 27.16
N ASN A 230 -8.20 12.49 27.40
CA ASN A 230 -9.23 11.72 26.71
C ASN A 230 -9.17 11.95 25.21
N CYS A 231 -9.01 13.20 24.79
CA CYS A 231 -8.97 13.51 23.36
C CYS A 231 -7.79 12.81 22.69
N GLU A 232 -6.62 12.84 23.32
CA GLU A 232 -5.44 12.23 22.71
C GLU A 232 -5.54 10.70 22.72
N THR A 233 -6.15 10.12 23.76
CA THR A 233 -6.38 8.68 23.73
C THR A 233 -7.30 8.30 22.57
N ARG A 234 -8.36 9.09 22.36
CA ARG A 234 -9.24 8.84 21.22
C ARG A 234 -8.48 8.95 19.90
N ARG A 235 -7.64 9.97 19.76
CA ARG A 235 -6.87 10.13 18.53
C ARG A 235 -5.97 8.93 18.30
N GLY A 236 -5.27 8.48 19.34
CA GLY A 236 -4.43 7.31 19.20
C GLY A 236 -5.21 6.08 18.79
N GLN A 237 -6.37 5.85 19.41
CA GLN A 237 -7.16 4.68 19.08
C GLN A 237 -7.64 4.73 17.63
N VAL A 238 -8.13 5.89 17.18
CA VAL A 238 -8.63 5.97 15.81
C VAL A 238 -7.49 5.79 14.81
N LEU A 239 -6.33 6.39 15.08
CA LEU A 239 -5.20 6.22 14.18
C LEU A 239 -4.78 4.76 14.11
N LEU A 240 -4.74 4.07 15.26
CA LEU A 240 -4.33 2.68 15.27
C LEU A 240 -5.32 1.81 14.50
N TRP A 241 -6.62 2.03 14.69
CA TRP A 241 -7.61 1.25 13.96
C TRP A 241 -7.54 1.52 12.47
N SER A 242 -7.36 2.78 12.08
CA SER A 242 -7.24 3.11 10.66
C SER A 242 -6.02 2.44 10.05
N ALA A 243 -4.88 2.47 10.75
CA ALA A 243 -3.70 1.78 10.24
C ALA A 243 -3.92 0.28 10.18
N ASN A 244 -4.72 -0.26 11.12
CA ASN A 244 -5.04 -1.69 11.08
C ASN A 244 -5.78 -2.04 9.81
N LYS A 245 -6.84 -1.32 9.49
CA LYS A 245 -7.72 -1.72 8.40
C LYS A 245 -7.34 -1.12 7.05
N VAL A 246 -6.34 -0.23 6.99
CA VAL A 246 -5.79 0.15 5.70
C VAL A 246 -4.96 -0.97 5.11
N PHE A 247 -4.21 -1.68 5.95
CA PHE A 247 -3.23 -2.67 5.50
C PHE A 247 -3.80 -4.08 5.42
N GLU A 248 -5.11 -4.25 5.62
CA GLU A 248 -5.70 -5.58 5.52
C GLU A 248 -5.51 -6.16 4.13
N GLU A 249 -5.82 -5.38 3.10
CA GLU A 249 -5.67 -5.84 1.72
C GLU A 249 -5.76 -4.63 0.81
N LEU A 250 -5.34 -4.83 -0.44
CA LEU A 250 -5.42 -3.78 -1.46
C LEU A 250 -6.82 -3.76 -2.06
N THR A 251 -7.55 -2.66 -1.85
CA THR A 251 -8.90 -2.50 -2.34
C THR A 251 -9.05 -1.10 -2.95
N ASP A 252 -10.13 -0.92 -3.71
CA ASP A 252 -10.37 0.37 -4.34
C ASP A 252 -10.63 1.44 -3.28
N ILE A 253 -10.69 2.69 -3.73
CA ILE A 253 -10.81 3.81 -2.80
C ILE A 253 -12.12 3.74 -2.03
N GLU A 254 -13.22 3.42 -2.72
CA GLU A 254 -14.52 3.44 -2.05
C GLU A 254 -14.55 2.47 -0.87
N ARG A 255 -14.18 1.21 -1.12
CA ARG A 255 -14.27 0.21 -0.06
C ARG A 255 -13.29 0.50 1.07
N GLN A 256 -12.07 0.92 0.73
CA GLN A 256 -11.08 1.22 1.76
C GLN A 256 -11.55 2.36 2.66
N PHE A 257 -12.00 3.45 2.05
CA PHE A 257 -12.47 4.59 2.84
C PHE A 257 -13.68 4.21 3.68
N HIS A 258 -14.63 3.46 3.09
CA HIS A 258 -15.81 3.07 3.85
C HIS A 258 -15.45 2.20 5.04
N LYS A 259 -14.54 1.24 4.84
CA LYS A 259 -14.10 0.39 5.94
C LYS A 259 -13.45 1.21 7.04
N ALA A 260 -12.51 2.08 6.66
CA ALA A 260 -11.77 2.85 7.66
C ALA A 260 -12.68 3.84 8.39
N PHE A 261 -13.75 4.29 7.75
CA PHE A 261 -14.65 5.23 8.41
C PHE A 261 -15.64 4.51 9.30
N TYR A 262 -16.22 3.40 8.83
CA TYR A 262 -17.17 2.65 9.63
C TYR A 262 -16.51 2.03 10.86
N THR A 263 -15.26 1.58 10.72
CA THR A 263 -14.62 0.86 11.81
C THR A 263 -14.44 1.75 13.03
N VAL A 264 -14.27 3.05 12.84
CA VAL A 264 -14.09 4.00 13.93
C VAL A 264 -15.25 4.98 13.86
N ARG A 265 -16.32 4.68 14.59
CA ARG A 265 -17.46 5.56 14.71
C ARG A 265 -17.90 5.82 16.14
N ALA A 266 -17.51 4.97 17.10
CA ALA A 266 -17.80 5.22 18.50
C ALA A 266 -16.79 6.15 19.16
N TYR A 267 -15.70 6.47 18.48
CA TYR A 267 -14.68 7.38 19.01
C TYR A 267 -14.89 8.82 18.58
N LEU A 268 -15.52 9.05 17.43
CA LEU A 268 -15.70 10.41 16.94
C LEU A 268 -16.72 11.20 17.76
N ASN A 269 -17.61 10.51 18.48
CA ASN A 269 -18.62 11.17 19.31
C ASN A 269 -19.47 12.13 18.48
N CYS A 270 -19.83 11.72 17.27
CA CYS A 270 -20.69 12.48 16.38
C CYS A 270 -22.04 11.80 16.24
N ASP A 271 -22.96 12.49 15.58
CA ASP A 271 -24.28 11.96 15.27
C ASP A 271 -24.43 11.56 13.81
N ARG A 272 -24.10 12.47 12.89
CA ARG A 272 -24.12 12.18 11.46
C ARG A 272 -22.84 12.73 10.84
N TYR A 273 -22.34 12.01 9.83
CA TYR A 273 -21.24 12.51 9.03
C TYR A 273 -21.23 11.75 7.71
N SER A 274 -20.97 12.48 6.62
CA SER A 274 -21.02 11.92 5.28
C SER A 274 -19.71 12.21 4.55
N VAL A 275 -19.30 11.25 3.73
CA VAL A 275 -18.05 11.33 2.97
C VAL A 275 -18.39 11.38 1.50
N GLY A 276 -17.95 12.45 0.82
CA GLY A 276 -18.18 12.63 -0.60
C GLY A 276 -16.90 12.37 -1.37
N LEU A 277 -17.04 11.77 -2.56
CA LEU A 277 -15.91 11.40 -3.40
C LEU A 277 -15.94 12.25 -4.67
N LEU A 278 -14.79 12.80 -5.03
CA LEU A 278 -14.66 13.66 -6.21
C LEU A 278 -14.20 12.83 -7.41
N ASP A 279 -14.87 13.02 -8.55
CA ASP A 279 -14.44 12.38 -9.78
C ASP A 279 -13.06 12.90 -10.16
N MET A 280 -12.18 11.98 -10.56
CA MET A 280 -10.78 12.29 -10.80
C MET A 280 -10.43 12.37 -12.28
N THR A 281 -11.43 12.46 -13.16
CA THR A 281 -11.18 12.59 -14.59
C THR A 281 -10.55 13.97 -14.83
N LYS A 282 -9.24 13.99 -15.08
CA LYS A 282 -8.53 15.25 -15.24
C LYS A 282 -8.69 15.81 -16.65
N GLU A 283 -8.23 15.08 -17.65
CA GLU A 283 -8.25 15.51 -19.03
C GLU A 283 -9.30 14.72 -19.81
N LYS A 284 -10.17 15.44 -20.53
CA LYS A 284 -11.21 14.80 -21.30
C LYS A 284 -10.62 14.07 -22.51
N GLU A 285 -11.33 13.04 -22.96
CA GLU A 285 -10.87 12.22 -24.08
C GLU A 285 -11.24 12.89 -25.40
N PHE A 286 -10.61 12.42 -26.47
CA PHE A 286 -10.61 13.17 -27.73
C PHE A 286 -12.04 13.45 -28.21
N PHE A 287 -12.94 12.48 -28.11
CA PHE A 287 -14.30 12.69 -28.61
C PHE A 287 -15.25 13.25 -27.56
N ASP A 288 -14.83 13.32 -26.30
CA ASP A 288 -15.70 13.90 -25.28
C ASP A 288 -15.97 15.38 -25.53
N VAL A 289 -15.01 16.09 -26.11
CA VAL A 289 -15.07 17.54 -26.21
C VAL A 289 -15.34 18.00 -27.64
N TRP A 290 -15.90 17.12 -28.49
CA TRP A 290 -16.33 17.60 -29.80
C TRP A 290 -17.55 18.51 -29.69
N PRO A 291 -18.65 18.11 -29.05
CA PRO A 291 -19.86 18.95 -29.08
C PRO A 291 -19.65 20.34 -28.51
N VAL A 292 -18.79 20.50 -27.50
CA VAL A 292 -18.69 21.77 -26.81
C VAL A 292 -18.31 22.88 -27.78
N LEU A 293 -17.41 22.57 -28.73
CA LEU A 293 -17.03 23.51 -29.77
C LEU A 293 -17.66 23.16 -31.11
N MET A 294 -18.68 22.29 -31.11
CA MET A 294 -19.47 21.95 -32.29
C MET A 294 -20.83 22.63 -32.28
N GLY A 295 -20.92 23.81 -31.67
CA GLY A 295 -22.19 24.52 -31.63
C GLY A 295 -23.27 23.83 -30.82
N GLU A 296 -22.91 23.22 -29.70
CA GLU A 296 -23.88 22.58 -28.82
C GLU A 296 -23.15 22.19 -27.54
N ALA A 297 -23.88 21.61 -26.59
CA ALA A 297 -23.31 21.09 -25.35
C ALA A 297 -22.45 22.17 -24.65
N GLN A 298 -23.16 23.22 -24.23
CA GLN A 298 -22.50 24.35 -23.58
C GLN A 298 -21.53 23.86 -22.52
N ALA A 299 -20.33 24.46 -22.50
CA ALA A 299 -19.27 24.01 -21.62
C ALA A 299 -19.61 24.26 -20.16
N TYR A 300 -18.90 23.56 -19.29
CA TYR A 300 -19.11 23.71 -17.85
C TYR A 300 -18.76 25.13 -17.41
N SER A 301 -19.51 25.63 -16.44
CA SER A 301 -19.31 26.99 -15.92
C SER A 301 -19.32 27.05 -14.41
N GLY A 302 -19.42 25.92 -13.71
CA GLY A 302 -19.51 25.93 -12.26
C GLY A 302 -18.15 26.00 -11.60
N PRO A 303 -18.10 25.72 -10.30
CA PRO A 303 -16.82 25.81 -9.57
C PRO A 303 -15.88 24.69 -9.97
N ARG A 304 -14.60 24.91 -9.67
CA ARG A 304 -13.54 23.98 -10.04
C ARG A 304 -12.61 23.75 -8.85
N THR A 305 -12.08 22.53 -8.78
CA THR A 305 -11.08 22.21 -7.79
C THR A 305 -9.83 23.06 -8.02
N PRO A 306 -9.12 23.49 -6.98
CA PRO A 306 -7.98 24.39 -7.19
C PRO A 306 -6.93 23.83 -8.14
N ASP A 307 -6.71 22.52 -8.15
CA ASP A 307 -5.74 21.92 -9.06
C ASP A 307 -6.16 22.04 -10.51
N GLY A 308 -7.42 22.37 -10.79
CA GLY A 308 -7.90 22.58 -12.14
C GLY A 308 -8.93 21.58 -12.63
N ARG A 309 -9.39 20.66 -11.79
CA ARG A 309 -10.37 19.67 -12.21
C ARG A 309 -11.79 20.22 -12.04
N GLU A 310 -12.77 19.36 -12.28
CA GLU A 310 -14.18 19.69 -12.14
C GLU A 310 -14.73 19.05 -10.86
N ILE A 311 -15.58 19.80 -10.16
CA ILE A 311 -16.20 19.29 -8.94
C ILE A 311 -17.43 18.47 -9.33
N LEU A 312 -17.41 17.18 -9.00
CA LEU A 312 -18.51 16.29 -9.34
C LEU A 312 -18.49 15.13 -8.34
N PHE A 313 -19.40 15.17 -7.37
CA PHE A 313 -19.53 14.10 -6.39
C PHE A 313 -20.32 12.96 -7.01
N TYR A 314 -19.65 11.83 -7.25
CA TYR A 314 -20.28 10.68 -7.89
C TYR A 314 -20.68 9.59 -6.90
N LYS A 315 -20.23 9.66 -5.65
CA LYS A 315 -20.62 8.69 -4.64
C LYS A 315 -20.47 9.33 -3.27
N VAL A 316 -21.56 9.31 -2.49
CA VAL A 316 -21.59 9.90 -1.16
C VAL A 316 -22.06 8.83 -0.18
N ILE A 317 -21.24 8.54 0.83
CA ILE A 317 -21.57 7.59 1.88
C ILE A 317 -21.83 8.38 3.14
N ASP A 318 -23.02 8.22 3.72
CA ASP A 318 -23.42 8.94 4.92
C ASP A 318 -23.70 7.97 6.05
N TYR A 319 -23.22 8.31 7.24
CA TYR A 319 -23.37 7.48 8.43
C TYR A 319 -24.22 8.22 9.45
N ILE A 320 -25.23 7.54 9.98
CA ILE A 320 -26.14 8.08 10.98
C ILE A 320 -25.93 7.29 12.27
N LEU A 321 -25.58 7.98 13.35
CA LEU A 321 -25.27 7.32 14.61
C LEU A 321 -26.30 7.58 15.71
N HIS A 322 -27.37 8.31 15.43
CA HIS A 322 -28.42 8.56 16.42
C HIS A 322 -29.64 7.73 16.08
N GLY A 323 -30.17 7.01 17.08
CA GLY A 323 -31.28 6.11 16.85
C GLY A 323 -30.84 4.76 16.33
N LYS A 324 -30.48 4.71 15.05
CA LYS A 324 -29.99 3.50 14.43
C LYS A 324 -28.86 3.85 13.47
N GLU A 325 -28.02 2.86 13.18
CA GLU A 325 -26.89 3.10 12.29
C GLU A 325 -27.37 3.51 10.89
N ASP A 326 -28.28 2.74 10.32
CA ASP A 326 -28.91 3.08 9.03
C ASP A 326 -27.86 3.54 8.01
N ILE A 327 -26.79 2.75 7.89
CA ILE A 327 -25.72 3.10 6.97
C ILE A 327 -26.18 2.85 5.54
N LYS A 328 -26.06 3.86 4.69
CA LYS A 328 -26.53 3.79 3.32
C LYS A 328 -25.56 4.50 2.39
N VAL A 329 -25.57 4.09 1.13
CA VAL A 329 -24.68 4.63 0.10
C VAL A 329 -25.53 5.21 -1.02
N ILE A 330 -25.17 6.40 -1.46
CA ILE A 330 -25.84 7.06 -2.59
C ILE A 330 -24.96 6.88 -3.82
N PRO A 331 -25.41 6.19 -4.86
CA PRO A 331 -24.54 5.96 -6.03
C PRO A 331 -24.41 7.15 -6.96
N SER A 332 -25.31 8.13 -6.86
CA SER A 332 -25.24 9.33 -7.67
C SER A 332 -26.08 10.42 -7.00
N PRO A 333 -25.55 11.08 -5.97
CA PRO A 333 -26.38 11.98 -5.18
C PRO A 333 -26.96 13.11 -6.03
N PRO A 334 -28.21 13.50 -5.78
CA PRO A 334 -28.77 14.65 -6.48
C PRO A 334 -28.37 15.96 -5.82
N ALA A 335 -28.72 17.06 -6.47
CA ALA A 335 -28.39 18.38 -5.95
C ALA A 335 -29.13 18.71 -4.66
N ASP A 336 -30.25 18.04 -4.40
CA ASP A 336 -31.05 18.29 -3.20
C ASP A 336 -30.77 17.26 -2.10
N HIS A 337 -29.58 16.68 -2.09
CA HIS A 337 -29.21 15.75 -1.03
C HIS A 337 -29.14 16.47 0.31
N TRP A 338 -29.44 15.72 1.38
CA TRP A 338 -29.47 16.33 2.71
C TRP A 338 -28.10 16.79 3.17
N ALA A 339 -27.03 16.37 2.50
CA ALA A 339 -25.67 16.76 2.86
C ALA A 339 -25.06 17.77 1.91
N LEU A 340 -25.30 17.63 0.60
CA LEU A 340 -24.73 18.53 -0.39
C LEU A 340 -25.57 19.79 -0.62
N ALA A 341 -26.81 19.81 -0.12
CA ALA A 341 -27.66 20.98 -0.33
C ALA A 341 -27.18 22.19 0.45
N SER A 342 -26.44 21.99 1.53
CA SER A 342 -25.96 23.11 2.34
C SER A 342 -24.99 23.99 1.56
N GLY A 343 -24.31 23.44 0.55
CA GLY A 343 -23.35 24.19 -0.22
C GLY A 343 -21.97 24.26 0.39
N LEU A 344 -21.76 23.68 1.57
CA LEU A 344 -20.46 23.67 2.21
C LEU A 344 -19.57 22.60 1.60
N PRO A 345 -20.07 21.38 1.37
CA PRO A 345 -19.21 20.35 0.76
C PRO A 345 -18.65 20.77 -0.59
N THR A 346 -19.41 21.52 -1.39
CA THR A 346 -18.91 22.00 -2.66
C THR A 346 -18.01 23.22 -2.52
N TYR A 347 -17.92 23.80 -1.32
CA TYR A 347 -17.02 24.92 -1.07
C TYR A 347 -15.66 24.47 -0.57
N VAL A 348 -15.60 23.37 0.20
CA VAL A 348 -14.32 22.83 0.60
C VAL A 348 -13.57 22.28 -0.60
N ALA A 349 -14.30 21.81 -1.62
CA ALA A 349 -13.65 21.38 -2.84
C ALA A 349 -13.13 22.57 -3.64
N GLU A 350 -13.82 23.71 -3.57
CA GLU A 350 -13.36 24.91 -4.27
C GLU A 350 -12.02 25.38 -3.74
N SER A 351 -11.80 25.26 -2.44
CA SER A 351 -10.53 25.61 -1.83
C SER A 351 -10.37 24.79 -0.56
N GLY A 352 -9.12 24.45 -0.23
CA GLY A 352 -8.88 23.57 0.89
C GLY A 352 -8.87 24.32 2.21
N PHE A 353 -9.99 24.26 2.91
CA PHE A 353 -10.15 24.92 4.20
C PHE A 353 -10.89 23.99 5.15
N ILE A 354 -10.52 24.05 6.42
CA ILE A 354 -11.20 23.27 7.47
C ILE A 354 -12.30 24.17 8.01
N CYS A 355 -13.48 24.10 7.38
CA CYS A 355 -14.58 24.98 7.74
C CYS A 355 -15.19 24.56 9.06
N ASN A 356 -15.38 25.52 9.95
CA ASN A 356 -16.01 25.30 11.25
C ASN A 356 -17.10 26.34 11.46
N ILE A 357 -18.25 25.90 11.97
CA ILE A 357 -19.44 26.73 12.07
C ILE A 357 -19.93 26.74 13.51
N MET A 358 -20.28 27.93 14.02
CA MET A 358 -20.87 28.04 15.34
C MET A 358 -22.33 27.62 15.34
N ASN A 359 -23.18 28.36 14.63
CA ASN A 359 -24.63 28.18 14.69
C ASN A 359 -25.12 28.00 13.25
N ALA A 360 -25.31 26.73 12.84
CA ALA A 360 -25.71 26.45 11.47
C ALA A 360 -27.01 27.13 11.09
N PRO A 361 -28.07 27.11 11.90
CA PRO A 361 -29.31 27.79 11.49
C PRO A 361 -29.12 29.27 11.23
N ALA A 362 -28.28 29.95 12.02
CA ALA A 362 -28.07 31.38 11.89
C ALA A 362 -26.82 31.67 11.06
N ASP A 363 -26.87 31.25 9.80
CA ASP A 363 -25.78 31.48 8.86
C ASP A 363 -26.35 31.95 7.53
N GLU A 364 -25.60 32.80 6.85
CA GLU A 364 -26.02 33.35 5.57
C GLU A 364 -25.28 32.77 4.36
N MET A 365 -24.00 32.43 4.51
CA MET A 365 -23.23 31.93 3.38
C MET A 365 -23.77 30.58 2.91
N PHE A 366 -24.14 29.70 3.84
CA PHE A 366 -24.61 28.36 3.54
C PHE A 366 -26.07 28.23 3.96
N ASN A 367 -26.86 27.55 3.13
CA ASN A 367 -28.30 27.45 3.34
C ASN A 367 -28.64 26.15 4.09
N PHE A 368 -28.32 26.15 5.38
CA PHE A 368 -28.72 25.05 6.24
C PHE A 368 -30.20 25.12 6.52
N GLN A 369 -30.88 23.97 6.41
CA GLN A 369 -32.30 23.91 6.66
C GLN A 369 -32.60 24.31 8.11
N GLU A 370 -33.58 25.19 8.29
CA GLU A 370 -33.95 25.64 9.63
C GLU A 370 -34.77 24.58 10.36
N GLY A 371 -35.65 23.88 9.64
CA GLY A 371 -36.52 22.89 10.25
C GLY A 371 -35.86 21.53 10.34
N PRO A 372 -36.59 20.54 10.85
CA PRO A 372 -36.03 19.20 10.98
C PRO A 372 -35.93 18.50 9.63
N LEU A 373 -35.35 17.30 9.67
CA LEU A 373 -35.16 16.48 8.48
C LEU A 373 -36.00 15.21 8.47
N ASP A 374 -36.32 14.64 9.63
CA ASP A 374 -36.99 13.36 9.72
C ASP A 374 -38.01 13.42 10.86
N ASP A 375 -38.76 12.34 11.03
CA ASP A 375 -39.75 12.28 12.09
C ASP A 375 -39.10 12.42 13.47
N SER A 376 -37.83 12.02 13.59
CA SER A 376 -37.13 12.15 14.86
C SER A 376 -36.84 13.59 15.24
N GLY A 377 -37.01 14.53 14.32
CA GLY A 377 -36.76 15.93 14.60
C GLY A 377 -35.28 16.24 14.68
N TRP A 378 -34.58 16.09 13.55
CA TRP A 378 -33.14 16.27 13.49
C TRP A 378 -32.82 17.63 12.86
N ILE A 379 -32.13 18.48 13.62
CA ILE A 379 -31.73 19.81 13.15
C ILE A 379 -30.22 19.94 13.36
N VAL A 380 -29.51 20.31 12.29
CA VAL A 380 -28.06 20.47 12.35
C VAL A 380 -27.73 21.76 13.08
N LYS A 381 -26.74 21.70 13.96
CA LYS A 381 -26.31 22.86 14.74
C LYS A 381 -24.83 23.18 14.57
N ASN A 382 -23.97 22.18 14.47
CA ASN A 382 -22.54 22.38 14.32
C ASN A 382 -22.04 21.50 13.17
N VAL A 383 -21.29 22.10 12.25
CA VAL A 383 -20.78 21.41 11.08
C VAL A 383 -19.28 21.64 10.97
N LEU A 384 -18.55 20.61 10.57
CA LEU A 384 -17.11 20.68 10.38
C LEU A 384 -16.73 19.84 9.17
N SER A 385 -16.25 20.48 8.12
CA SER A 385 -15.90 19.82 6.86
C SER A 385 -14.44 20.07 6.54
N MET A 386 -13.76 19.02 6.07
CA MET A 386 -12.34 19.10 5.72
C MET A 386 -12.11 18.24 4.50
N PRO A 387 -11.11 18.57 3.67
CA PRO A 387 -10.83 17.80 2.47
C PRO A 387 -9.87 16.64 2.73
N ILE A 388 -9.77 15.77 1.74
CA ILE A 388 -8.91 14.59 1.78
C ILE A 388 -7.87 14.75 0.67
N VAL A 389 -6.70 15.27 1.02
CA VAL A 389 -5.61 15.46 0.08
C VAL A 389 -4.77 14.19 0.03
N ASN A 390 -4.28 13.84 -1.16
CA ASN A 390 -3.62 12.56 -1.40
C ASN A 390 -2.11 12.71 -1.62
N LYS A 391 -1.48 13.60 -0.84
CA LYS A 391 -0.01 13.74 -0.84
C LYS A 391 0.47 14.46 -2.10
N LYS A 392 -0.43 14.72 -3.05
CA LYS A 392 -0.09 15.46 -4.26
C LYS A 392 -0.81 16.81 -4.31
N GLU A 393 -1.31 17.27 -3.17
CA GLU A 393 -2.10 18.51 -3.10
C GLU A 393 -3.32 18.44 -4.02
N GLU A 394 -3.87 17.23 -4.18
CA GLU A 394 -5.06 17.00 -4.99
C GLU A 394 -6.20 16.61 -4.06
N ILE A 395 -7.30 17.35 -4.14
CA ILE A 395 -8.45 17.07 -3.28
C ILE A 395 -9.16 15.84 -3.84
N VAL A 396 -9.33 14.82 -2.98
CA VAL A 396 -9.96 13.58 -3.39
C VAL A 396 -11.39 13.46 -2.88
N GLY A 397 -11.71 14.08 -1.76
CA GLY A 397 -13.07 14.03 -1.24
C GLY A 397 -13.24 15.04 -0.13
N VAL A 398 -14.48 15.13 0.37
CA VAL A 398 -14.83 16.02 1.46
C VAL A 398 -15.60 15.22 2.49
N ALA A 399 -15.12 15.21 3.72
CA ALA A 399 -15.77 14.52 4.84
C ALA A 399 -16.34 15.56 5.78
N THR A 400 -17.64 15.45 6.05
CA THR A 400 -18.36 16.44 6.85
C THR A 400 -18.96 15.76 8.06
N PHE A 401 -18.73 16.35 9.24
CA PHE A 401 -19.30 15.87 10.49
C PHE A 401 -20.32 16.90 10.98
N TYR A 402 -21.50 16.42 11.40
CA TYR A 402 -22.67 17.27 11.50
C TYR A 402 -23.12 17.60 12.92
N ASN A 403 -22.53 16.98 13.94
CA ASN A 403 -22.85 17.33 15.33
C ASN A 403 -22.00 16.49 16.27
N ARG A 404 -22.06 16.85 17.55
CA ARG A 404 -21.36 16.15 18.61
C ARG A 404 -22.37 15.56 19.58
N LYS A 405 -22.06 14.37 20.11
CA LYS A 405 -22.94 13.75 21.08
C LYS A 405 -23.02 14.57 22.37
N ASP A 406 -21.91 15.17 22.79
CA ASP A 406 -21.92 15.96 24.02
C ASP A 406 -22.86 17.15 23.92
N GLY A 407 -23.08 17.67 22.71
CA GLY A 407 -23.90 18.83 22.52
C GLY A 407 -23.14 20.14 22.47
N LYS A 408 -21.90 20.15 22.92
CA LYS A 408 -21.08 21.36 22.84
C LYS A 408 -20.56 21.54 21.41
N PRO A 409 -20.31 22.79 21.00
CA PRO A 409 -19.78 23.02 19.66
C PRO A 409 -18.35 22.54 19.53
N PHE A 410 -17.96 22.24 18.29
CA PHE A 410 -16.65 21.66 18.03
C PHE A 410 -15.53 22.54 18.59
N ASP A 411 -14.61 21.90 19.30
CA ASP A 411 -13.45 22.57 19.88
C ASP A 411 -12.23 22.36 18.98
N GLU A 412 -11.06 22.77 19.46
CA GLU A 412 -9.83 22.58 18.71
C GLU A 412 -9.34 21.14 18.78
N GLN A 413 -9.57 20.46 19.91
CA GLN A 413 -9.11 19.07 20.02
C GLN A 413 -9.81 18.17 19.01
N ASP A 414 -11.13 18.35 18.84
CA ASP A 414 -11.85 17.59 17.83
C ASP A 414 -11.34 17.93 16.44
N GLU A 415 -11.02 19.20 16.21
CA GLU A 415 -10.47 19.60 14.92
C GLU A 415 -9.16 18.86 14.64
N VAL A 416 -8.28 18.80 15.63
CA VAL A 416 -7.00 18.10 15.45
C VAL A 416 -7.24 16.62 15.22
N LEU A 417 -8.14 16.02 16.00
CA LEU A 417 -8.43 14.59 15.85
C LEU A 417 -8.90 14.28 14.43
N MET A 418 -9.91 15.01 13.97
CA MET A 418 -10.48 14.71 12.66
C MET A 418 -9.52 15.08 11.54
N GLU A 419 -8.73 16.13 11.71
CA GLU A 419 -7.71 16.46 10.72
C GLU A 419 -6.67 15.34 10.62
N SER A 420 -6.26 14.79 11.76
CA SER A 420 -5.32 13.68 11.72
C SER A 420 -5.91 12.47 11.02
N LEU A 421 -7.18 12.15 11.32
CA LEU A 421 -7.82 11.01 10.68
C LEU A 421 -7.87 11.21 9.16
N THR A 422 -8.35 12.37 8.72
CA THR A 422 -8.47 12.62 7.29
C THR A 422 -7.11 12.70 6.60
N GLN A 423 -6.10 13.25 7.29
CA GLN A 423 -4.76 13.29 6.71
C GLN A 423 -4.19 11.89 6.53
N PHE A 424 -4.37 11.02 7.52
CA PHE A 424 -3.91 9.64 7.37
C PHE A 424 -4.63 8.95 6.23
N LEU A 425 -5.96 9.14 6.14
CA LEU A 425 -6.69 8.48 5.07
C LEU A 425 -6.28 9.01 3.70
N GLY A 426 -6.05 10.31 3.58
CA GLY A 426 -5.59 10.87 2.32
C GLY A 426 -4.21 10.37 1.94
N TRP A 427 -3.32 10.24 2.92
CA TRP A 427 -2.04 9.60 2.66
C TRP A 427 -2.24 8.17 2.18
N SER A 428 -3.27 7.50 2.69
CA SER A 428 -3.56 6.12 2.32
C SER A 428 -4.32 6.04 0.99
N VAL A 429 -3.82 6.70 -0.04
CA VAL A 429 -4.30 6.51 -1.40
C VAL A 429 -3.27 5.80 -2.26
N LEU A 430 -2.01 5.74 -1.83
CA LEU A 430 -1.01 4.95 -2.53
C LEU A 430 -1.43 3.50 -2.64
N ASN A 431 -2.12 2.97 -1.63
CA ASN A 431 -2.56 1.58 -1.69
C ASN A 431 -3.55 1.37 -2.84
N THR A 432 -4.51 2.28 -3.00
CA THR A 432 -5.49 2.14 -4.07
C THR A 432 -4.84 2.36 -5.44
N ASP A 433 -3.92 3.33 -5.53
CA ASP A 433 -3.21 3.53 -6.78
C ASP A 433 -2.41 2.30 -7.17
N THR A 434 -1.74 1.69 -6.20
CA THR A 434 -1.00 0.45 -6.46
C THR A 434 -1.93 -0.68 -6.85
N TYR A 435 -3.12 -0.75 -6.23
CA TYR A 435 -4.09 -1.75 -6.62
C TYR A 435 -4.49 -1.61 -8.08
N ASP A 436 -4.79 -0.39 -8.50
CA ASP A 436 -5.16 -0.16 -9.90
C ASP A 436 -4.02 -0.50 -10.83
N LYS A 437 -2.79 -0.09 -10.48
CA LYS A 437 -1.64 -0.37 -11.33
C LYS A 437 -1.39 -1.87 -11.44
N MET A 438 -1.52 -2.59 -10.33
CA MET A 438 -1.32 -4.04 -10.35
C MET A 438 -2.39 -4.72 -11.19
N ASN A 439 -3.65 -4.27 -11.09
CA ASN A 439 -4.69 -4.85 -11.92
C ASN A 439 -4.39 -4.63 -13.39
N LYS A 440 -3.98 -3.42 -13.77
CA LYS A 440 -3.66 -3.15 -15.17
C LYS A 440 -2.50 -3.99 -15.64
N LEU A 441 -1.45 -4.12 -14.82
CA LEU A 441 -0.30 -4.93 -15.21
C LEU A 441 -0.68 -6.39 -15.38
N GLU A 442 -1.50 -6.91 -14.47
CA GLU A 442 -1.94 -8.30 -14.58
C GLU A 442 -2.75 -8.51 -15.85
N ASN A 443 -3.65 -7.58 -16.18
CA ASN A 443 -4.43 -7.72 -17.40
C ASN A 443 -3.53 -7.67 -18.64
N ARG A 444 -2.54 -6.78 -18.63
CA ARG A 444 -1.62 -6.70 -19.77
C ARG A 444 -0.82 -7.99 -19.91
N LYS A 445 -0.37 -8.56 -18.79
CA LYS A 445 0.36 -9.82 -18.85
C LYS A 445 -0.54 -10.93 -19.39
N ASP A 446 -1.80 -10.95 -18.97
CA ASP A 446 -2.72 -11.97 -19.48
C ASP A 446 -2.91 -11.83 -20.99
N ILE A 447 -3.05 -10.58 -21.48
CA ILE A 447 -3.22 -10.37 -22.91
C ILE A 447 -1.98 -10.83 -23.67
N ALA A 448 -0.79 -10.49 -23.15
CA ALA A 448 0.44 -10.92 -23.80
C ALA A 448 0.56 -12.44 -23.81
N GLN A 449 0.18 -13.08 -22.71
CA GLN A 449 0.22 -14.54 -22.67
C GLN A 449 -0.74 -15.15 -23.68
N ASP A 450 -1.93 -14.55 -23.84
CA ASP A 450 -2.86 -15.04 -24.84
C ASP A 450 -2.27 -14.91 -26.24
N MET A 451 -1.64 -13.77 -26.53
CA MET A 451 -1.00 -13.60 -27.84
C MET A 451 0.06 -14.67 -28.07
N VAL A 452 0.92 -14.89 -27.09
CA VAL A 452 2.00 -15.86 -27.23
C VAL A 452 1.42 -17.27 -27.42
N LEU A 453 0.39 -17.60 -26.65
CA LEU A 453 -0.23 -18.92 -26.77
C LEU A 453 -0.81 -19.13 -28.15
N TYR A 454 -1.48 -18.11 -28.69
CA TYR A 454 -2.02 -18.25 -30.05
C TYR A 454 -0.90 -18.42 -31.06
N HIS A 455 0.18 -17.65 -30.93
CA HIS A 455 1.25 -17.69 -31.92
C HIS A 455 2.16 -18.91 -31.77
N VAL A 456 2.07 -19.64 -30.67
CA VAL A 456 2.85 -20.85 -30.47
C VAL A 456 2.04 -22.10 -30.77
N ARG A 457 0.79 -22.14 -30.32
CA ARG A 457 -0.05 -23.30 -30.57
C ARG A 457 -0.28 -23.50 -32.06
N CYS A 458 -0.34 -24.76 -32.49
CA CYS A 458 -0.55 -25.10 -33.88
C CYS A 458 -2.04 -25.15 -34.18
N ASP A 459 -2.45 -24.48 -35.26
CA ASP A 459 -3.85 -24.37 -35.60
C ASP A 459 -4.37 -25.67 -36.21
N ARG A 460 -5.68 -25.70 -36.43
CA ARG A 460 -6.31 -26.90 -36.98
C ARG A 460 -5.84 -27.17 -38.41
N GLU A 461 -5.67 -26.13 -39.21
CA GLU A 461 -5.33 -26.30 -40.62
C GLU A 461 -3.89 -26.78 -40.82
N GLU A 462 -3.05 -26.72 -39.80
CA GLU A 462 -1.66 -27.13 -39.91
C GLU A 462 -1.34 -28.37 -39.08
N ILE A 463 -2.30 -28.91 -38.33
CA ILE A 463 -2.11 -30.19 -37.65
C ILE A 463 -2.36 -31.37 -38.57
N GLN A 464 -2.89 -31.13 -39.77
CA GLN A 464 -3.15 -32.21 -40.71
C GLN A 464 -1.89 -32.78 -41.33
N LEU A 465 -0.75 -32.09 -41.19
CA LEU A 465 0.50 -32.63 -41.71
C LEU A 465 0.91 -33.88 -40.94
N ILE A 466 0.67 -33.92 -39.64
CA ILE A 466 1.07 -35.07 -38.83
C ILE A 466 0.05 -36.20 -38.99
N LEU A 467 -1.19 -35.95 -38.61
CA LEU A 467 -2.27 -36.93 -38.77
C LEU A 467 -3.34 -36.37 -39.69
N PRO A 468 -3.37 -36.78 -40.97
CA PRO A 468 -4.45 -36.34 -41.87
C PRO A 468 -5.73 -37.11 -41.60
N THR A 469 -6.72 -36.43 -41.03
CA THR A 469 -8.01 -37.05 -40.74
C THR A 469 -9.13 -36.54 -41.65
N ARG A 470 -8.98 -35.37 -42.26
CA ARG A 470 -9.95 -34.90 -43.24
C ARG A 470 -9.81 -35.64 -44.57
N GLU A 471 -8.67 -36.25 -44.83
CA GLU A 471 -8.46 -37.05 -46.04
C GLU A 471 -8.83 -38.51 -45.81
N ARG A 472 -8.27 -39.13 -44.77
CA ARG A 472 -8.60 -40.51 -44.47
C ARG A 472 -10.06 -40.64 -44.03
N LEU A 473 -10.50 -39.74 -43.16
CA LEU A 473 -11.87 -39.69 -42.66
C LEU A 473 -12.52 -38.38 -43.12
N GLY A 474 -13.75 -38.16 -42.68
CA GLY A 474 -14.45 -36.92 -42.97
C GLY A 474 -14.62 -36.05 -41.74
N LYS A 475 -14.09 -36.49 -40.61
CA LYS A 475 -14.30 -35.83 -39.33
C LYS A 475 -13.10 -34.97 -38.96
N GLU A 476 -13.37 -33.94 -38.15
CA GLU A 476 -12.33 -33.09 -37.59
C GLU A 476 -11.48 -33.91 -36.61
N PRO A 477 -10.20 -33.57 -36.44
CA PRO A 477 -9.38 -34.35 -35.50
C PRO A 477 -9.97 -34.42 -34.10
N ALA A 478 -10.61 -33.34 -33.63
CA ALA A 478 -11.19 -33.35 -32.30
C ALA A 478 -12.36 -34.33 -32.19
N ASP A 479 -13.09 -34.54 -33.29
CA ASP A 479 -14.29 -35.38 -33.28
C ASP A 479 -13.94 -36.79 -33.75
N CYS A 480 -13.07 -37.45 -33.00
CA CYS A 480 -12.66 -38.82 -33.32
C CYS A 480 -12.40 -39.58 -32.04
N GLU A 481 -12.39 -40.91 -32.15
CA GLU A 481 -12.12 -41.80 -31.04
C GLU A 481 -10.66 -42.21 -31.05
N GLU A 482 -10.14 -42.54 -29.87
CA GLU A 482 -8.73 -42.90 -29.75
C GLU A 482 -8.40 -44.12 -30.60
N ASP A 483 -9.29 -45.12 -30.59
CA ASP A 483 -9.05 -46.31 -31.41
C ASP A 483 -8.97 -45.95 -32.89
N GLU A 484 -9.87 -45.09 -33.36
CA GLU A 484 -9.84 -44.65 -34.75
C GLU A 484 -8.69 -43.67 -35.00
N LEU A 485 -8.35 -42.85 -34.01
CA LEU A 485 -7.24 -41.91 -34.18
C LEU A 485 -5.92 -42.67 -34.38
N GLY A 486 -5.72 -43.76 -33.64
CA GLY A 486 -4.48 -44.50 -33.72
C GLY A 486 -4.22 -45.14 -35.06
N LYS A 487 -5.28 -45.40 -35.85
CA LYS A 487 -5.09 -46.03 -37.14
C LYS A 487 -4.24 -45.17 -38.06
N ILE A 488 -4.48 -43.86 -38.06
CA ILE A 488 -3.67 -42.95 -38.86
C ILE A 488 -2.23 -42.97 -38.39
N LEU A 489 -2.02 -42.93 -37.07
CA LEU A 489 -0.66 -42.89 -36.52
C LEU A 489 0.13 -44.14 -36.86
N LYS A 490 -0.52 -45.31 -36.80
CA LYS A 490 0.22 -46.55 -37.09
C LYS A 490 0.84 -46.53 -38.47
N GLU A 491 0.28 -45.75 -39.40
CA GLU A 491 0.82 -45.68 -40.76
C GLU A 491 1.72 -44.47 -40.97
N VAL A 492 1.32 -43.29 -40.51
CA VAL A 492 2.12 -42.09 -40.78
C VAL A 492 3.40 -42.10 -39.95
N LEU A 493 3.31 -42.57 -38.70
CA LEU A 493 4.47 -42.51 -37.82
C LEU A 493 5.57 -43.44 -38.35
N PRO A 494 6.83 -43.06 -38.18
CA PRO A 494 7.92 -43.93 -38.65
C PRO A 494 8.17 -45.08 -37.68
N GLY A 495 8.85 -46.10 -38.19
CA GLY A 495 9.24 -47.24 -37.40
C GLY A 495 10.47 -46.96 -36.57
N PRO A 496 10.86 -47.94 -35.75
CA PRO A 496 12.03 -47.77 -34.89
C PRO A 496 13.36 -48.06 -35.56
N ALA A 497 13.37 -48.45 -36.83
CA ALA A 497 14.58 -48.81 -37.53
C ALA A 497 14.95 -47.88 -38.67
N LYS A 498 13.97 -47.27 -39.34
CA LYS A 498 14.28 -46.42 -40.48
C LYS A 498 15.08 -45.20 -40.05
N PHE A 499 14.73 -44.61 -38.91
CA PHE A 499 15.43 -43.44 -38.38
C PHE A 499 16.31 -43.77 -37.17
N ASP A 500 16.41 -45.05 -36.82
CA ASP A 500 17.36 -45.56 -35.83
C ASP A 500 17.53 -44.60 -34.65
N ILE A 501 16.41 -44.32 -33.99
CA ILE A 501 16.41 -43.48 -32.79
C ILE A 501 16.97 -44.26 -31.61
N TYR A 502 17.31 -45.52 -31.83
CA TYR A 502 17.85 -46.39 -30.79
C TYR A 502 19.37 -46.49 -30.85
N GLU A 503 20.04 -45.47 -31.36
CA GLU A 503 21.48 -45.47 -31.53
C GLU A 503 22.08 -44.22 -30.92
N PHE A 504 23.37 -44.32 -30.58
CA PHE A 504 24.11 -43.20 -30.02
C PHE A 504 24.66 -42.26 -31.08
N HIS A 505 24.55 -42.62 -32.35
CA HIS A 505 25.05 -41.83 -33.48
C HIS A 505 23.91 -41.40 -34.38
N PHE A 506 22.78 -41.01 -33.79
CA PHE A 506 21.60 -40.62 -34.55
C PHE A 506 21.85 -39.28 -35.24
N SER A 507 22.14 -39.32 -36.53
CA SER A 507 22.33 -38.09 -37.29
C SER A 507 21.02 -37.34 -37.41
N ASP A 508 21.11 -36.01 -37.33
CA ASP A 508 19.93 -35.15 -37.31
C ASP A 508 19.70 -34.37 -38.59
N LEU A 509 20.77 -33.89 -39.24
CA LEU A 509 20.60 -33.03 -40.41
C LEU A 509 19.94 -33.75 -41.58
N GLU A 510 19.94 -35.09 -41.58
CA GLU A 510 19.33 -35.82 -42.69
C GLU A 510 17.83 -35.56 -42.76
N CYS A 511 17.16 -35.52 -41.61
CA CYS A 511 15.72 -35.38 -41.57
C CYS A 511 15.31 -33.92 -41.53
N THR A 512 14.19 -33.61 -42.18
CA THR A 512 13.63 -32.26 -42.11
C THR A 512 12.96 -32.06 -40.75
N GLU A 513 12.67 -30.78 -40.45
CA GLU A 513 12.10 -30.45 -39.16
C GLU A 513 10.73 -31.09 -38.95
N LEU A 514 10.02 -31.42 -40.04
CA LEU A 514 8.71 -32.04 -39.89
C LEU A 514 8.83 -33.49 -39.44
N GLU A 515 9.91 -34.18 -39.83
CA GLU A 515 10.07 -35.58 -39.44
C GLU A 515 10.45 -35.71 -37.97
N LEU A 516 11.07 -34.68 -37.40
CA LEU A 516 11.48 -34.75 -36.00
C LEU A 516 10.28 -34.81 -35.07
N VAL A 517 9.18 -34.12 -35.41
CA VAL A 517 7.97 -34.20 -34.60
C VAL A 517 7.44 -35.64 -34.58
N LYS A 518 7.40 -36.27 -35.76
CA LYS A 518 6.92 -37.64 -35.84
C LYS A 518 7.86 -38.59 -35.09
N CYS A 519 9.17 -38.34 -35.16
CA CYS A 519 10.11 -39.15 -34.40
C CYS A 519 9.88 -39.00 -32.89
N GLY A 520 9.62 -37.77 -32.45
CA GLY A 520 9.31 -37.57 -31.04
C GLY A 520 8.06 -38.30 -30.60
N ILE A 521 7.01 -38.24 -31.44
CA ILE A 521 5.79 -38.98 -31.11
C ILE A 521 6.08 -40.48 -31.06
N GLN A 522 6.87 -40.98 -32.01
CA GLN A 522 7.17 -42.40 -32.04
C GLN A 522 7.92 -42.82 -30.79
N MET A 523 8.92 -42.04 -30.37
CA MET A 523 9.65 -42.38 -29.16
C MET A 523 8.81 -42.19 -27.90
N TYR A 524 7.77 -41.35 -27.98
CA TYR A 524 6.78 -41.32 -26.90
C TYR A 524 5.99 -42.62 -26.88
N TYR A 525 5.79 -43.24 -28.05
CA TYR A 525 5.13 -44.54 -28.12
C TYR A 525 6.03 -45.69 -27.67
N GLU A 526 7.35 -45.57 -27.85
CA GLU A 526 8.24 -46.66 -27.48
C GLU A 526 8.20 -46.92 -25.97
N LEU A 527 8.13 -45.84 -25.17
CA LEU A 527 8.17 -45.99 -23.72
C LEU A 527 6.96 -46.75 -23.19
N GLY A 528 5.92 -46.94 -23.99
CA GLY A 528 4.70 -47.57 -23.50
C GLY A 528 4.00 -46.70 -22.49
N VAL A 529 4.00 -45.39 -22.70
CA VAL A 529 3.42 -44.45 -21.75
C VAL A 529 2.11 -43.86 -22.25
N VAL A 530 1.86 -43.86 -23.57
CA VAL A 530 0.62 -43.28 -24.07
C VAL A 530 -0.58 -44.07 -23.59
N ARG A 531 -0.47 -45.39 -23.55
CA ARG A 531 -1.56 -46.26 -23.14
C ARG A 531 -1.52 -46.58 -21.65
N LYS A 532 -0.40 -46.31 -20.97
CA LYS A 532 -0.31 -46.61 -19.55
C LYS A 532 -1.07 -45.58 -18.72
N PHE A 533 -0.94 -44.29 -19.05
CA PHE A 533 -1.64 -43.23 -18.35
C PHE A 533 -2.87 -42.74 -19.11
N GLN A 534 -3.22 -43.39 -20.22
CA GLN A 534 -4.45 -43.08 -20.96
C GLN A 534 -4.49 -41.62 -21.38
N ILE A 535 -3.35 -41.10 -21.85
CA ILE A 535 -3.28 -39.74 -22.37
C ILE A 535 -3.92 -39.72 -23.75
N PRO A 536 -4.46 -38.59 -24.21
CA PRO A 536 -5.09 -38.56 -25.54
C PRO A 536 -4.06 -38.31 -26.64
N GLN A 537 -4.26 -39.02 -27.76
CA GLN A 537 -3.29 -38.94 -28.86
C GLN A 537 -3.29 -37.57 -29.51
N GLU A 538 -4.48 -36.98 -29.71
CA GLU A 538 -4.55 -35.66 -30.33
C GLU A 538 -3.79 -34.63 -29.53
N VAL A 539 -3.96 -34.64 -28.21
CA VAL A 539 -3.26 -33.67 -27.36
C VAL A 539 -1.75 -33.88 -27.44
N LEU A 540 -1.31 -35.14 -27.49
CA LEU A 540 0.11 -35.42 -27.59
C LEU A 540 0.69 -34.87 -28.89
N VAL A 541 0.02 -35.15 -30.01
CA VAL A 541 0.51 -34.67 -31.30
C VAL A 541 0.54 -33.15 -31.32
N ARG A 542 -0.53 -32.52 -30.83
CA ARG A 542 -0.59 -31.06 -30.83
C ARG A 542 0.47 -30.46 -29.93
N PHE A 543 0.75 -31.10 -28.79
CA PHE A 543 1.78 -30.62 -27.90
C PHE A 543 3.16 -30.71 -28.56
N LEU A 544 3.44 -31.81 -29.25
CA LEU A 544 4.72 -31.93 -29.93
C LEU A 544 4.87 -30.85 -31.00
N PHE A 545 3.81 -30.62 -31.78
CA PHE A 545 3.90 -29.59 -32.82
C PHE A 545 4.06 -28.19 -32.20
N SER A 546 3.33 -27.93 -31.11
CA SER A 546 3.42 -26.62 -30.47
C SER A 546 4.81 -26.39 -29.89
N VAL A 547 5.39 -27.41 -29.25
CA VAL A 547 6.73 -27.24 -28.69
C VAL A 547 7.76 -27.11 -29.79
N SER A 548 7.55 -27.77 -30.93
CA SER A 548 8.44 -27.56 -32.07
C SER A 548 8.36 -26.11 -32.54
N LYS A 549 7.14 -25.56 -32.61
CA LYS A 549 7.01 -24.15 -32.97
C LYS A 549 7.54 -23.21 -31.89
N GLY A 550 7.69 -23.69 -30.65
CA GLY A 550 8.12 -22.82 -29.58
C GLY A 550 9.54 -22.31 -29.76
N TYR A 551 10.43 -23.16 -30.26
CA TYR A 551 11.82 -22.76 -30.42
C TYR A 551 11.94 -21.65 -31.47
N ARG A 552 13.00 -20.86 -31.33
CA ARG A 552 13.25 -19.76 -32.27
C ARG A 552 13.97 -20.31 -33.50
N ARG A 553 14.36 -19.41 -34.40
CA ARG A 553 15.02 -19.78 -35.64
C ARG A 553 16.51 -19.41 -35.63
N ILE A 554 17.08 -19.27 -34.42
CA ILE A 554 18.48 -18.86 -34.28
C ILE A 554 19.39 -19.99 -34.74
N THR A 555 20.69 -19.69 -34.86
CA THR A 555 21.60 -20.56 -35.61
C THR A 555 21.61 -21.97 -35.05
N TYR A 556 21.85 -22.11 -33.74
CA TYR A 556 22.09 -23.42 -33.14
C TYR A 556 20.97 -23.88 -32.22
N HIS A 557 20.66 -23.13 -31.17
CA HIS A 557 19.67 -23.55 -30.17
C HIS A 557 18.28 -23.40 -30.79
N ASN A 558 17.93 -24.34 -31.64
CA ASN A 558 16.62 -24.38 -32.28
C ASN A 558 15.97 -25.74 -32.05
N TRP A 559 14.85 -26.00 -32.73
CA TRP A 559 14.14 -27.26 -32.53
C TRP A 559 15.06 -28.47 -32.75
N ARG A 560 15.99 -28.36 -33.69
CA ARG A 560 16.88 -29.48 -33.97
C ARG A 560 17.70 -29.85 -32.72
N HIS A 561 18.26 -28.85 -32.05
CA HIS A 561 19.10 -29.14 -30.88
C HIS A 561 18.27 -29.72 -29.73
N GLY A 562 17.09 -29.17 -29.49
CA GLY A 562 16.24 -29.70 -28.43
C GLY A 562 15.83 -31.14 -28.70
N PHE A 563 15.43 -31.42 -29.95
CA PHE A 563 15.07 -32.80 -30.26
C PHE A 563 16.28 -33.72 -30.21
N ASN A 564 17.46 -33.22 -30.55
CA ASN A 564 18.67 -34.02 -30.43
C ASN A 564 18.95 -34.38 -28.97
N VAL A 565 18.77 -33.41 -28.08
CA VAL A 565 18.93 -33.69 -26.65
C VAL A 565 17.92 -34.73 -26.20
N ALA A 566 16.66 -34.57 -26.62
CA ALA A 566 15.64 -35.54 -26.23
C ALA A 566 15.97 -36.93 -26.74
N GLN A 567 16.43 -37.04 -28.00
CA GLN A 567 16.75 -38.34 -28.56
C GLN A 567 17.96 -38.97 -27.89
N THR A 568 18.98 -38.15 -27.58
CA THR A 568 20.15 -38.68 -26.88
C THR A 568 19.76 -39.22 -25.51
N MET A 569 18.90 -38.50 -24.80
CA MET A 569 18.48 -38.97 -23.48
C MET A 569 17.58 -40.20 -23.59
N PHE A 570 16.72 -40.27 -24.61
CA PHE A 570 15.94 -41.48 -24.83
C PHE A 570 16.84 -42.67 -25.11
N THR A 571 17.88 -42.47 -25.91
CA THR A 571 18.84 -43.54 -26.16
C THR A 571 19.54 -43.94 -24.88
N LEU A 572 19.90 -42.98 -24.05
CA LEU A 572 20.51 -43.30 -22.76
C LEU A 572 19.58 -44.17 -21.92
N LEU A 573 18.29 -43.82 -21.88
CA LEU A 573 17.35 -44.59 -21.08
C LEU A 573 17.16 -46.00 -21.63
N MET A 574 16.97 -46.13 -22.94
CA MET A 574 16.59 -47.42 -23.51
C MET A 574 17.81 -48.31 -23.74
N THR A 575 18.75 -47.88 -24.58
CA THR A 575 19.90 -48.71 -24.91
C THR A 575 21.07 -48.51 -23.96
N GLY A 576 20.99 -47.54 -23.04
CA GLY A 576 21.98 -47.36 -22.01
C GLY A 576 21.66 -48.06 -20.71
N LYS A 577 20.48 -48.67 -20.61
CA LYS A 577 20.07 -49.40 -19.40
C LYS A 577 20.08 -48.50 -18.17
N LEU A 578 19.83 -47.21 -18.37
CA LEU A 578 19.59 -46.29 -17.26
C LEU A 578 18.11 -46.21 -16.88
N LYS A 579 17.25 -46.92 -17.61
CA LYS A 579 15.83 -46.96 -17.31
C LYS A 579 15.50 -47.89 -16.14
N SER A 580 16.40 -48.79 -15.78
CA SER A 580 16.11 -49.76 -14.74
C SER A 580 15.84 -49.08 -13.40
N TYR A 581 16.64 -48.07 -13.06
CA TYR A 581 16.47 -47.41 -11.77
C TYR A 581 15.13 -46.67 -11.69
N TYR A 582 14.74 -46.02 -12.78
CA TYR A 582 13.52 -45.21 -12.79
C TYR A 582 12.33 -46.03 -13.27
N THR A 583 11.15 -45.70 -12.74
CA THR A 583 9.92 -46.36 -13.15
C THR A 583 9.45 -45.76 -14.48
N ASP A 584 8.28 -46.17 -14.95
CA ASP A 584 7.77 -45.64 -16.20
C ASP A 584 7.26 -44.21 -16.04
N LEU A 585 6.69 -43.89 -14.88
CA LEU A 585 6.22 -42.52 -14.64
C LEU A 585 7.38 -41.54 -14.62
N GLU A 586 8.50 -41.90 -13.97
CA GLU A 586 9.64 -41.01 -13.89
C GLU A 586 10.42 -40.94 -15.20
N ALA A 587 10.12 -41.83 -16.16
CA ALA A 587 10.66 -41.71 -17.50
C ALA A 587 9.77 -40.85 -18.39
N PHE A 588 8.47 -40.79 -18.10
CA PHE A 588 7.58 -39.89 -18.82
C PHE A 588 7.94 -38.43 -18.55
N ALA A 589 8.31 -38.11 -17.30
CA ALA A 589 8.61 -36.74 -16.91
C ALA A 589 10.00 -36.28 -17.35
N MET A 590 10.83 -37.18 -17.85
CA MET A 590 12.17 -36.81 -18.31
C MET A 590 12.21 -36.57 -19.82
N VAL A 591 11.74 -37.53 -20.61
CA VAL A 591 11.73 -37.35 -22.06
C VAL A 591 10.95 -36.09 -22.43
N THR A 592 9.96 -35.72 -21.62
CA THR A 592 9.25 -34.47 -21.85
C THR A 592 10.07 -33.27 -21.38
N ALA A 593 10.79 -33.40 -20.27
CA ALA A 593 11.56 -32.28 -19.74
C ALA A 593 12.77 -31.97 -20.58
N GLY A 594 13.46 -33.01 -21.09
CA GLY A 594 14.60 -32.79 -21.95
C GLY A 594 14.23 -32.33 -23.34
N LEU A 595 13.00 -32.58 -23.78
CA LEU A 595 12.57 -32.15 -25.10
C LEU A 595 12.26 -30.66 -25.14
N CYS A 596 11.81 -30.08 -24.02
CA CYS A 596 11.63 -28.64 -23.89
C CYS A 596 12.49 -28.17 -22.71
N HIS A 597 13.76 -27.94 -22.99
CA HIS A 597 14.68 -27.30 -22.05
C HIS A 597 15.37 -26.09 -22.66
N ASP A 598 15.19 -25.85 -23.95
CA ASP A 598 15.84 -24.79 -24.70
C ASP A 598 14.80 -24.08 -25.56
N ILE A 599 13.62 -23.85 -24.98
CA ILE A 599 12.41 -23.61 -25.77
C ILE A 599 12.29 -22.16 -26.24
N ASP A 600 12.84 -21.20 -25.49
CA ASP A 600 12.72 -19.79 -25.83
C ASP A 600 14.08 -19.11 -25.75
N HIS A 601 15.08 -19.72 -26.37
CA HIS A 601 16.44 -19.21 -26.30
C HIS A 601 16.64 -18.10 -27.32
N ARG A 602 17.24 -17.00 -26.88
CA ARG A 602 17.48 -15.83 -27.71
C ARG A 602 18.90 -15.77 -28.25
N GLY A 603 19.67 -16.84 -28.09
CA GLY A 603 21.06 -16.88 -28.54
C GLY A 603 22.05 -16.48 -27.47
N THR A 604 21.79 -15.38 -26.77
CA THR A 604 22.69 -14.93 -25.73
C THR A 604 22.64 -15.87 -24.53
N ASN A 605 23.81 -16.13 -23.95
CA ASN A 605 23.91 -17.07 -22.84
C ASN A 605 23.51 -16.39 -21.54
N ASN A 606 23.70 -17.08 -20.41
CA ASN A 606 23.27 -16.54 -19.12
C ASN A 606 24.07 -15.29 -18.76
N LEU A 607 25.38 -15.29 -19.00
CA LEU A 607 26.21 -14.17 -18.59
C LEU A 607 25.80 -12.88 -19.29
N TYR A 608 25.23 -12.99 -20.49
CA TYR A 608 24.84 -11.79 -21.23
C TYR A 608 23.68 -11.06 -20.55
N GLN A 609 22.76 -11.82 -19.94
CA GLN A 609 21.60 -11.19 -19.31
C GLN A 609 21.99 -10.29 -18.15
N MET A 610 23.06 -10.63 -17.43
CA MET A 610 23.53 -9.74 -16.37
C MET A 610 24.11 -8.45 -16.93
N LYS A 611 24.85 -8.53 -18.04
CA LYS A 611 25.52 -7.36 -18.56
C LYS A 611 24.61 -6.46 -19.39
N SER A 612 23.54 -7.00 -19.97
CA SER A 612 22.61 -6.23 -20.77
C SER A 612 21.41 -5.73 -19.96
N GLN A 613 21.33 -6.07 -18.68
CA GLN A 613 20.20 -5.67 -17.85
C GLN A 613 18.88 -6.10 -18.47
N ASN A 614 18.84 -7.33 -18.97
CA ASN A 614 17.62 -7.86 -19.56
C ASN A 614 16.58 -8.09 -18.46
N PRO A 615 15.28 -8.06 -18.80
CA PRO A 615 14.26 -8.38 -17.79
C PRO A 615 14.39 -9.79 -17.24
N LEU A 616 15.02 -10.71 -17.98
CA LEU A 616 15.23 -12.06 -17.46
C LEU A 616 16.10 -12.04 -16.21
N ALA A 617 17.16 -11.22 -16.23
CA ALA A 617 18.06 -11.15 -15.08
C ALA A 617 17.34 -10.62 -13.84
N LYS A 618 16.48 -9.62 -14.01
CA LYS A 618 15.77 -9.05 -12.86
C LYS A 618 14.76 -10.04 -12.30
N LEU A 619 14.09 -10.80 -13.18
CA LEU A 619 13.09 -11.76 -12.72
C LEU A 619 13.73 -12.90 -11.95
N HIS A 620 14.78 -13.50 -12.50
CA HIS A 620 15.41 -14.68 -11.94
C HIS A 620 16.80 -14.34 -11.41
N GLY A 621 17.10 -14.77 -10.19
CA GLY A 621 18.39 -14.49 -9.59
C GLY A 621 19.53 -15.25 -10.22
N SER A 622 19.54 -16.57 -10.06
CA SER A 622 20.58 -17.43 -10.61
C SER A 622 19.97 -18.36 -11.64
N SER A 623 20.80 -18.82 -12.57
CA SER A 623 20.33 -19.62 -13.71
C SER A 623 19.24 -18.86 -14.47
N ILE A 624 19.65 -17.71 -15.02
CA ILE A 624 18.70 -16.76 -15.58
C ILE A 624 17.89 -17.41 -16.69
N LEU A 625 18.56 -18.11 -17.60
CA LEU A 625 17.90 -18.63 -18.79
C LEU A 625 17.43 -20.08 -18.60
N GLU A 626 18.11 -20.86 -17.76
CA GLU A 626 17.65 -22.21 -17.50
C GLU A 626 16.36 -22.21 -16.69
N ARG A 627 16.26 -21.30 -15.72
CA ARG A 627 15.06 -21.19 -14.90
C ARG A 627 13.89 -20.55 -15.66
N HIS A 628 14.16 -19.91 -16.80
CA HIS A 628 13.11 -19.28 -17.58
C HIS A 628 12.46 -20.24 -18.58
N HIS A 629 13.22 -21.19 -19.12
CA HIS A 629 12.62 -22.19 -20.00
C HIS A 629 11.61 -23.04 -19.23
N LEU A 630 11.83 -23.22 -17.93
CA LEU A 630 10.92 -24.05 -17.13
C LEU A 630 9.53 -23.43 -17.08
N GLU A 631 9.44 -22.12 -16.84
CA GLU A 631 8.13 -21.49 -16.71
C GLU A 631 7.38 -21.51 -18.03
N PHE A 632 8.07 -21.26 -19.15
CA PHE A 632 7.42 -21.33 -20.45
C PHE A 632 6.98 -22.75 -20.76
N GLY A 633 7.81 -23.75 -20.46
CA GLY A 633 7.43 -25.13 -20.71
C GLY A 633 6.21 -25.54 -19.90
N LYS A 634 6.16 -25.11 -18.63
CA LYS A 634 5.00 -25.43 -17.81
C LYS A 634 3.76 -24.66 -18.24
N PHE A 635 3.94 -23.44 -18.75
CA PHE A 635 2.82 -22.67 -19.29
C PHE A 635 2.23 -23.35 -20.52
N LEU A 636 3.09 -23.90 -21.39
CA LEU A 636 2.58 -24.53 -22.60
C LEU A 636 1.70 -25.72 -22.27
N LEU A 637 2.11 -26.53 -21.30
CA LEU A 637 1.35 -27.73 -20.92
C LEU A 637 0.43 -27.48 -19.74
N SER A 638 0.01 -26.22 -19.53
CA SER A 638 -0.95 -25.91 -18.48
C SER A 638 -2.39 -25.89 -19.02
N GLU A 639 -2.61 -25.19 -20.13
CA GLU A 639 -3.94 -25.14 -20.72
C GLU A 639 -4.31 -26.48 -21.33
N GLU A 640 -5.61 -26.77 -21.32
CA GLU A 640 -6.10 -28.01 -21.92
C GLU A 640 -5.96 -27.95 -23.43
N THR A 641 -6.19 -29.09 -24.08
CA THR A 641 -5.95 -29.41 -25.49
C THR A 641 -4.47 -29.34 -25.82
N LEU A 642 -3.61 -29.00 -24.86
CA LEU A 642 -2.16 -29.00 -25.05
C LEU A 642 -1.46 -29.57 -23.83
N ASN A 643 -2.19 -30.25 -22.95
CA ASN A 643 -1.69 -30.76 -21.69
C ASN A 643 -1.78 -32.28 -21.70
N ILE A 644 -0.63 -32.95 -21.59
CA ILE A 644 -0.58 -34.41 -21.61
C ILE A 644 -0.55 -34.99 -20.21
N TYR A 645 -0.69 -34.16 -19.17
CA TYR A 645 -0.74 -34.61 -17.79
C TYR A 645 -2.13 -34.50 -17.19
N GLN A 646 -3.15 -34.28 -18.02
CA GLN A 646 -4.50 -34.09 -17.50
C GLN A 646 -5.00 -35.33 -16.77
N ASN A 647 -4.77 -36.51 -17.33
CA ASN A 647 -5.31 -37.73 -16.77
C ASN A 647 -4.57 -38.19 -15.53
N LEU A 648 -3.36 -37.71 -15.29
CA LEU A 648 -2.63 -38.06 -14.08
C LEU A 648 -3.35 -37.50 -12.85
N ASN A 649 -3.38 -38.29 -11.79
CA ASN A 649 -3.97 -37.83 -10.54
C ASN A 649 -3.08 -36.75 -9.92
N ARG A 650 -3.53 -36.21 -8.79
CA ARG A 650 -2.81 -35.09 -8.19
C ARG A 650 -1.40 -35.48 -7.76
N ARG A 651 -1.26 -36.67 -7.17
CA ARG A 651 0.05 -37.10 -6.70
C ARG A 651 1.02 -37.28 -7.87
N GLN A 652 0.59 -37.99 -8.91
CA GLN A 652 1.45 -38.19 -10.07
C GLN A 652 1.76 -36.87 -10.75
N HIS A 653 0.76 -35.99 -10.86
CA HIS A 653 0.99 -34.71 -11.51
C HIS A 653 2.02 -33.89 -10.74
N GLU A 654 1.91 -33.85 -9.40
CA GLU A 654 2.88 -33.13 -8.59
C GLU A 654 4.26 -33.73 -8.73
N HIS A 655 4.35 -35.07 -8.75
CA HIS A 655 5.65 -35.72 -8.92
C HIS A 655 6.27 -35.35 -10.25
N VAL A 656 5.46 -35.32 -11.32
CA VAL A 656 5.99 -34.95 -12.63
C VAL A 656 6.43 -33.50 -12.65
N ILE A 657 5.67 -32.61 -12.02
CA ILE A 657 6.08 -31.21 -11.92
C ILE A 657 7.44 -31.12 -11.22
N HIS A 658 7.60 -31.85 -10.12
CA HIS A 658 8.85 -31.80 -9.37
C HIS A 658 10.01 -32.34 -10.20
N LEU A 659 9.78 -33.44 -10.93
CA LEU A 659 10.83 -33.98 -11.78
C LEU A 659 11.24 -33.01 -12.87
N MET A 660 10.27 -32.37 -13.52
CA MET A 660 10.62 -31.40 -14.56
C MET A 660 11.39 -30.23 -13.97
N ASP A 661 10.95 -29.72 -12.82
CA ASP A 661 11.63 -28.55 -12.26
C ASP A 661 13.01 -28.89 -11.72
N ILE A 662 13.27 -30.16 -11.40
CA ILE A 662 14.64 -30.57 -11.11
C ILE A 662 15.42 -30.79 -12.41
N ALA A 663 14.73 -31.12 -13.50
CA ALA A 663 15.42 -31.49 -14.73
C ALA A 663 15.88 -30.25 -15.51
N ILE A 664 14.95 -29.35 -15.83
CA ILE A 664 15.26 -28.26 -16.75
C ILE A 664 16.32 -27.34 -16.15
N ILE A 665 16.20 -27.00 -14.87
CA ILE A 665 17.18 -26.13 -14.24
C ILE A 665 18.55 -26.80 -14.17
N ALA A 666 18.58 -28.11 -13.98
CA ALA A 666 19.85 -28.82 -13.79
C ALA A 666 20.72 -28.82 -15.04
N THR A 667 20.19 -28.43 -16.20
CA THR A 667 21.00 -28.40 -17.41
C THR A 667 22.03 -27.29 -17.41
N ASP A 668 21.96 -26.36 -16.46
CA ASP A 668 22.94 -25.28 -16.39
C ASP A 668 24.32 -25.83 -16.10
N LEU A 669 25.33 -25.24 -16.76
CA LEU A 669 26.71 -25.66 -16.55
C LEU A 669 27.27 -25.14 -15.23
N ALA A 670 26.79 -23.99 -14.76
CA ALA A 670 27.27 -23.46 -13.48
C ALA A 670 26.93 -24.41 -12.34
N LEU A 671 25.72 -24.97 -12.35
CA LEU A 671 25.34 -25.94 -11.32
C LEU A 671 26.03 -27.28 -11.54
N TYR A 672 26.45 -27.58 -12.78
CA TYR A 672 27.21 -28.79 -13.05
C TYR A 672 28.54 -28.81 -12.31
N PHE A 673 29.27 -27.68 -12.35
CA PHE A 673 30.59 -27.64 -11.74
C PHE A 673 30.50 -27.84 -10.24
N LYS A 674 29.52 -27.21 -9.59
CA LYS A 674 29.42 -27.29 -8.14
C LYS A 674 29.09 -28.69 -7.66
N LYS A 675 28.29 -29.43 -8.43
CA LYS A 675 27.62 -30.63 -7.93
C LYS A 675 28.03 -31.87 -8.73
N ARG A 676 29.32 -32.00 -9.04
CA ARG A 676 29.85 -33.18 -9.68
C ARG A 676 30.45 -34.17 -8.70
N THR A 677 30.93 -33.68 -7.56
CA THR A 677 31.61 -34.56 -6.60
C THR A 677 30.66 -35.60 -6.04
N MET A 678 29.39 -35.23 -5.82
CA MET A 678 28.44 -36.22 -5.30
C MET A 678 28.21 -37.34 -6.31
N PHE A 679 28.12 -36.99 -7.59
CA PHE A 679 27.97 -38.04 -8.60
C PHE A 679 29.21 -38.92 -8.64
N GLN A 680 30.40 -38.33 -8.51
CA GLN A 680 31.60 -39.16 -8.47
C GLN A 680 31.55 -40.10 -7.26
N LYS A 681 31.08 -39.60 -6.12
CA LYS A 681 30.97 -40.46 -4.93
C LYS A 681 29.97 -41.58 -5.14
N ILE A 682 28.85 -41.28 -5.81
CA ILE A 682 27.84 -42.32 -6.07
C ILE A 682 28.42 -43.38 -7.00
N VAL A 683 29.13 -42.95 -8.04
CA VAL A 683 29.73 -43.91 -8.97
C VAL A 683 30.75 -44.77 -8.24
N ASP A 684 31.54 -44.16 -7.34
CA ASP A 684 32.49 -44.94 -6.55
C ASP A 684 31.76 -45.93 -5.65
N GLU A 685 30.65 -45.50 -5.03
CA GLU A 685 29.86 -46.37 -4.18
C GLU A 685 29.19 -47.49 -4.97
N SER A 686 29.06 -47.33 -6.29
CA SER A 686 28.51 -48.40 -7.10
C SER A 686 29.46 -49.59 -7.25
N LYS A 687 30.71 -49.46 -6.80
CA LYS A 687 31.73 -50.47 -7.05
C LYS A 687 31.88 -51.47 -5.91
N ASN A 688 31.31 -51.22 -4.73
CA ASN A 688 31.37 -52.19 -3.65
C ASN A 688 30.23 -53.19 -3.70
N TYR A 689 29.26 -53.00 -4.58
CA TYR A 689 28.18 -53.96 -4.82
C TYR A 689 28.60 -54.83 -5.99
N GLU A 690 29.08 -56.04 -5.70
CA GLU A 690 29.54 -56.92 -6.77
C GLU A 690 28.40 -57.28 -7.71
N ASP A 691 27.22 -57.57 -7.17
CA ASP A 691 26.07 -57.94 -7.97
C ASP A 691 25.39 -56.67 -8.45
N ARG A 692 25.59 -56.33 -9.73
CA ARG A 692 24.95 -55.15 -10.29
C ARG A 692 23.43 -55.31 -10.36
N LYS A 693 22.91 -56.53 -10.24
CA LYS A 693 21.48 -56.75 -10.17
C LYS A 693 20.90 -56.41 -8.81
N SER A 694 21.73 -56.20 -7.79
CA SER A 694 21.29 -55.73 -6.49
C SER A 694 21.48 -54.24 -6.30
N TRP A 695 22.43 -53.63 -7.02
CA TRP A 695 22.55 -52.19 -7.01
C TRP A 695 21.29 -51.54 -7.60
N VAL A 696 20.63 -52.23 -8.53
CA VAL A 696 19.35 -51.74 -9.05
C VAL A 696 18.32 -51.66 -7.93
N GLU A 697 18.23 -52.72 -7.13
CA GLU A 697 17.30 -52.72 -6.00
C GLU A 697 17.66 -51.63 -5.00
N TYR A 698 18.96 -51.45 -4.74
CA TYR A 698 19.38 -50.42 -3.80
C TYR A 698 18.99 -49.03 -4.30
N LEU A 699 19.26 -48.74 -5.57
CA LEU A 699 19.08 -47.40 -6.11
C LEU A 699 17.65 -47.14 -6.60
N SER A 700 16.82 -48.17 -6.74
CA SER A 700 15.45 -47.97 -7.19
C SER A 700 14.55 -47.42 -6.09
N LEU A 701 15.01 -47.36 -4.85
CA LEU A 701 14.23 -46.84 -3.73
C LEU A 701 14.69 -45.48 -3.25
N GLU A 702 16.00 -45.21 -3.29
CA GLU A 702 16.51 -43.93 -2.80
C GLU A 702 16.01 -42.79 -3.68
N THR A 703 15.64 -41.67 -3.04
CA THR A 703 15.10 -40.52 -3.75
C THR A 703 16.19 -39.54 -4.16
N THR A 704 16.98 -39.06 -3.19
CA THR A 704 17.99 -38.06 -3.50
C THR A 704 19.07 -38.62 -4.42
N ARG A 705 19.42 -39.90 -4.27
CA ARG A 705 20.42 -40.49 -5.16
C ARG A 705 19.93 -40.50 -6.59
N LYS A 706 18.67 -40.90 -6.81
CA LYS A 706 18.11 -40.89 -8.15
C LYS A 706 17.99 -39.47 -8.68
N GLU A 707 17.68 -38.52 -7.82
CA GLU A 707 17.61 -37.12 -8.25
C GLU A 707 18.97 -36.64 -8.72
N ILE A 708 20.04 -36.99 -8.00
CA ILE A 708 21.39 -36.60 -8.42
C ILE A 708 21.73 -37.24 -9.76
N VAL A 709 21.44 -38.53 -9.91
CA VAL A 709 21.76 -39.20 -11.17
C VAL A 709 20.98 -38.59 -12.32
N MET A 710 19.71 -38.25 -12.09
CA MET A 710 18.89 -37.67 -13.14
C MET A 710 19.37 -36.27 -13.51
N ALA A 711 19.71 -35.45 -12.51
CA ALA A 711 20.26 -34.13 -12.81
C ALA A 711 21.60 -34.24 -13.53
N MET A 712 22.33 -35.32 -13.29
CA MET A 712 23.61 -35.52 -13.97
C MET A 712 23.41 -35.91 -15.42
N MET A 713 22.50 -36.85 -15.69
CA MET A 713 22.19 -37.18 -17.08
C MET A 713 21.45 -36.07 -17.79
N MET A 714 20.91 -35.09 -17.04
CA MET A 714 20.34 -33.91 -17.68
C MET A 714 21.40 -33.14 -18.44
N THR A 715 22.58 -32.96 -17.84
CA THR A 715 23.66 -32.22 -18.47
C THR A 715 24.63 -33.11 -19.22
N ALA A 716 24.55 -34.44 -19.05
CA ALA A 716 25.40 -35.32 -19.83
C ALA A 716 24.88 -35.55 -21.24
N CYS A 717 23.66 -35.09 -21.56
CA CYS A 717 23.09 -35.24 -22.89
C CYS A 717 23.02 -33.94 -23.67
N ASP A 718 22.77 -32.81 -23.01
CA ASP A 718 22.79 -31.53 -23.71
C ASP A 718 24.21 -31.17 -24.17
N LEU A 719 25.22 -31.68 -23.46
CA LEU A 719 26.61 -31.52 -23.88
C LEU A 719 27.01 -32.52 -24.95
N SER A 720 26.05 -33.21 -25.55
CA SER A 720 26.33 -34.22 -26.57
C SER A 720 26.65 -33.52 -27.89
N ALA A 721 26.71 -34.32 -28.96
CA ALA A 721 27.15 -33.86 -30.28
C ALA A 721 28.66 -33.70 -30.31
N ILE A 722 29.32 -33.87 -29.16
CA ILE A 722 30.76 -34.04 -29.12
C ILE A 722 31.14 -35.52 -29.18
N THR A 723 30.19 -36.42 -28.90
CA THR A 723 30.43 -37.86 -28.96
C THR A 723 29.92 -38.47 -30.26
N LYS A 724 29.52 -37.65 -31.22
CA LYS A 724 29.02 -38.15 -32.49
C LYS A 724 30.16 -38.25 -33.49
N PRO A 725 29.95 -38.98 -34.60
CA PRO A 725 31.03 -39.16 -35.57
C PRO A 725 31.55 -37.82 -36.06
N TRP A 726 32.85 -37.79 -36.36
CA TRP A 726 33.53 -36.52 -36.63
C TRP A 726 32.89 -35.75 -37.78
N GLU A 727 32.28 -36.46 -38.74
CA GLU A 727 31.62 -35.76 -39.84
C GLU A 727 30.51 -34.86 -39.31
N VAL A 728 29.66 -35.38 -38.43
CA VAL A 728 28.63 -34.56 -37.82
C VAL A 728 29.23 -33.56 -36.85
N GLN A 729 30.29 -33.97 -36.15
CA GLN A 729 30.88 -33.13 -35.12
C GLN A 729 31.43 -31.83 -35.71
N SER A 730 32.07 -31.91 -36.88
CA SER A 730 32.64 -30.72 -37.47
C SER A 730 31.55 -29.69 -37.78
N LYS A 731 30.45 -30.14 -38.38
CA LYS A 731 29.37 -29.22 -38.71
C LYS A 731 28.71 -28.66 -37.46
N VAL A 732 28.52 -29.49 -36.43
CA VAL A 732 27.92 -29.00 -35.19
C VAL A 732 28.83 -27.96 -34.55
N ALA A 733 30.13 -28.22 -34.53
CA ALA A 733 31.07 -27.26 -33.97
C ALA A 733 31.06 -25.96 -34.76
N LEU A 734 30.97 -26.05 -36.09
CA LEU A 734 30.91 -24.84 -36.90
C LEU A 734 29.66 -24.03 -36.56
N LEU A 735 28.52 -24.70 -36.41
CA LEU A 735 27.29 -23.98 -36.05
C LEU A 735 27.42 -23.32 -34.68
N VAL A 736 27.98 -24.04 -33.71
CA VAL A 736 28.14 -23.47 -32.37
C VAL A 736 29.06 -22.26 -32.41
N ALA A 737 30.18 -22.37 -33.15
CA ALA A 737 31.10 -21.26 -33.27
C ALA A 737 30.44 -20.07 -33.96
N ALA A 738 29.61 -20.34 -34.97
CA ALA A 738 28.90 -19.26 -35.64
C ALA A 738 27.97 -18.53 -34.67
N GLU A 739 27.25 -19.29 -33.83
CA GLU A 739 26.37 -18.65 -32.85
C GLU A 739 27.17 -17.82 -31.86
N PHE A 740 28.31 -18.34 -31.40
CA PHE A 740 29.13 -17.60 -30.46
C PHE A 740 29.68 -16.33 -31.10
N TRP A 741 30.10 -16.42 -32.36
CA TRP A 741 30.59 -15.24 -33.08
C TRP A 741 29.47 -14.22 -33.26
N GLU A 742 28.26 -14.67 -33.53
CA GLU A 742 27.13 -13.75 -33.63
C GLU A 742 26.91 -13.02 -32.32
N GLN A 743 26.95 -13.76 -31.20
CA GLN A 743 26.80 -13.12 -29.90
C GLN A 743 27.92 -12.11 -29.65
N GLY A 744 29.16 -12.47 -30.00
CA GLY A 744 30.27 -11.57 -29.78
C GLY A 744 30.17 -10.30 -30.61
N ASP A 745 29.81 -10.44 -31.88
CA ASP A 745 29.61 -9.26 -32.73
C ASP A 745 28.49 -8.39 -32.18
N LEU A 746 27.40 -9.02 -31.72
CA LEU A 746 26.31 -8.28 -31.10
C LEU A 746 26.69 -7.70 -29.75
N GLU A 747 27.84 -8.09 -29.18
CA GLU A 747 28.25 -7.62 -27.87
C GLU A 747 29.19 -6.41 -27.93
N ARG A 748 29.91 -6.21 -29.01
CA ARG A 748 30.84 -5.09 -29.12
C ARG A 748 30.20 -3.82 -29.66
N THR A 749 28.91 -3.85 -29.97
CA THR A 749 28.18 -2.67 -30.40
C THR A 749 27.09 -2.27 -29.40
N VAL A 750 26.30 -3.23 -28.94
CA VAL A 750 25.27 -2.93 -27.95
C VAL A 750 25.90 -2.62 -26.61
N LEU A 751 26.89 -3.43 -26.20
CA LEU A 751 27.57 -3.23 -24.92
C LEU A 751 28.90 -2.50 -25.05
N ASP A 752 29.49 -2.48 -26.24
CA ASP A 752 30.74 -1.76 -26.48
C ASP A 752 31.85 -2.26 -25.56
N GLN A 753 31.98 -3.57 -25.46
CA GLN A 753 33.02 -4.23 -24.69
C GLN A 753 33.89 -5.08 -25.61
N GLN A 754 34.84 -5.80 -25.01
CA GLN A 754 35.73 -6.67 -25.76
C GLN A 754 35.33 -8.12 -25.52
N PRO A 755 34.85 -8.86 -26.52
CA PRO A 755 34.45 -10.25 -26.28
C PRO A 755 35.64 -11.14 -25.95
N ILE A 756 35.33 -12.22 -25.24
CA ILE A 756 36.29 -13.24 -24.84
C ILE A 756 36.75 -13.97 -26.11
N PRO A 757 37.91 -14.64 -26.10
CA PRO A 757 38.50 -15.06 -27.38
C PRO A 757 37.61 -15.96 -28.22
N MET A 758 36.80 -16.82 -27.61
CA MET A 758 35.94 -17.68 -28.42
C MET A 758 34.77 -16.92 -29.02
N MET A 759 34.53 -15.68 -28.60
CA MET A 759 33.45 -14.85 -29.11
C MET A 759 33.95 -13.81 -30.11
N ASP A 760 35.22 -13.86 -30.49
CA ASP A 760 35.76 -12.96 -31.50
C ASP A 760 35.66 -13.62 -32.86
N ARG A 761 34.92 -12.99 -33.78
CA ARG A 761 34.74 -13.58 -35.10
C ARG A 761 36.06 -13.64 -35.85
N ASN A 762 36.96 -12.68 -35.63
CA ASN A 762 38.27 -12.69 -36.27
C ASN A 762 39.23 -13.68 -35.62
N LYS A 763 38.86 -14.27 -34.49
CA LYS A 763 39.66 -15.30 -33.83
C LYS A 763 39.21 -16.70 -34.22
N ALA A 764 38.64 -16.85 -35.42
CA ALA A 764 38.10 -18.15 -35.83
C ALA A 764 39.19 -19.17 -36.13
N ALA A 765 40.40 -18.72 -36.47
CA ALA A 765 41.46 -19.66 -36.81
C ALA A 765 41.80 -20.55 -35.64
N GLU A 766 41.85 -19.98 -34.42
CA GLU A 766 42.20 -20.71 -33.21
C GLU A 766 40.95 -21.38 -32.62
N LEU A 767 40.23 -22.09 -33.50
CA LEU A 767 39.04 -22.83 -33.09
C LEU A 767 39.40 -24.19 -32.48
N PRO A 768 40.23 -25.00 -33.15
CA PRO A 768 40.46 -26.36 -32.64
C PRO A 768 41.06 -26.40 -31.24
N LYS A 769 41.97 -25.48 -30.92
CA LYS A 769 42.55 -25.48 -29.58
C LYS A 769 41.51 -25.15 -28.52
N LEU A 770 40.58 -24.24 -28.84
CA LEU A 770 39.46 -23.99 -27.93
C LEU A 770 38.62 -25.24 -27.75
N GLN A 771 38.43 -26.00 -28.84
CA GLN A 771 37.63 -27.22 -28.74
C GLN A 771 38.31 -28.26 -27.84
N VAL A 772 39.62 -28.44 -28.00
CA VAL A 772 40.29 -29.43 -27.14
C VAL A 772 40.33 -28.95 -25.70
N GLY A 773 40.46 -27.64 -25.47
CA GLY A 773 40.38 -27.13 -24.11
C GLY A 773 39.02 -27.35 -23.49
N PHE A 774 37.95 -27.16 -24.29
CA PHE A 774 36.60 -27.41 -23.81
C PHE A 774 36.39 -28.89 -23.49
N ILE A 775 36.93 -29.77 -24.34
CA ILE A 775 36.70 -31.20 -24.17
C ILE A 775 37.32 -31.69 -22.86
N ASP A 776 38.57 -31.28 -22.60
CA ASP A 776 39.31 -31.80 -21.45
C ASP A 776 38.93 -31.14 -20.13
N PHE A 777 38.07 -30.11 -20.16
CA PHE A 777 37.69 -29.40 -18.96
C PHE A 777 36.23 -29.63 -18.58
N VAL A 778 35.30 -29.35 -19.48
CA VAL A 778 33.88 -29.53 -19.19
C VAL A 778 33.43 -30.95 -19.47
N CYS A 779 33.81 -31.48 -20.63
CA CYS A 779 33.47 -32.85 -21.02
C CYS A 779 34.43 -33.82 -20.33
N THR A 780 34.42 -35.07 -20.80
CA THR A 780 35.32 -36.14 -20.31
C THR A 780 35.22 -36.32 -18.80
N PHE A 781 34.15 -35.83 -18.18
CA PHE A 781 33.80 -36.17 -16.81
C PHE A 781 32.44 -36.86 -16.73
N VAL A 782 31.42 -36.27 -17.34
CA VAL A 782 30.14 -36.99 -17.48
C VAL A 782 30.32 -38.20 -18.37
N TYR A 783 31.23 -38.13 -19.34
CA TYR A 783 31.44 -39.22 -20.28
C TYR A 783 32.45 -40.25 -19.77
N LYS A 784 33.13 -39.98 -18.66
CA LYS A 784 34.00 -40.96 -18.01
C LYS A 784 33.33 -41.62 -16.82
N GLU A 785 32.66 -40.84 -15.98
CA GLU A 785 31.96 -41.42 -14.84
C GLU A 785 30.82 -42.34 -15.29
N PHE A 786 30.06 -41.93 -16.30
CA PHE A 786 28.99 -42.78 -16.81
C PHE A 786 29.55 -44.01 -17.51
N SER A 787 30.70 -43.87 -18.17
CA SER A 787 31.36 -45.05 -18.74
C SER A 787 31.79 -46.00 -17.63
N ARG A 788 32.30 -45.46 -16.53
CA ARG A 788 32.67 -46.30 -15.39
C ARG A 788 31.43 -46.83 -14.68
N PHE A 789 30.37 -46.02 -14.60
CA PHE A 789 29.13 -46.46 -13.97
C PHE A 789 28.48 -47.60 -14.75
N HIS A 790 28.31 -47.40 -16.05
CA HIS A 790 27.80 -48.43 -16.95
C HIS A 790 28.77 -48.61 -18.10
N GLU A 791 29.15 -49.86 -18.38
CA GLU A 791 29.89 -50.17 -19.59
C GLU A 791 29.01 -50.11 -20.84
N GLU A 792 27.70 -50.06 -20.68
CA GLU A 792 26.79 -49.99 -21.81
C GLU A 792 26.94 -48.70 -22.60
N ILE A 793 27.53 -47.66 -21.99
CA ILE A 793 27.55 -46.32 -22.58
C ILE A 793 28.99 -45.92 -22.89
N LEU A 794 29.81 -46.89 -23.27
CA LEU A 794 31.20 -46.67 -23.61
C LEU A 794 31.38 -46.01 -24.98
N PRO A 795 30.53 -46.33 -25.97
CA PRO A 795 30.76 -45.77 -27.31
C PRO A 795 30.80 -44.25 -27.34
N MET A 796 29.98 -43.57 -26.54
CA MET A 796 30.03 -42.11 -26.54
C MET A 796 31.38 -41.61 -26.04
N PHE A 797 31.92 -42.24 -25.01
CA PHE A 797 33.24 -41.86 -24.52
C PHE A 797 34.32 -42.12 -25.56
N ASP A 798 34.24 -43.27 -26.24
CA ASP A 798 35.24 -43.58 -27.27
C ASP A 798 35.19 -42.56 -28.40
N ARG A 799 33.99 -42.23 -28.86
CA ARG A 799 33.86 -41.23 -29.92
C ARG A 799 34.29 -39.84 -29.44
N LEU A 800 34.04 -39.52 -28.17
CA LEU A 800 34.52 -38.26 -27.62
C LEU A 800 36.04 -38.19 -27.68
N GLN A 801 36.71 -39.26 -27.29
CA GLN A 801 38.17 -39.28 -27.35
C GLN A 801 38.65 -39.17 -28.80
N ASN A 802 37.96 -39.84 -29.72
CA ASN A 802 38.34 -39.75 -31.13
C ASN A 802 38.23 -38.30 -31.64
N ASN A 803 37.12 -37.64 -31.33
CA ASN A 803 36.95 -36.25 -31.75
C ASN A 803 37.99 -35.35 -31.09
N ARG A 804 38.30 -35.61 -29.82
CA ARG A 804 39.33 -34.83 -29.14
C ARG A 804 40.67 -34.97 -29.85
N LYS A 805 41.02 -36.19 -30.26
CA LYS A 805 42.29 -36.39 -30.95
C LYS A 805 42.28 -35.71 -32.33
N GLU A 806 41.14 -35.76 -33.02
CA GLU A 806 41.05 -35.05 -34.31
C GLU A 806 41.24 -33.54 -34.13
N TRP A 807 40.57 -32.96 -33.13
CA TRP A 807 40.71 -31.53 -32.91
C TRP A 807 42.10 -31.17 -32.44
N LYS A 808 42.75 -32.05 -31.66
CA LYS A 808 44.14 -31.82 -31.29
C LYS A 808 45.05 -31.86 -32.51
N ALA A 809 44.77 -32.76 -33.46
CA ALA A 809 45.55 -32.80 -34.68
C ALA A 809 45.39 -31.49 -35.47
N LEU A 810 44.16 -30.98 -35.57
CA LEU A 810 43.96 -29.71 -36.25
C LEU A 810 44.67 -28.57 -35.51
N ALA A 811 44.61 -28.59 -34.18
CA ALA A 811 45.29 -27.56 -33.40
C ALA A 811 46.80 -27.61 -33.62
N ASP A 812 47.37 -28.82 -33.69
CA ASP A 812 48.79 -28.95 -33.99
C ASP A 812 49.11 -28.48 -35.40
N GLU A 813 48.21 -28.72 -36.36
CA GLU A 813 48.42 -28.21 -37.71
C GLU A 813 48.49 -26.69 -37.70
N TYR A 814 47.56 -26.04 -36.99
CA TYR A 814 47.61 -24.58 -36.92
C TYR A 814 48.84 -24.09 -36.15
N GLU A 815 49.26 -24.83 -35.12
CA GLU A 815 50.48 -24.48 -34.41
C GLU A 815 51.68 -24.53 -35.35
N ALA A 816 51.73 -25.56 -36.21
CA ALA A 816 52.79 -25.65 -37.20
C ALA A 816 52.72 -24.48 -38.19
N LYS A 817 51.51 -24.10 -38.58
CA LYS A 817 51.37 -22.96 -39.50
C LYS A 817 51.92 -21.68 -38.88
N VAL A 818 51.54 -21.41 -37.63
CA VAL A 818 52.03 -20.20 -36.97
C VAL A 818 53.53 -20.28 -36.72
N LYS A 819 54.04 -21.48 -36.42
CA LYS A 819 55.48 -21.65 -36.25
C LYS A 819 56.21 -21.35 -37.55
N ALA A 820 55.68 -21.81 -38.68
CA ALA A 820 56.27 -21.46 -39.97
C ALA A 820 56.23 -19.96 -40.19
N LEU A 821 55.12 -19.31 -39.82
CA LEU A 821 55.06 -17.85 -39.86
C LEU A 821 56.15 -17.23 -39.00
N GLU A 822 56.53 -17.90 -37.90
CA GLU A 822 57.57 -17.38 -37.02
C GLU A 822 58.97 -17.72 -37.52
N GLU A 823 59.15 -18.88 -38.15
CA GLU A 823 60.46 -19.36 -38.58
C GLU A 823 60.38 -19.86 -40.02
N ASP A 824 59.79 -19.07 -40.90
CA ASP A 824 59.69 -19.41 -42.31
C ASP A 824 61.08 -19.50 -42.93
N GLU B 8 -19.20 57.97 74.71
CA GLU B 8 -17.84 57.58 74.36
C GLU B 8 -17.76 56.07 74.15
N VAL B 9 -17.60 55.34 75.26
CA VAL B 9 -17.52 53.87 75.20
C VAL B 9 -18.87 53.21 75.06
N GLU B 10 -19.95 53.99 74.96
CA GLU B 10 -21.30 53.44 74.87
C GLU B 10 -21.69 53.14 73.42
N LYS B 11 -20.84 52.39 72.72
CA LYS B 11 -21.15 51.88 71.39
C LYS B 11 -21.74 50.48 71.54
N PHE B 12 -22.97 50.45 72.07
CA PHE B 12 -23.57 49.19 72.48
C PHE B 12 -23.80 48.25 71.31
N LEU B 13 -23.88 48.77 70.09
CA LEU B 13 -24.00 47.88 68.94
C LEU B 13 -22.76 46.99 68.82
N ASP B 14 -21.58 47.57 69.03
CA ASP B 14 -20.37 46.76 69.10
C ASP B 14 -20.36 45.88 70.35
N SER B 15 -20.87 46.40 71.46
CA SER B 15 -20.87 45.65 72.70
C SER B 15 -21.69 44.37 72.58
N ASN B 16 -22.92 44.48 72.09
CA ASN B 16 -23.77 43.32 71.93
C ASN B 16 -23.23 42.41 70.82
N VAL B 17 -23.49 41.11 70.95
CA VAL B 17 -22.86 40.13 70.09
C VAL B 17 -23.44 40.21 68.68
N SER B 18 -22.64 39.74 67.71
CA SER B 18 -23.08 39.42 66.36
C SER B 18 -23.34 40.65 65.50
N PHE B 19 -22.73 41.80 65.82
CA PHE B 19 -22.75 42.95 64.93
C PHE B 19 -21.35 43.31 64.43
N ALA B 20 -20.40 43.51 65.33
CA ALA B 20 -19.06 43.88 64.93
C ALA B 20 -18.39 42.79 64.09
N LYS B 21 -18.92 41.56 64.13
CA LYS B 21 -18.37 40.49 63.31
C LYS B 21 -18.54 40.81 61.82
N GLN B 22 -19.74 41.27 61.44
CA GLN B 22 -20.05 41.54 60.04
C GLN B 22 -19.45 42.85 59.54
N TYR B 23 -18.85 43.64 60.42
CA TYR B 23 -18.06 44.81 60.02
C TYR B 23 -16.57 44.48 59.95
N TYR B 24 -16.08 43.74 60.94
CA TYR B 24 -14.70 43.28 60.90
C TYR B 24 -14.46 42.42 59.66
N ASN B 25 -15.44 41.61 59.28
CA ASN B 25 -15.31 40.88 58.02
C ASN B 25 -15.08 41.89 56.90
N LEU B 26 -16.09 42.70 56.63
CA LEU B 26 -16.03 43.63 55.49
C LEU B 26 -14.72 44.39 55.43
N ARG B 27 -14.14 44.73 56.59
CA ARG B 27 -12.94 45.56 56.56
C ARG B 27 -11.64 44.74 56.49
N TYR B 28 -11.41 43.87 57.48
CA TYR B 28 -10.11 43.22 57.63
C TYR B 28 -10.08 41.77 57.18
N ARG B 29 -11.13 41.27 56.50
CA ARG B 29 -11.15 39.88 56.12
C ARG B 29 -10.12 39.58 55.02
N ALA B 30 -9.90 40.52 54.11
CA ALA B 30 -8.92 40.30 53.06
C ALA B 30 -7.50 40.25 53.62
N LYS B 31 -7.17 41.16 54.54
CA LYS B 31 -5.83 41.15 55.13
C LYS B 31 -5.65 40.01 56.12
N VAL B 32 -6.74 39.50 56.70
CA VAL B 32 -6.63 38.29 57.51
C VAL B 32 -6.33 37.08 56.63
N ILE B 33 -6.75 37.12 55.36
CA ILE B 33 -6.59 35.98 54.46
C ILE B 33 -5.35 36.19 53.59
N SER B 34 -5.04 37.44 53.27
CA SER B 34 -3.94 37.71 52.34
C SER B 34 -2.61 37.23 52.90
N ASP B 35 -2.34 37.50 54.17
CA ASP B 35 -1.05 37.10 54.74
C ASP B 35 -0.94 35.59 54.91
N LEU B 36 -2.06 34.93 55.23
CA LEU B 36 -2.01 33.48 55.46
C LEU B 36 -1.58 32.73 54.21
N LEU B 37 -2.08 33.12 53.05
CA LEU B 37 -1.76 32.44 51.80
C LEU B 37 -0.44 32.91 51.20
N GLY B 38 0.25 33.85 51.85
CA GLY B 38 1.52 34.33 51.36
C GLY B 38 2.62 33.32 51.60
N PRO B 39 3.85 33.80 51.79
CA PRO B 39 4.99 32.89 52.04
C PRO B 39 5.28 32.63 53.51
N ARG B 40 4.45 33.09 54.43
CA ARG B 40 4.76 32.97 55.85
C ARG B 40 4.77 31.51 56.28
N GLU B 41 5.70 31.17 57.16
CA GLU B 41 5.81 29.82 57.70
C GLU B 41 4.71 29.57 58.72
N ALA B 42 4.43 28.28 58.94
CA ALA B 42 3.37 27.90 59.87
C ALA B 42 3.70 28.33 61.28
N ALA B 43 2.66 28.69 62.04
CA ALA B 43 2.79 29.13 63.42
C ALA B 43 2.35 28.02 64.38
N VAL B 44 2.63 26.77 64.02
CA VAL B 44 2.25 25.61 64.82
C VAL B 44 3.50 25.08 65.49
N ASP B 45 3.47 25.01 66.82
CA ASP B 45 4.62 24.51 67.56
C ASP B 45 4.74 23.00 67.38
N PHE B 46 5.94 22.54 67.00
CA PHE B 46 6.18 21.12 66.78
C PHE B 46 6.98 20.47 67.91
N SER B 47 7.62 21.26 68.77
CA SER B 47 8.37 20.68 69.89
C SER B 47 7.45 19.89 70.81
N ASN B 48 6.32 20.49 71.19
CA ASN B 48 5.31 19.75 71.92
C ASN B 48 4.69 18.68 71.01
N TYR B 49 4.29 17.56 71.60
CA TYR B 49 3.94 16.37 70.83
C TYR B 49 2.45 16.10 70.80
N HIS B 50 1.78 16.13 71.95
CA HIS B 50 0.33 15.91 72.01
C HIS B 50 -0.41 17.25 72.00
N ALA B 51 -0.21 17.98 70.90
CA ALA B 51 -0.80 19.32 70.79
C ALA B 51 -2.32 19.26 70.78
N LEU B 52 -2.89 18.31 70.03
CA LEU B 52 -4.33 18.13 69.85
C LEU B 52 -4.93 19.21 68.95
N ASN B 53 -4.13 20.22 68.60
CA ASN B 53 -4.46 21.15 67.51
C ASN B 53 -5.83 21.80 67.73
N SER B 54 -5.89 22.62 68.78
CA SER B 54 -7.15 23.29 69.13
C SER B 54 -7.55 24.30 68.05
N VAL B 55 -6.74 25.35 67.87
CA VAL B 55 -6.95 26.31 66.80
C VAL B 55 -5.82 26.30 65.78
N GLU B 56 -4.65 25.76 66.13
CA GLU B 56 -3.55 25.60 65.17
C GLU B 56 -3.85 24.53 64.13
N GLU B 57 -4.93 23.77 64.30
CA GLU B 57 -5.37 22.85 63.25
C GLU B 57 -5.65 23.62 61.96
N SER B 58 -6.26 24.81 62.08
CA SER B 58 -6.50 25.63 60.90
C SER B 58 -5.19 26.17 60.32
N GLU B 59 -4.23 26.52 61.19
CA GLU B 59 -2.96 27.05 60.71
C GLU B 59 -2.22 26.01 59.87
N ILE B 60 -2.24 24.75 60.30
CA ILE B 60 -1.57 23.70 59.53
C ILE B 60 -2.33 23.36 58.26
N ILE B 61 -3.65 23.59 58.23
CA ILE B 61 -4.41 23.37 57.01
C ILE B 61 -4.05 24.42 55.96
N PHE B 62 -3.87 25.67 56.39
CA PHE B 62 -3.51 26.72 55.44
C PHE B 62 -2.15 26.45 54.82
N ASP B 63 -1.20 25.94 55.60
CA ASP B 63 0.10 25.58 55.05
C ASP B 63 -0.04 24.51 53.99
N LEU B 64 -0.95 23.56 54.20
CA LEU B 64 -1.17 22.50 53.21
C LEU B 64 -1.72 23.09 51.91
N LEU B 65 -2.62 24.07 52.01
CA LEU B 65 -3.15 24.76 50.85
C LEU B 65 -2.20 25.81 50.31
N ARG B 66 -1.08 26.07 50.99
CA ARG B 66 -0.16 27.12 50.60
C ARG B 66 0.75 26.72 49.45
N ASP B 67 0.83 25.44 49.11
CA ASP B 67 1.69 24.95 48.05
C ASP B 67 0.92 24.50 46.81
N PHE B 68 -0.34 24.92 46.69
CA PHE B 68 -1.13 24.62 45.50
C PHE B 68 -0.92 25.62 44.38
N GLN B 69 -0.05 26.61 44.57
CA GLN B 69 0.25 27.55 43.50
C GLN B 69 0.76 26.80 42.27
N ASP B 70 0.73 27.47 41.13
CA ASP B 70 1.05 26.83 39.86
C ASP B 70 2.55 26.65 39.68
N ASN B 71 3.21 26.06 40.67
CA ASN B 71 4.61 25.61 40.54
C ASN B 71 4.66 24.28 41.28
N LEU B 72 4.38 23.20 40.55
CA LEU B 72 4.19 21.89 41.14
C LEU B 72 5.18 20.89 40.54
N GLN B 73 5.79 20.08 41.40
CA GLN B 73 6.61 18.97 40.97
C GLN B 73 6.18 17.65 41.60
N ALA B 74 5.19 17.67 42.49
CA ALA B 74 4.59 16.49 43.11
C ALA B 74 5.55 15.74 44.03
N GLU B 75 6.72 16.30 44.32
CA GLU B 75 7.67 15.72 45.26
C GLU B 75 7.80 16.51 46.54
N LYS B 76 8.05 17.82 46.43
CA LYS B 76 8.18 18.64 47.63
C LYS B 76 6.88 18.72 48.41
N CYS B 77 5.74 18.86 47.71
CA CYS B 77 4.47 19.03 48.40
C CYS B 77 4.08 17.77 49.15
N VAL B 78 4.19 16.60 48.51
CA VAL B 78 3.87 15.35 49.19
C VAL B 78 4.82 15.12 50.35
N PHE B 79 6.09 15.49 50.18
CA PHE B 79 7.06 15.32 51.26
C PHE B 79 6.70 16.20 52.46
N ASN B 80 6.27 17.44 52.21
CA ASN B 80 5.82 18.30 53.29
C ASN B 80 4.58 17.73 53.97
N VAL B 81 3.64 17.22 53.18
CA VAL B 81 2.44 16.61 53.74
C VAL B 81 2.82 15.46 54.65
N MET B 82 3.77 14.63 54.23
CA MET B 82 4.19 13.50 55.06
C MET B 82 4.93 13.98 56.30
N LYS B 83 5.73 15.04 56.18
CA LYS B 83 6.37 15.60 57.38
C LYS B 83 5.33 15.99 58.41
N LYS B 84 4.28 16.71 57.98
CA LYS B 84 3.26 17.10 58.93
C LYS B 84 2.47 15.91 59.46
N LEU B 85 2.22 14.91 58.61
CA LEU B 85 1.46 13.74 59.03
C LEU B 85 2.23 12.92 60.06
N CYS B 86 3.57 12.89 59.96
CA CYS B 86 4.35 12.22 60.99
C CYS B 86 4.11 12.83 62.36
N PHE B 87 3.82 14.13 62.42
CA PHE B 87 3.53 14.77 63.70
C PHE B 87 2.07 14.55 64.10
N LEU B 88 1.14 14.69 63.16
CA LEU B 88 -0.27 14.47 63.48
C LEU B 88 -0.53 13.02 63.86
N LEU B 89 0.05 12.07 63.12
CA LEU B 89 -0.20 10.66 63.36
C LEU B 89 0.51 10.13 64.60
N GLN B 90 1.38 10.91 65.22
CA GLN B 90 2.14 10.44 66.38
C GLN B 90 2.94 9.19 66.03
N ALA B 91 3.52 9.18 64.83
CA ALA B 91 4.32 8.05 64.35
C ALA B 91 5.46 8.58 63.50
N ASP B 92 6.48 7.75 63.32
CA ASP B 92 7.70 8.12 62.64
C ASP B 92 7.91 7.25 61.41
N ARG B 93 8.83 7.70 60.55
CA ARG B 93 9.30 6.91 59.40
C ARG B 93 8.14 6.51 58.49
N MET B 94 7.52 7.52 57.88
CA MET B 94 6.62 7.27 56.78
C MET B 94 7.41 6.95 55.51
N SER B 95 6.73 6.38 54.53
CA SER B 95 7.38 6.05 53.27
C SER B 95 6.33 5.99 52.16
N LEU B 96 6.65 6.57 51.01
CA LEU B 96 5.75 6.61 49.86
C LEU B 96 6.20 5.55 48.87
N PHE B 97 5.45 4.44 48.81
CA PHE B 97 5.76 3.34 47.90
C PHE B 97 5.03 3.59 46.58
N MET B 98 5.79 3.92 45.53
CA MET B 98 5.19 4.19 44.25
C MET B 98 4.65 2.89 43.63
N TYR B 99 3.80 3.05 42.62
CA TYR B 99 3.15 1.93 41.94
C TYR B 99 3.49 1.98 40.46
N ARG B 100 4.04 0.89 39.95
CA ARG B 100 4.29 0.73 38.52
C ARG B 100 4.02 -0.72 38.14
N ALA B 101 3.95 -0.97 36.84
CA ALA B 101 3.69 -2.31 36.33
C ALA B 101 4.55 -2.58 35.11
N ARG B 102 5.17 -3.75 35.07
CA ARG B 102 5.95 -4.19 33.92
C ARG B 102 5.59 -5.63 33.58
N ASN B 103 5.59 -5.94 32.29
CA ASN B 103 5.34 -7.28 31.79
C ASN B 103 3.98 -7.83 32.21
N GLY B 104 3.04 -6.94 32.55
CA GLY B 104 1.73 -7.35 33.01
C GLY B 104 1.63 -7.67 34.48
N ILE B 105 2.74 -7.65 35.21
CA ILE B 105 2.76 -7.88 36.65
C ILE B 105 3.18 -6.58 37.33
N ALA B 106 2.42 -6.17 38.34
CA ALA B 106 2.65 -4.89 38.98
C ALA B 106 3.82 -4.99 39.97
N GLU B 107 4.45 -3.85 40.20
CA GLU B 107 5.51 -3.70 41.19
C GLU B 107 5.14 -2.56 42.13
N LEU B 108 5.96 -2.37 43.16
CA LEU B 108 5.73 -1.31 44.14
C LEU B 108 7.10 -0.83 44.63
N ALA B 109 7.59 0.24 44.01
CA ALA B 109 8.92 0.75 44.28
C ALA B 109 8.86 1.99 45.17
N THR B 110 9.79 2.07 46.12
CA THR B 110 9.83 3.20 47.03
C THR B 110 10.30 4.46 46.32
N ARG B 111 9.74 5.60 46.74
CA ARG B 111 10.15 6.91 46.26
C ARG B 111 10.60 7.84 47.37
N LEU B 112 9.94 7.81 48.52
CA LEU B 112 10.38 8.52 49.73
C LEU B 112 10.49 7.50 50.84
N PHE B 113 11.68 7.40 51.43
CA PHE B 113 11.99 6.38 52.42
C PHE B 113 12.56 7.02 53.67
N ASN B 114 12.14 6.52 54.84
CA ASN B 114 12.61 7.02 56.13
C ASN B 114 12.35 8.52 56.24
N VAL B 115 11.07 8.89 56.21
CA VAL B 115 10.62 10.27 56.34
C VAL B 115 10.14 10.49 57.76
N HIS B 116 10.78 11.41 58.48
CA HIS B 116 10.38 11.78 59.82
C HIS B 116 10.41 13.28 59.96
N LYS B 117 9.72 13.77 61.00
CA LYS B 117 9.62 15.21 61.20
C LYS B 117 10.99 15.84 61.37
N ASP B 118 11.16 17.04 60.81
CA ASP B 118 12.44 17.74 60.82
C ASP B 118 13.50 16.97 60.04
N ALA B 119 13.21 16.75 58.76
CA ALA B 119 14.13 16.07 57.85
C ALA B 119 14.18 16.83 56.54
N VAL B 120 15.36 16.91 55.95
CA VAL B 120 15.54 17.60 54.68
C VAL B 120 15.14 16.66 53.55
N LEU B 121 14.66 17.24 52.44
CA LEU B 121 14.20 16.44 51.32
C LEU B 121 15.34 15.71 50.64
N GLU B 122 16.57 16.23 50.74
CA GLU B 122 17.69 15.60 50.06
C GLU B 122 18.01 14.22 50.63
N GLU B 123 17.78 14.02 51.92
CA GLU B 123 18.07 12.74 52.58
C GLU B 123 16.83 11.88 52.73
N CYS B 124 15.71 12.26 52.11
CA CYS B 124 14.49 11.46 52.16
C CYS B 124 13.98 11.12 50.76
N LEU B 125 14.79 11.33 49.72
CA LEU B 125 14.43 11.02 48.35
C LEU B 125 15.42 9.99 47.81
N VAL B 126 14.89 8.95 47.17
CA VAL B 126 15.69 7.85 46.66
C VAL B 126 15.70 7.92 45.13
N ALA B 127 16.89 7.90 44.55
CA ALA B 127 17.01 7.92 43.10
C ALA B 127 16.55 6.57 42.53
N PRO B 128 16.12 6.55 41.27
CA PRO B 128 15.72 5.28 40.66
C PRO B 128 16.86 4.29 40.55
N ASP B 129 18.11 4.74 40.63
CA ASP B 129 19.24 3.83 40.55
C ASP B 129 19.23 2.83 41.69
N SER B 130 18.91 3.29 42.91
CA SER B 130 18.90 2.45 44.10
C SER B 130 17.54 2.61 44.78
N GLU B 131 16.57 1.81 44.35
CA GLU B 131 15.23 1.83 44.92
C GLU B 131 14.74 0.40 45.10
N ILE B 132 14.23 0.09 46.29
CA ILE B 132 13.77 -1.26 46.58
C ILE B 132 12.43 -1.49 45.91
N VAL B 133 12.26 -2.66 45.29
CA VAL B 133 11.11 -2.97 44.46
C VAL B 133 10.51 -4.29 44.96
N PHE B 134 9.46 -4.19 45.77
CA PHE B 134 8.76 -5.38 46.23
C PHE B 134 7.71 -5.83 45.23
N PRO B 135 7.38 -7.12 45.19
CA PRO B 135 6.29 -7.60 44.35
C PRO B 135 4.93 -7.21 44.91
N LEU B 136 3.88 -7.66 44.24
CA LEU B 136 2.50 -7.36 44.62
C LEU B 136 1.84 -8.46 45.43
N ASP B 137 2.39 -9.68 45.40
CA ASP B 137 1.69 -10.85 45.92
C ASP B 137 2.14 -11.26 47.31
N MET B 138 2.99 -10.47 47.97
CA MET B 138 3.41 -10.79 49.32
C MET B 138 3.73 -9.52 50.08
N GLY B 139 3.61 -9.59 51.40
CA GLY B 139 3.78 -8.45 52.27
C GLY B 139 2.50 -7.65 52.42
N VAL B 140 2.43 -6.90 53.53
CA VAL B 140 1.27 -6.05 53.73
C VAL B 140 1.23 -4.91 52.72
N VAL B 141 2.37 -4.57 52.12
CA VAL B 141 2.34 -3.62 51.01
C VAL B 141 1.48 -4.17 49.88
N GLY B 142 1.74 -5.42 49.49
CA GLY B 142 0.89 -6.07 48.50
C GLY B 142 -0.53 -6.26 48.98
N HIS B 143 -0.72 -6.51 50.27
CA HIS B 143 -2.08 -6.66 50.80
C HIS B 143 -2.87 -5.37 50.65
N VAL B 144 -2.24 -4.23 50.94
CA VAL B 144 -2.91 -2.93 50.74
C VAL B 144 -3.16 -2.69 49.26
N ALA B 145 -2.17 -3.01 48.42
CA ALA B 145 -2.33 -2.78 46.99
C ALA B 145 -3.46 -3.60 46.40
N LEU B 146 -3.68 -4.82 46.91
CA LEU B 146 -4.73 -5.67 46.36
C LEU B 146 -6.08 -5.38 47.00
N SER B 147 -6.13 -5.22 48.33
CA SER B 147 -7.39 -4.96 49.02
C SER B 147 -7.88 -3.54 48.78
N LYS B 148 -6.99 -2.61 48.47
CA LYS B 148 -7.37 -1.24 48.13
C LYS B 148 -8.08 -0.55 49.29
N LYS B 149 -7.56 -0.74 50.50
CA LYS B 149 -8.14 -0.10 51.67
C LYS B 149 -7.07 0.04 52.75
N ILE B 150 -7.35 0.93 53.71
CA ILE B 150 -6.45 1.17 54.82
C ILE B 150 -6.44 -0.04 55.74
N VAL B 151 -5.23 -0.46 56.16
CA VAL B 151 -5.08 -1.59 57.06
C VAL B 151 -4.07 -1.21 58.15
N ASN B 152 -4.28 -1.77 59.34
CA ASN B 152 -3.35 -1.61 60.46
C ASN B 152 -3.08 -2.99 61.05
N VAL B 153 -1.80 -3.30 61.25
CA VAL B 153 -1.39 -4.62 61.73
C VAL B 153 -0.46 -4.47 62.92
N PRO B 154 -0.99 -4.29 64.14
CA PRO B 154 -0.11 -4.20 65.31
C PRO B 154 0.66 -5.50 65.53
N ASN B 155 1.87 -5.36 66.07
CA ASN B 155 2.73 -6.49 66.41
C ASN B 155 2.94 -7.38 65.18
N THR B 156 3.63 -6.78 64.20
CA THR B 156 3.84 -7.39 62.89
C THR B 156 4.25 -8.86 62.97
N GLU B 157 4.88 -9.29 64.05
CA GLU B 157 5.42 -10.64 64.12
C GLU B 157 4.36 -11.71 64.28
N GLU B 158 3.10 -11.33 64.53
CA GLU B 158 2.01 -12.30 64.73
C GLU B 158 0.87 -12.11 63.73
N ASP B 159 1.11 -11.40 62.63
CA ASP B 159 0.11 -11.21 61.60
C ASP B 159 0.54 -11.91 60.32
N GLU B 160 -0.43 -12.14 59.43
CA GLU B 160 -0.18 -12.88 58.21
C GLU B 160 0.49 -12.00 57.17
N HIS B 161 1.14 -12.65 56.22
CA HIS B 161 1.73 -12.01 55.03
C HIS B 161 2.49 -10.73 55.39
N PHE B 162 3.56 -10.91 56.17
CA PHE B 162 4.49 -9.83 56.48
C PHE B 162 5.88 -10.28 56.10
N CYS B 163 6.55 -9.52 55.25
CA CYS B 163 7.90 -9.81 54.79
C CYS B 163 8.88 -8.83 55.43
N ASP B 164 9.96 -9.36 55.99
CA ASP B 164 10.95 -8.57 56.72
C ASP B 164 12.26 -8.45 55.95
N PHE B 165 12.19 -8.40 54.62
CA PHE B 165 13.41 -8.32 53.83
C PHE B 165 14.16 -7.02 54.11
N VAL B 166 13.43 -5.90 54.23
CA VAL B 166 14.05 -4.60 54.42
C VAL B 166 14.11 -4.20 55.89
N ASP B 167 13.49 -4.97 56.79
CA ASP B 167 13.65 -4.71 58.22
C ASP B 167 15.10 -4.87 58.65
N THR B 168 15.75 -5.95 58.23
CA THR B 168 17.13 -6.20 58.58
C THR B 168 18.10 -5.51 57.64
N LEU B 169 17.68 -5.19 56.42
CA LEU B 169 18.54 -4.46 55.50
C LEU B 169 18.81 -3.05 56.02
N THR B 170 17.79 -2.39 56.58
CA THR B 170 17.91 -1.05 57.13
C THR B 170 18.04 -1.04 58.65
N GLU B 171 18.31 -2.20 59.25
CA GLU B 171 18.45 -2.33 60.70
C GLU B 171 17.36 -1.54 61.44
N TYR B 172 16.11 -1.93 61.19
CA TYR B 172 14.96 -1.32 61.84
C TYR B 172 14.11 -2.43 62.45
N GLN B 173 13.08 -2.03 63.19
CA GLN B 173 12.26 -2.95 63.96
C GLN B 173 10.82 -3.07 63.46
N THR B 174 10.16 -1.94 63.18
CA THR B 174 8.78 -1.89 62.69
C THR B 174 7.84 -2.72 63.59
N LYS B 175 7.71 -2.25 64.84
CA LYS B 175 6.79 -2.90 65.77
C LYS B 175 5.37 -2.91 65.20
N ASN B 176 4.93 -1.79 64.64
CA ASN B 176 3.56 -1.64 64.16
C ASN B 176 3.59 -1.03 62.77
N ILE B 177 2.51 -1.25 62.02
CA ILE B 177 2.40 -0.78 60.64
C ILE B 177 1.00 -0.23 60.41
N LEU B 178 0.93 0.92 59.73
CA LEU B 178 -0.34 1.47 59.26
C LEU B 178 -0.12 1.99 57.85
N ALA B 179 -0.89 1.46 56.89
CA ALA B 179 -0.75 1.83 55.49
C ALA B 179 -2.12 2.10 54.89
N SER B 180 -2.15 3.01 53.92
CA SER B 180 -3.38 3.38 53.25
C SER B 180 -3.09 3.79 51.81
N PRO B 181 -3.74 3.20 50.82
CA PRO B 181 -3.44 3.51 49.42
C PRO B 181 -4.10 4.82 48.99
N ILE B 182 -3.52 5.41 47.95
CA ILE B 182 -4.10 6.55 47.25
C ILE B 182 -4.39 6.12 45.83
N MET B 183 -5.59 6.43 45.34
CA MET B 183 -6.08 5.88 44.08
C MET B 183 -6.57 7.00 43.17
N ASN B 184 -6.36 6.81 41.87
CA ASN B 184 -6.84 7.71 40.83
C ASN B 184 -7.92 6.97 40.04
N GLY B 185 -9.16 7.08 40.48
CA GLY B 185 -10.27 6.45 39.80
C GLY B 185 -10.10 4.95 39.64
N LYS B 186 -10.11 4.24 40.77
CA LYS B 186 -10.05 2.77 40.79
C LYS B 186 -8.67 2.26 40.40
N ASP B 187 -7.75 3.16 40.04
CA ASP B 187 -6.39 2.79 39.68
C ASP B 187 -5.44 3.30 40.75
N VAL B 188 -4.66 2.40 41.34
CA VAL B 188 -3.72 2.78 42.39
C VAL B 188 -2.57 3.54 41.77
N VAL B 189 -2.05 4.53 42.50
CA VAL B 189 -0.96 5.35 42.02
C VAL B 189 0.21 5.33 43.01
N ALA B 190 -0.08 5.09 44.28
CA ALA B 190 0.97 5.03 45.29
C ALA B 190 0.37 4.50 46.58
N ILE B 191 1.24 4.25 47.56
CA ILE B 191 0.85 3.75 48.87
C ILE B 191 1.73 4.42 49.92
N ILE B 192 1.12 5.06 50.91
CA ILE B 192 1.85 5.64 52.04
C ILE B 192 1.86 4.64 53.19
N MET B 193 3.02 4.51 53.83
CA MET B 193 3.20 3.55 54.91
C MET B 193 3.65 4.28 56.17
N VAL B 194 3.24 3.75 57.31
CA VAL B 194 3.66 4.26 58.62
C VAL B 194 4.08 3.07 59.47
N VAL B 195 5.24 3.18 60.11
CA VAL B 195 5.80 2.10 60.93
C VAL B 195 5.99 2.60 62.35
N ASN B 196 5.55 1.80 63.32
CA ASN B 196 5.73 2.10 64.74
C ASN B 196 4.88 3.27 65.19
N LYS B 197 4.66 3.38 66.50
CA LYS B 197 4.04 4.53 67.12
C LYS B 197 4.99 5.04 68.20
N VAL B 198 5.26 6.35 68.17
CA VAL B 198 6.36 6.88 68.99
C VAL B 198 6.09 6.66 70.47
N ASP B 199 4.87 6.95 70.91
CA ASP B 199 4.53 6.92 72.33
C ASP B 199 3.21 6.18 72.55
N GLY B 200 3.09 5.00 71.95
CA GLY B 200 1.91 4.20 72.12
C GLY B 200 2.16 2.74 71.79
N PRO B 201 1.25 1.86 72.21
CA PRO B 201 1.42 0.42 71.89
C PRO B 201 1.14 0.11 70.43
N HIS B 202 0.07 0.69 69.87
CA HIS B 202 -0.25 0.48 68.47
C HIS B 202 -1.20 1.60 68.03
N PHE B 203 -1.35 1.72 66.71
CA PHE B 203 -2.17 2.79 66.15
C PHE B 203 -3.60 2.65 66.62
N THR B 204 -4.18 3.78 67.07
CA THR B 204 -5.56 3.79 67.52
C THR B 204 -6.51 3.88 66.33
N GLU B 205 -7.80 3.70 66.61
CA GLU B 205 -8.81 3.82 65.57
C GLU B 205 -8.87 5.25 65.04
N ASN B 206 -8.77 6.24 65.92
CA ASN B 206 -8.85 7.63 65.49
C ASN B 206 -7.68 8.03 64.61
N ASP B 207 -6.55 7.34 64.71
CA ASP B 207 -5.43 7.64 63.82
C ASP B 207 -5.78 7.34 62.37
N GLU B 208 -6.57 6.30 62.12
CA GLU B 208 -7.02 6.02 60.76
C GLU B 208 -7.84 7.17 60.21
N GLU B 209 -8.77 7.69 61.02
CA GLU B 209 -9.57 8.83 60.57
C GLU B 209 -8.71 10.06 60.36
N ILE B 210 -7.73 10.29 61.22
CA ILE B 210 -6.84 11.44 61.06
C ILE B 210 -6.09 11.33 59.74
N LEU B 211 -5.53 10.15 59.45
CA LEU B 211 -4.81 9.94 58.21
C LEU B 211 -5.71 10.16 57.01
N LEU B 212 -6.92 9.61 57.05
CA LEU B 212 -7.84 9.74 55.92
C LEU B 212 -8.22 11.20 55.70
N LYS B 213 -8.44 11.94 56.80
CA LYS B 213 -8.89 13.32 56.67
C LYS B 213 -7.77 14.23 56.19
N TYR B 214 -6.53 13.97 56.62
CA TYR B 214 -5.38 14.76 56.20
C TYR B 214 -4.73 14.22 54.93
N LEU B 215 -5.19 13.09 54.42
CA LEU B 215 -4.66 12.54 53.17
C LEU B 215 -5.36 13.09 51.95
N ASN B 216 -6.45 13.84 52.12
CA ASN B 216 -7.18 14.38 50.98
C ASN B 216 -6.30 15.31 50.16
N PHE B 217 -5.52 16.16 50.82
CA PHE B 217 -4.67 17.09 50.09
C PHE B 217 -3.64 16.36 49.25
N ALA B 218 -3.02 15.31 49.80
CA ALA B 218 -2.03 14.55 49.06
C ALA B 218 -2.65 13.56 48.08
N ASN B 219 -3.96 13.33 48.16
CA ASN B 219 -4.61 12.39 47.26
C ASN B 219 -4.81 12.99 45.87
N LEU B 220 -5.10 14.29 45.80
CA LEU B 220 -5.40 14.95 44.55
C LEU B 220 -4.21 15.72 43.98
N ILE B 221 -3.04 15.66 44.62
CA ILE B 221 -1.87 16.37 44.13
C ILE B 221 -1.01 15.40 43.34
N MET B 222 -1.04 14.12 43.74
CA MET B 222 -0.39 13.10 42.93
C MET B 222 -1.18 12.81 41.67
N LYS B 223 -2.50 13.00 41.72
CA LYS B 223 -3.32 12.80 40.54
C LYS B 223 -2.93 13.76 39.43
N VAL B 224 -2.57 15.00 39.77
CA VAL B 224 -2.15 15.97 38.76
C VAL B 224 -0.93 15.46 38.02
N PHE B 225 0.09 15.03 38.76
CA PHE B 225 1.31 14.54 38.12
C PHE B 225 1.04 13.28 37.31
N HIS B 226 0.23 12.36 37.84
CA HIS B 226 -0.07 11.14 37.09
C HIS B 226 -0.78 11.46 35.79
N LEU B 227 -1.76 12.36 35.84
CA LEU B 227 -2.49 12.74 34.62
C LEU B 227 -1.57 13.44 33.64
N SER B 228 -0.66 14.29 34.13
CA SER B 228 0.28 14.96 33.22
C SER B 228 1.17 13.95 32.52
N TYR B 229 1.68 12.96 33.27
CA TYR B 229 2.54 11.94 32.66
C TYR B 229 1.76 11.11 31.65
N LEU B 230 0.53 10.72 31.98
CA LEU B 230 -0.28 9.96 31.05
C LEU B 230 -0.58 10.79 29.80
N HIS B 231 -0.87 12.08 29.96
CA HIS B 231 -1.15 12.94 28.81
C HIS B 231 0.06 13.05 27.91
N ASN B 232 1.26 13.21 28.49
CA ASN B 232 2.46 13.27 27.68
C ASN B 232 2.69 11.97 26.92
N CYS B 233 2.48 10.84 27.59
CA CYS B 233 2.65 9.55 26.92
C CYS B 233 1.67 9.39 25.77
N GLU B 234 0.41 9.77 25.97
CA GLU B 234 -0.58 9.66 24.92
C GLU B 234 -0.26 10.58 23.75
N THR B 235 0.21 11.81 24.05
CA THR B 235 0.58 12.72 22.97
C THR B 235 1.72 12.14 22.15
N ARG B 236 2.75 11.59 22.81
CA ARG B 236 3.87 11.03 22.08
C ARG B 236 3.45 9.80 21.27
N ARG B 237 2.55 8.98 21.82
CA ARG B 237 2.05 7.83 21.06
C ARG B 237 1.30 8.29 19.83
N GLY B 238 0.49 9.34 19.96
CA GLY B 238 -0.19 9.89 18.79
C GLY B 238 0.79 10.42 17.77
N GLN B 239 1.89 11.00 18.22
CA GLN B 239 2.87 11.56 17.29
C GLN B 239 3.60 10.45 16.53
N ILE B 240 3.98 9.36 17.22
CA ILE B 240 4.75 8.32 16.53
C ILE B 240 3.94 7.66 15.44
N LEU B 241 2.62 7.50 15.64
CA LEU B 241 1.78 6.87 14.63
C LEU B 241 1.46 7.80 13.47
N LEU B 242 1.73 9.10 13.60
CA LEU B 242 1.45 10.06 12.54
C LEU B 242 2.70 10.55 11.81
N TRP B 243 3.86 10.50 12.46
CA TRP B 243 5.12 10.79 11.77
C TRP B 243 5.63 9.61 10.96
N SER B 244 5.10 8.41 11.19
CA SER B 244 5.52 7.23 10.44
C SER B 244 4.67 7.00 9.21
N GLY B 245 3.38 7.35 9.27
CA GLY B 245 2.54 7.22 8.09
C GLY B 245 3.05 8.07 6.93
N SER B 246 3.51 9.28 7.23
CA SER B 246 4.04 10.14 6.18
C SER B 246 5.24 9.51 5.50
N LYS B 247 6.18 8.97 6.27
CA LYS B 247 7.40 8.41 5.70
C LYS B 247 7.19 7.04 5.09
N VAL B 248 6.11 6.34 5.45
CA VAL B 248 5.80 5.08 4.78
C VAL B 248 4.95 5.30 3.53
N PHE B 249 4.29 6.46 3.41
CA PHE B 249 3.45 6.75 2.25
C PHE B 249 4.09 7.75 1.29
N GLU B 250 5.34 8.15 1.53
CA GLU B 250 6.03 8.99 0.55
C GLU B 250 6.19 8.26 -0.77
N GLU B 251 6.61 7.00 -0.72
CA GLU B 251 6.78 6.18 -1.90
C GLU B 251 6.55 4.73 -1.48
N LEU B 252 6.94 3.79 -2.35
CA LEU B 252 6.77 2.37 -2.09
C LEU B 252 8.11 1.68 -2.33
N THR B 253 8.78 1.28 -1.24
CA THR B 253 10.11 0.69 -1.33
C THR B 253 10.17 -0.62 -0.57
N ASP B 254 11.37 -1.21 -0.50
CA ASP B 254 11.54 -2.51 0.15
C ASP B 254 11.41 -2.37 1.66
N ILE B 255 11.43 -3.51 2.35
CA ILE B 255 11.22 -3.52 3.79
C ILE B 255 12.35 -2.80 4.51
N GLU B 256 13.59 -3.01 4.08
CA GLU B 256 14.73 -2.48 4.84
C GLU B 256 14.68 -0.96 4.89
N ARG B 257 14.56 -0.31 3.74
CA ARG B 257 14.64 1.15 3.72
C ARG B 257 13.39 1.77 4.32
N GLN B 258 12.22 1.15 4.10
CA GLN B 258 10.99 1.67 4.69
C GLN B 258 11.07 1.63 6.22
N PHE B 259 11.51 0.50 6.77
CA PHE B 259 11.66 0.40 8.22
C PHE B 259 12.68 1.39 8.73
N HIS B 260 13.81 1.53 8.02
CA HIS B 260 14.83 2.48 8.45
C HIS B 260 14.28 3.90 8.48
N LYS B 261 13.54 4.30 7.44
CA LYS B 261 12.97 5.63 7.40
C LYS B 261 11.99 5.85 8.55
N ALA B 262 11.05 4.91 8.70
CA ALA B 262 10.02 5.08 9.72
C ALA B 262 10.63 5.13 11.12
N LEU B 263 11.68 4.34 11.37
CA LEU B 263 12.31 4.33 12.67
C LEU B 263 13.19 5.56 12.90
N TYR B 264 13.81 6.07 11.84
CA TYR B 264 14.72 7.19 11.96
C TYR B 264 13.98 8.52 12.11
N THR B 265 12.77 8.62 11.55
CA THR B 265 12.04 9.89 11.61
C THR B 265 11.37 10.12 12.97
N VAL B 266 11.17 9.08 13.77
CA VAL B 266 10.46 9.21 15.04
C VAL B 266 11.42 8.99 16.20
N ARG B 267 12.70 9.34 15.99
CA ARG B 267 13.72 9.07 17.00
C ARG B 267 13.45 9.86 18.28
N ALA B 268 13.01 11.11 18.16
CA ALA B 268 12.92 11.98 19.32
C ALA B 268 11.83 11.51 20.28
N PHE B 269 10.68 11.08 19.75
CA PHE B 269 9.58 10.69 20.62
C PHE B 269 9.95 9.47 21.46
N LEU B 270 10.69 8.52 20.88
CA LEU B 270 11.21 7.39 21.63
C LEU B 270 12.44 7.86 22.39
N ASN B 271 12.20 8.41 23.59
CA ASN B 271 13.27 8.97 24.41
C ASN B 271 14.08 7.82 25.01
N CYS B 272 14.94 7.23 24.18
CA CYS B 272 15.78 6.12 24.57
C CYS B 272 17.22 6.40 24.14
N ASP B 273 18.17 6.00 24.99
CA ASP B 273 19.58 6.25 24.69
C ASP B 273 20.01 5.53 23.44
N ARG B 274 19.59 4.28 23.27
CA ARG B 274 19.93 3.50 22.09
C ARG B 274 18.79 2.54 21.77
N TYR B 275 18.73 2.12 20.51
CA TYR B 275 17.89 1.00 20.12
C TYR B 275 18.42 0.46 18.80
N SER B 276 18.11 -0.82 18.54
CA SER B 276 18.58 -1.49 17.34
C SER B 276 17.51 -2.48 16.89
N VAL B 277 17.38 -2.64 15.58
CA VAL B 277 16.40 -3.54 14.98
C VAL B 277 17.15 -4.50 14.06
N GLY B 278 16.91 -5.79 14.25
CA GLY B 278 17.53 -6.83 13.44
C GLY B 278 16.49 -7.51 12.57
N LEU B 279 16.87 -7.76 11.31
CA LEU B 279 15.98 -8.35 10.32
C LEU B 279 16.39 -9.79 10.07
N LEU B 280 15.39 -10.68 9.99
CA LEU B 280 15.62 -12.10 9.77
C LEU B 280 15.48 -12.44 8.29
N ASP B 281 16.15 -13.51 7.89
CA ASP B 281 15.98 -14.03 6.53
C ASP B 281 14.61 -14.70 6.41
N MET B 282 13.85 -14.31 5.40
CA MET B 282 12.46 -14.71 5.28
C MET B 282 12.26 -15.98 4.47
N THR B 283 13.31 -16.55 3.90
CA THR B 283 13.17 -17.78 3.12
C THR B 283 12.77 -18.92 4.04
N LYS B 284 11.76 -19.69 3.61
CA LYS B 284 11.23 -20.78 4.41
C LYS B 284 11.72 -22.15 3.95
N GLN B 285 11.94 -22.34 2.66
CA GLN B 285 12.35 -23.63 2.10
C GLN B 285 13.64 -23.44 1.31
N LYS B 286 14.61 -24.30 1.57
CA LYS B 286 15.87 -24.25 0.84
C LYS B 286 15.67 -24.76 -0.60
N GLU B 287 16.58 -24.34 -1.47
CA GLU B 287 16.51 -24.74 -2.86
C GLU B 287 16.81 -26.22 -3.02
N PHE B 288 16.40 -26.77 -4.15
CA PHE B 288 16.52 -28.22 -4.36
C PHE B 288 18.00 -28.64 -4.39
N PHE B 289 18.86 -27.84 -5.00
CA PHE B 289 20.27 -28.21 -5.08
C PHE B 289 21.05 -27.87 -3.81
N ASP B 290 20.46 -27.13 -2.88
CA ASP B 290 21.08 -26.85 -1.60
C ASP B 290 20.66 -27.83 -0.51
N VAL B 291 19.86 -28.85 -0.86
CA VAL B 291 19.43 -29.85 0.10
C VAL B 291 20.15 -31.18 -0.10
N TRP B 292 20.66 -31.47 -1.29
CA TRP B 292 21.31 -32.76 -1.53
C TRP B 292 22.49 -33.00 -0.60
N PRO B 293 23.39 -32.04 -0.37
CA PRO B 293 24.55 -32.34 0.49
C PRO B 293 24.17 -32.79 1.90
N VAL B 294 23.12 -32.21 2.47
CA VAL B 294 22.73 -32.59 3.83
C VAL B 294 22.31 -34.05 3.87
N LEU B 295 21.51 -34.49 2.89
CA LEU B 295 21.09 -35.88 2.85
C LEU B 295 22.26 -36.81 2.53
N MET B 296 23.17 -36.36 1.67
CA MET B 296 24.30 -37.21 1.28
C MET B 296 25.19 -37.52 2.48
N GLY B 297 25.44 -36.52 3.33
CA GLY B 297 26.31 -36.69 4.47
C GLY B 297 27.18 -35.47 4.72
N GLU B 298 27.44 -34.71 3.66
CA GLU B 298 28.18 -33.47 3.81
C GLU B 298 27.31 -32.40 4.46
N ALA B 299 27.95 -31.33 4.94
CA ALA B 299 27.22 -30.19 5.48
C ALA B 299 26.23 -30.64 6.54
N PRO B 300 26.69 -30.97 7.74
CA PRO B 300 25.77 -31.52 8.77
C PRO B 300 24.62 -30.57 9.02
N PRO B 301 23.43 -31.10 9.31
CA PRO B 301 22.23 -30.26 9.31
C PRO B 301 22.18 -29.32 10.50
N TYR B 302 21.37 -28.29 10.35
CA TYR B 302 21.21 -27.29 11.40
C TYR B 302 20.56 -27.90 12.63
N ALA B 303 21.03 -27.49 13.81
CA ALA B 303 20.46 -27.93 15.07
C ALA B 303 20.32 -26.79 16.07
N GLY B 304 20.38 -25.54 15.61
CA GLY B 304 20.32 -24.40 16.49
C GLY B 304 18.90 -23.94 16.74
N PRO B 305 18.75 -22.72 17.25
CA PRO B 305 17.40 -22.21 17.55
C PRO B 305 16.58 -21.97 16.29
N ARG B 306 15.27 -22.03 16.44
CA ARG B 306 14.34 -21.85 15.34
C ARG B 306 13.14 -21.04 15.82
N THR B 307 12.51 -20.33 14.88
CA THR B 307 11.32 -19.56 15.19
C THR B 307 10.13 -20.49 15.43
N PRO B 308 9.07 -20.00 16.05
CA PRO B 308 7.91 -20.87 16.31
C PRO B 308 7.31 -21.45 15.05
N ASP B 309 7.40 -20.75 13.93
CA ASP B 309 6.82 -21.23 12.67
C ASP B 309 7.77 -22.11 11.88
N GLY B 310 8.95 -22.41 12.40
CA GLY B 310 9.86 -23.34 11.76
C GLY B 310 10.77 -22.72 10.73
N ARG B 311 11.55 -21.73 11.13
CA ARG B 311 12.54 -21.10 10.26
C ARG B 311 13.83 -20.87 11.03
N GLU B 312 14.94 -20.82 10.31
CA GLU B 312 16.22 -20.52 10.92
C GLU B 312 16.26 -19.07 11.39
N ILE B 313 16.88 -18.86 12.54
CA ILE B 313 17.00 -17.52 13.12
C ILE B 313 18.37 -16.99 12.67
N ASN B 314 18.37 -16.24 11.58
CA ASN B 314 19.58 -15.62 11.03
C ASN B 314 19.32 -14.14 10.86
N PHE B 315 20.09 -13.31 11.55
CA PHE B 315 19.99 -11.86 11.41
C PHE B 315 20.94 -11.44 10.31
N TYR B 316 20.39 -11.13 9.13
CA TYR B 316 21.20 -10.73 7.99
C TYR B 316 21.47 -9.24 7.95
N LYS B 317 20.86 -8.46 8.84
CA LYS B 317 21.10 -7.02 8.89
C LYS B 317 20.55 -6.48 10.20
N VAL B 318 21.41 -5.79 10.95
CA VAL B 318 21.03 -5.23 12.25
C VAL B 318 21.33 -3.74 12.20
N ILE B 319 20.29 -2.92 12.08
CA ILE B 319 20.41 -1.48 12.09
C ILE B 319 20.34 -1.00 13.53
N ASP B 320 21.29 -0.15 13.92
CA ASP B 320 21.34 0.40 15.27
C ASP B 320 21.35 1.92 15.20
N TYR B 321 20.73 2.54 16.19
CA TYR B 321 20.64 3.99 16.29
C TYR B 321 21.18 4.40 17.65
N ILE B 322 22.13 5.32 17.66
CA ILE B 322 22.81 5.78 18.87
C ILE B 322 22.50 7.26 19.05
N LEU B 323 22.04 7.63 20.25
CA LEU B 323 21.62 8.99 20.53
C LEU B 323 22.11 9.55 21.86
N HIS B 324 22.60 8.72 22.77
CA HIS B 324 22.97 9.22 24.09
C HIS B 324 24.11 10.23 24.00
N GLY B 325 25.11 9.95 23.16
CA GLY B 325 26.23 10.86 23.00
C GLY B 325 26.10 11.67 21.73
N LYS B 326 26.85 11.31 20.69
CA LYS B 326 26.74 11.92 19.39
C LYS B 326 25.88 11.04 18.49
N GLU B 327 24.97 11.67 17.76
CA GLU B 327 24.06 10.91 16.90
C GLU B 327 24.85 10.07 15.92
N ASP B 328 24.48 8.80 15.79
CA ASP B 328 25.19 7.88 14.92
C ASP B 328 24.23 6.75 14.52
N ILE B 329 23.81 6.76 13.26
CA ILE B 329 22.98 5.71 12.70
C ILE B 329 23.81 4.96 11.67
N LYS B 330 23.99 3.66 11.87
CA LYS B 330 24.82 2.84 11.00
C LYS B 330 24.12 1.50 10.76
N VAL B 331 24.52 0.85 9.69
CA VAL B 331 23.99 -0.44 9.28
C VAL B 331 25.13 -1.46 9.26
N ILE B 332 24.87 -2.65 9.80
CA ILE B 332 25.88 -3.69 9.89
C ILE B 332 25.37 -4.94 9.18
N PRO B 333 25.47 -5.02 7.85
CA PRO B 333 25.01 -6.23 7.17
C PRO B 333 25.79 -7.46 7.61
N ASN B 334 25.08 -8.57 7.74
CA ASN B 334 25.66 -9.82 8.22
C ASN B 334 26.45 -9.58 9.52
N PRO B 335 25.79 -9.08 10.56
CA PRO B 335 26.53 -8.77 11.79
C PRO B 335 27.06 -10.03 12.44
N PRO B 336 28.20 -9.95 13.12
CA PRO B 336 28.76 -11.13 13.77
C PRO B 336 27.93 -11.52 14.98
N PRO B 337 28.00 -12.78 15.42
CA PRO B 337 27.22 -13.19 16.60
C PRO B 337 27.61 -12.44 17.86
N ASP B 338 28.80 -11.85 17.92
CA ASP B 338 29.28 -11.13 19.09
C ASP B 338 29.03 -9.64 19.00
N HIS B 339 28.06 -9.22 18.18
CA HIS B 339 27.69 -7.82 18.10
C HIS B 339 27.11 -7.37 19.43
N TRP B 340 27.45 -6.14 19.83
CA TRP B 340 27.05 -5.66 21.16
C TRP B 340 25.54 -5.75 21.36
N ALA B 341 24.76 -5.60 20.29
CA ALA B 341 23.32 -5.83 20.39
C ALA B 341 22.96 -7.30 20.37
N LEU B 342 23.89 -8.17 19.97
CA LEU B 342 23.63 -9.60 19.88
C LEU B 342 24.41 -10.45 20.86
N VAL B 343 25.37 -9.86 21.59
CA VAL B 343 26.09 -10.63 22.60
C VAL B 343 25.11 -11.22 23.61
N SER B 344 24.21 -10.39 24.12
CA SER B 344 23.14 -10.89 24.96
C SER B 344 22.21 -11.78 24.15
N GLY B 345 21.68 -12.82 24.79
N GLY B 345 21.68 -12.82 24.79
CA GLY B 345 20.80 -13.75 24.13
CA GLY B 345 20.80 -13.75 24.13
C GLY B 345 19.37 -13.29 23.99
C GLY B 345 19.37 -13.29 23.99
N LEU B 346 19.07 -12.06 24.40
CA LEU B 346 17.69 -11.57 24.32
C LEU B 346 17.13 -11.57 22.91
N PRO B 347 17.82 -11.07 21.89
CA PRO B 347 17.20 -11.04 20.55
C PRO B 347 16.85 -12.43 20.02
N THR B 348 17.79 -13.38 20.09
CA THR B 348 17.50 -14.72 19.62
C THR B 348 16.42 -15.38 20.46
N TYR B 349 16.38 -15.08 21.76
CA TYR B 349 15.34 -15.66 22.61
C TYR B 349 13.97 -15.13 22.23
N VAL B 350 13.87 -13.83 21.93
CA VAL B 350 12.61 -13.26 21.47
C VAL B 350 12.21 -13.85 20.13
N ALA B 351 13.19 -14.07 19.24
CA ALA B 351 12.89 -14.73 17.98
C ALA B 351 12.35 -16.13 18.19
N GLN B 352 12.94 -16.87 19.13
CA GLN B 352 12.46 -18.22 19.43
C GLN B 352 11.04 -18.19 19.98
N ASN B 353 10.75 -17.26 20.90
CA ASN B 353 9.48 -17.24 21.61
C ASN B 353 8.53 -16.19 21.05
N GLY B 354 8.95 -14.93 21.00
CA GLY B 354 8.11 -13.86 20.53
C GLY B 354 7.43 -13.04 21.61
N LEU B 355 7.93 -13.08 22.84
CA LEU B 355 7.34 -12.34 23.94
C LEU B 355 7.91 -10.93 24.04
N ILE B 356 7.17 -10.05 24.71
CA ILE B 356 7.65 -8.70 25.01
C ILE B 356 8.50 -8.80 26.27
N CYS B 357 9.79 -8.99 26.07
CA CYS B 357 10.73 -9.13 27.19
C CYS B 357 11.08 -7.76 27.74
N ASN B 358 11.02 -7.62 29.07
CA ASN B 358 11.39 -6.39 29.75
C ASN B 358 12.32 -6.74 30.89
N ILE B 359 13.54 -6.20 30.86
CA ILE B 359 14.57 -6.46 31.85
C ILE B 359 14.89 -5.16 32.57
N MET B 360 14.89 -5.20 33.90
CA MET B 360 15.13 -4.00 34.69
C MET B 360 16.59 -3.77 35.02
N ASN B 361 17.38 -4.83 35.12
CA ASN B 361 18.78 -4.70 35.51
C ASN B 361 19.63 -5.71 34.75
N ALA B 362 20.73 -5.24 34.17
CA ALA B 362 21.73 -6.11 33.57
C ALA B 362 22.65 -6.70 34.64
N PRO B 363 23.14 -5.91 35.61
CA PRO B 363 24.05 -6.48 36.60
C PRO B 363 23.47 -7.68 37.33
N SER B 364 22.19 -7.66 37.65
CA SER B 364 21.53 -8.77 38.34
C SER B 364 20.96 -9.79 37.37
N GLU B 365 21.08 -9.58 36.07
CA GLU B 365 20.57 -10.53 35.11
C GLU B 365 21.39 -11.81 35.14
N ASP B 366 20.70 -12.96 35.09
CA ASP B 366 21.34 -14.26 35.13
C ASP B 366 21.12 -15.04 33.84
N PHE B 367 19.88 -15.10 33.36
CA PHE B 367 19.58 -15.93 32.19
C PHE B 367 20.30 -15.42 30.95
N PHE B 368 20.35 -14.11 30.75
CA PHE B 368 20.88 -13.54 29.52
C PHE B 368 22.33 -13.06 29.65
N ALA B 369 22.75 -12.59 30.82
CA ALA B 369 24.14 -12.20 31.07
C ALA B 369 24.59 -11.11 30.10
N PHE B 370 23.95 -9.94 30.25
CA PHE B 370 24.28 -8.78 29.44
C PHE B 370 25.70 -8.28 29.72
N GLN B 371 26.13 -7.26 28.99
CA GLN B 371 27.47 -6.73 29.16
C GLN B 371 27.63 -6.08 30.54
N LYS B 372 28.87 -6.10 31.04
CA LYS B 372 29.20 -5.50 32.32
C LYS B 372 30.26 -4.41 32.20
N GLU B 373 30.56 -3.94 31.00
CA GLU B 373 31.57 -2.91 30.78
C GLU B 373 30.99 -1.80 29.92
N PRO B 374 31.33 -0.53 30.19
CA PRO B 374 30.84 0.55 29.33
C PRO B 374 31.27 0.34 27.88
N LEU B 375 30.27 0.28 26.99
CA LEU B 375 30.56 0.07 25.57
C LEU B 375 31.23 1.29 24.96
N ASP B 376 30.67 2.48 25.20
CA ASP B 376 31.21 3.70 24.64
C ASP B 376 32.46 4.14 25.41
N GLU B 377 33.23 5.05 24.80
CA GLU B 377 34.39 5.60 25.47
C GLU B 377 33.98 6.30 26.76
N SER B 378 32.93 7.12 26.69
CA SER B 378 32.35 7.69 27.90
C SER B 378 31.48 6.65 28.59
N GLY B 379 31.40 6.76 29.92
CA GLY B 379 30.67 5.78 30.69
C GLY B 379 29.21 5.65 30.31
N TRP B 380 28.85 4.55 29.66
CA TRP B 380 27.46 4.25 29.34
C TRP B 380 27.29 2.74 29.40
N MET B 381 26.59 2.25 30.42
CA MET B 381 26.43 0.82 30.66
C MET B 381 24.96 0.46 30.51
N ILE B 382 24.71 -0.68 29.84
CA ILE B 382 23.34 -1.12 29.58
C ILE B 382 22.69 -1.54 30.89
N LYS B 383 21.60 -0.87 31.25
CA LYS B 383 20.85 -1.18 32.47
C LYS B 383 19.43 -1.64 32.18
N ASN B 384 18.66 -0.86 31.42
CA ASN B 384 17.27 -1.15 31.14
C ASN B 384 17.12 -1.53 29.67
N VAL B 385 16.41 -2.63 29.40
CA VAL B 385 16.24 -3.17 28.06
C VAL B 385 14.78 -3.54 27.86
N LEU B 386 14.27 -3.28 26.66
CA LEU B 386 12.91 -3.66 26.29
C LEU B 386 12.93 -4.14 24.84
N SER B 387 12.66 -5.42 24.63
CA SER B 387 12.70 -6.03 23.31
C SER B 387 11.36 -6.71 23.02
N MET B 388 10.91 -6.60 21.77
CA MET B 388 9.65 -7.19 21.34
C MET B 388 9.75 -7.54 19.86
N PRO B 389 8.98 -8.51 19.39
CA PRO B 389 9.10 -8.92 17.98
C PRO B 389 8.21 -8.12 17.04
N ILE B 390 8.26 -8.47 15.75
CA ILE B 390 7.45 -7.86 14.72
C ILE B 390 6.84 -8.98 13.88
N VAL B 391 5.51 -9.03 13.83
CA VAL B 391 4.80 -10.08 13.11
C VAL B 391 3.97 -9.44 11.99
N ASN B 392 4.00 -10.05 10.81
CA ASN B 392 3.36 -9.50 9.62
C ASN B 392 1.95 -10.08 9.42
N LYS B 393 1.10 -9.89 10.42
CA LYS B 393 -0.33 -10.17 10.40
C LYS B 393 -0.67 -11.66 10.41
N LYS B 394 0.31 -12.56 10.40
CA LYS B 394 0.04 -13.99 10.48
C LYS B 394 0.90 -14.66 11.54
N GLU B 395 1.34 -13.91 12.55
CA GLU B 395 2.06 -14.46 13.69
C GLU B 395 3.33 -15.19 13.26
N GLU B 396 4.06 -14.60 12.32
CA GLU B 396 5.40 -15.05 11.97
C GLU B 396 6.34 -13.86 12.09
N ILE B 397 7.45 -14.06 12.80
CA ILE B 397 8.31 -12.96 13.20
C ILE B 397 9.11 -12.47 11.99
N VAL B 398 9.09 -11.16 11.78
CA VAL B 398 9.87 -10.53 10.72
C VAL B 398 11.21 -10.02 11.24
N GLY B 399 11.22 -9.48 12.46
CA GLY B 399 12.44 -8.98 13.05
C GLY B 399 12.25 -8.77 14.54
N VAL B 400 13.30 -8.26 15.18
CA VAL B 400 13.29 -7.99 16.61
C VAL B 400 13.82 -6.58 16.84
N ALA B 401 13.09 -5.79 17.61
CA ALA B 401 13.47 -4.43 17.96
C ALA B 401 13.73 -4.35 19.46
N THR B 402 14.90 -3.84 19.84
CA THR B 402 15.31 -3.74 21.23
C THR B 402 15.60 -2.28 21.56
N PHE B 403 14.99 -1.81 22.65
CA PHE B 403 15.17 -0.43 23.10
C PHE B 403 15.91 -0.42 24.43
N TYR B 404 16.98 0.36 24.50
CA TYR B 404 17.87 0.42 25.64
C TYR B 404 17.53 1.60 26.54
N ASN B 405 18.43 1.91 27.47
CA ASN B 405 18.19 2.85 28.56
C ASN B 405 17.37 4.06 28.13
N ARG B 406 16.40 4.41 28.97
CA ARG B 406 15.63 5.63 28.77
C ARG B 406 16.47 6.87 29.08
N LYS B 407 16.01 8.01 28.57
CA LYS B 407 16.69 9.27 28.83
C LYS B 407 16.44 9.78 30.24
N ASP B 408 15.37 9.32 30.90
CA ASP B 408 15.10 9.74 32.27
C ASP B 408 15.94 8.94 33.27
N GLY B 409 15.77 7.63 33.29
CA GLY B 409 16.53 6.77 34.18
C GLY B 409 15.70 5.68 34.81
N LYS B 410 14.37 5.79 34.69
CA LYS B 410 13.49 4.82 35.33
C LYS B 410 13.27 3.61 34.42
N PRO B 411 12.97 2.44 34.98
CA PRO B 411 12.67 1.28 34.12
C PRO B 411 11.38 1.47 33.35
N PHE B 412 11.30 0.79 32.20
CA PHE B 412 10.11 0.86 31.37
C PHE B 412 8.91 0.33 32.13
N ASP B 413 7.79 1.05 32.06
CA ASP B 413 6.55 0.67 32.71
C ASP B 413 5.48 0.41 31.64
N GLU B 414 4.28 0.08 32.10
CA GLU B 414 3.22 -0.32 31.18
C GLU B 414 2.86 0.82 30.23
N MET B 415 2.76 2.04 30.74
CA MET B 415 2.48 3.18 29.86
C MET B 415 3.60 3.39 28.86
N ASP B 416 4.82 2.99 29.20
CA ASP B 416 5.94 3.07 28.26
C ASP B 416 5.99 1.86 27.35
N GLU B 417 5.64 0.68 27.86
CA GLU B 417 5.63 -0.51 27.02
C GLU B 417 4.59 -0.39 25.92
N THR B 418 3.39 0.11 26.25
CA THR B 418 2.35 0.27 25.25
C THR B 418 2.69 1.34 24.22
N LEU B 419 3.73 2.14 24.46
CA LEU B 419 4.12 3.15 23.47
C LEU B 419 4.66 2.49 22.21
N MET B 420 5.76 1.74 22.33
CA MET B 420 6.35 1.08 21.18
C MET B 420 5.75 -0.30 20.92
N GLU B 421 4.94 -0.84 21.83
CA GLU B 421 4.20 -2.04 21.51
C GLU B 421 3.15 -1.77 20.44
N SER B 422 2.68 -0.54 20.35
CA SER B 422 1.80 -0.12 19.26
C SER B 422 2.58 0.38 18.04
N LEU B 423 3.89 0.53 18.15
CA LEU B 423 4.72 0.91 17.01
C LEU B 423 5.20 -0.30 16.25
N THR B 424 5.66 -1.34 16.95
CA THR B 424 6.02 -2.58 16.27
C THR B 424 4.80 -3.24 15.63
N GLN B 425 3.61 -3.03 16.21
CA GLN B 425 2.40 -3.44 15.52
C GLN B 425 2.24 -2.71 14.20
N PHE B 426 2.51 -1.40 14.20
CA PHE B 426 2.45 -0.63 12.96
C PHE B 426 3.48 -1.13 11.95
N LEU B 427 4.69 -1.41 12.42
CA LEU B 427 5.74 -1.89 11.51
C LEU B 427 5.36 -3.24 10.90
N GLY B 428 4.80 -4.13 11.72
CA GLY B 428 4.37 -5.42 11.21
C GLY B 428 3.23 -5.30 10.23
N TRP B 429 2.29 -4.38 10.50
CA TRP B 429 1.18 -4.17 9.58
C TRP B 429 1.64 -3.55 8.27
N SER B 430 2.65 -2.69 8.32
CA SER B 430 3.14 -2.00 7.13
C SER B 430 3.83 -2.94 6.15
N VAL B 431 4.11 -4.18 6.55
CA VAL B 431 4.80 -5.14 5.68
C VAL B 431 4.06 -5.33 4.35
N LEU B 432 2.77 -4.99 4.30
CA LEU B 432 2.02 -5.16 3.06
C LEU B 432 2.66 -4.39 1.91
N ASN B 433 3.32 -3.27 2.18
CA ASN B 433 3.93 -2.47 1.13
C ASN B 433 5.24 -3.09 0.66
N PRO B 434 6.15 -3.46 1.56
CA PRO B 434 7.33 -4.20 1.10
C PRO B 434 7.00 -5.46 0.32
N ASP B 435 5.97 -6.18 0.74
CA ASP B 435 5.56 -7.36 -0.02
C ASP B 435 5.08 -6.98 -1.41
N THR B 436 4.20 -5.98 -1.50
CA THR B 436 3.71 -5.55 -2.80
C THR B 436 4.81 -4.96 -3.67
N TYR B 437 5.91 -4.50 -3.07
CA TYR B 437 7.00 -3.96 -3.86
C TYR B 437 7.62 -5.02 -4.77
N GLU B 438 7.83 -6.23 -4.24
CA GLU B 438 8.46 -7.27 -5.03
C GLU B 438 7.49 -7.88 -6.04
N LEU B 439 6.20 -8.03 -5.68
CA LEU B 439 5.26 -8.60 -6.63
C LEU B 439 5.12 -7.74 -7.88
N MET B 440 5.08 -6.41 -7.72
CA MET B 440 4.95 -5.56 -8.90
C MET B 440 6.16 -5.71 -9.82
N ASN B 441 7.37 -5.74 -9.27
CA ASN B 441 8.55 -5.88 -10.11
C ASN B 441 8.54 -7.20 -10.87
N LYS B 442 8.25 -8.29 -10.17
CA LYS B 442 8.21 -9.60 -10.82
C LYS B 442 7.14 -9.63 -11.90
N LEU B 443 5.96 -9.10 -11.60
CA LEU B 443 4.86 -9.12 -12.55
C LEU B 443 5.19 -8.28 -13.78
N GLU B 444 5.78 -7.10 -13.58
CA GLU B 444 6.13 -6.25 -14.72
C GLU B 444 7.22 -6.90 -15.56
N ASN B 445 8.17 -7.59 -14.92
CA ASN B 445 9.20 -8.30 -15.67
C ASN B 445 8.60 -9.43 -16.50
N ARG B 446 7.64 -10.17 -15.93
CA ARG B 446 6.96 -11.21 -16.71
C ARG B 446 6.19 -10.58 -17.88
N LYS B 447 5.53 -9.46 -17.64
CA LYS B 447 4.82 -8.78 -18.72
C LYS B 447 5.78 -8.39 -19.84
N ASP B 448 6.94 -7.83 -19.47
CA ASP B 448 7.92 -7.44 -20.48
C ASP B 448 8.42 -8.66 -21.25
N ILE B 449 8.67 -9.76 -20.54
CA ILE B 449 9.20 -10.96 -21.20
C ILE B 449 8.18 -11.49 -22.22
N PHE B 450 6.92 -11.58 -21.82
CA PHE B 450 5.91 -12.09 -22.74
C PHE B 450 5.64 -11.13 -23.88
N GLN B 451 5.72 -9.82 -23.61
CA GLN B 451 5.58 -8.85 -24.68
C GLN B 451 6.71 -8.99 -25.69
N ASP B 452 7.93 -9.24 -25.20
CA ASP B 452 9.05 -9.49 -26.11
C ASP B 452 8.84 -10.75 -26.92
N MET B 453 8.31 -11.81 -26.29
CA MET B 453 8.02 -13.04 -27.03
C MET B 453 7.06 -12.75 -28.18
N VAL B 454 5.92 -12.11 -27.88
CA VAL B 454 4.96 -11.84 -28.93
C VAL B 454 5.54 -10.90 -29.98
N LYS B 455 6.35 -9.93 -29.55
CA LYS B 455 6.95 -9.00 -30.50
C LYS B 455 7.85 -9.74 -31.48
N TYR B 456 8.64 -10.69 -30.98
CA TYR B 456 9.45 -11.50 -31.88
C TYR B 456 8.59 -12.33 -32.81
N HIS B 457 7.50 -12.90 -32.29
CA HIS B 457 6.67 -13.76 -33.13
C HIS B 457 6.08 -13.00 -34.31
N VAL B 458 5.58 -11.79 -34.07
CA VAL B 458 5.05 -10.94 -35.14
C VAL B 458 6.17 -9.99 -35.54
N LYS B 459 6.98 -10.43 -36.51
CA LYS B 459 8.10 -9.64 -36.99
C LYS B 459 8.69 -10.32 -38.21
N CYS B 460 9.11 -9.52 -39.19
CA CYS B 460 9.68 -10.03 -40.43
C CYS B 460 11.18 -10.18 -40.25
N ASP B 461 11.64 -11.43 -40.15
CA ASP B 461 13.05 -11.70 -39.89
C ASP B 461 13.83 -11.58 -41.20
N ASN B 462 15.10 -11.97 -41.17
CA ASN B 462 15.97 -11.82 -42.33
C ASN B 462 15.73 -12.87 -43.39
N GLU B 463 15.10 -14.00 -43.05
CA GLU B 463 14.91 -15.06 -44.03
C GLU B 463 13.80 -14.74 -45.02
N GLU B 464 12.73 -14.10 -44.56
CA GLU B 464 11.58 -13.82 -45.41
C GLU B 464 11.52 -12.37 -45.87
N ILE B 465 12.41 -11.51 -45.38
CA ILE B 465 12.49 -10.16 -45.92
C ILE B 465 12.99 -10.20 -47.35
N GLN B 466 13.88 -11.14 -47.67
CA GLN B 466 14.37 -11.27 -49.03
C GLN B 466 13.27 -11.66 -50.00
N THR B 467 12.14 -12.17 -49.50
CA THR B 467 11.04 -12.55 -50.39
C THR B 467 10.55 -11.35 -51.18
N ILE B 468 10.60 -10.16 -50.59
CA ILE B 468 10.17 -8.94 -51.27
C ILE B 468 11.38 -8.13 -51.68
N LEU B 469 12.17 -7.71 -50.69
CA LEU B 469 13.37 -6.89 -50.90
C LEU B 469 14.58 -7.83 -50.90
N LYS B 470 15.00 -8.24 -52.09
CA LYS B 470 16.07 -9.22 -52.25
C LYS B 470 17.34 -8.52 -52.72
N THR B 471 18.19 -8.15 -51.77
CA THR B 471 19.54 -7.68 -52.06
C THR B 471 20.58 -8.76 -51.82
N ARG B 472 20.16 -9.99 -51.51
CA ARG B 472 21.09 -11.04 -51.12
C ARG B 472 21.85 -11.63 -52.31
N GLU B 473 21.22 -11.71 -53.48
CA GLU B 473 21.84 -12.33 -54.65
C GLU B 473 22.08 -11.35 -55.78
N VAL B 474 21.15 -10.42 -56.04
CA VAL B 474 21.33 -9.47 -57.12
C VAL B 474 22.37 -8.41 -56.74
N TYR B 475 22.53 -8.14 -55.45
CA TYR B 475 23.58 -7.25 -54.95
C TYR B 475 24.68 -8.02 -54.23
N GLY B 476 24.32 -8.92 -53.31
CA GLY B 476 25.29 -9.76 -52.63
C GLY B 476 25.45 -9.50 -51.15
N LYS B 477 24.68 -8.56 -50.58
CA LYS B 477 24.80 -8.25 -49.17
C LYS B 477 23.42 -8.01 -48.58
N GLU B 478 23.34 -8.14 -47.26
CA GLU B 478 22.07 -8.00 -46.56
C GLU B 478 21.56 -6.55 -46.64
N PRO B 479 20.24 -6.36 -46.57
CA PRO B 479 19.67 -5.03 -46.87
C PRO B 479 20.16 -3.91 -45.95
N TRP B 480 20.42 -4.18 -44.67
CA TRP B 480 20.69 -3.06 -43.77
C TRP B 480 22.06 -2.42 -43.99
N GLU B 481 22.79 -2.81 -45.02
CA GLU B 481 24.05 -2.17 -45.37
C GLU B 481 23.99 -1.41 -46.69
N CYS B 482 22.96 -1.64 -47.51
CA CYS B 482 22.85 -0.95 -48.80
C CYS B 482 22.51 0.52 -48.59
N GLU B 483 22.99 1.36 -49.51
CA GLU B 483 22.70 2.78 -49.46
C GLU B 483 21.23 3.04 -49.83
N GLU B 484 20.72 4.18 -49.37
CA GLU B 484 19.32 4.52 -49.64
C GLU B 484 19.06 4.67 -51.12
N GLU B 485 19.94 5.40 -51.83
CA GLU B 485 19.79 5.50 -53.27
C GLU B 485 20.07 4.17 -53.95
N GLU B 486 20.99 3.38 -53.39
CA GLU B 486 21.27 2.04 -53.89
C GLU B 486 20.16 1.05 -53.58
N LEU B 487 19.23 1.40 -52.71
CA LEU B 487 18.15 0.50 -52.30
C LEU B 487 16.86 0.74 -53.08
N ALA B 488 16.76 1.82 -53.85
CA ALA B 488 15.52 2.12 -54.57
C ALA B 488 15.34 1.26 -55.80
N GLU B 489 16.44 0.91 -56.49
CA GLU B 489 16.30 0.20 -57.77
C GLU B 489 15.67 -1.17 -57.59
N ILE B 490 16.01 -1.87 -56.50
CA ILE B 490 15.53 -3.23 -56.32
C ILE B 490 14.01 -3.28 -56.13
N LEU B 491 13.38 -2.18 -55.74
CA LEU B 491 11.93 -2.16 -55.55
C LEU B 491 11.15 -1.85 -56.81
N GLN B 492 11.74 -1.08 -57.73
CA GLN B 492 10.98 -0.67 -58.92
C GLN B 492 10.58 -1.87 -59.77
N GLY B 493 11.48 -2.84 -59.92
CA GLY B 493 11.17 -4.02 -60.71
C GLY B 493 10.30 -5.04 -60.04
N GLU B 494 9.95 -4.83 -58.77
CA GLU B 494 9.15 -5.77 -57.99
C GLU B 494 7.80 -5.21 -57.59
N LEU B 495 7.72 -3.94 -57.23
CA LEU B 495 6.47 -3.36 -56.77
C LEU B 495 5.49 -3.26 -57.93
N PRO B 496 4.28 -3.79 -57.81
CA PRO B 496 3.32 -3.69 -58.91
C PRO B 496 2.97 -2.24 -59.23
N ASP B 497 2.73 -2.00 -60.51
CA ASP B 497 2.30 -0.67 -60.96
C ASP B 497 0.88 -0.39 -60.48
N ALA B 498 0.67 0.83 -59.99
CA ALA B 498 -0.66 1.20 -59.49
C ALA B 498 -1.69 1.24 -60.62
N ASP B 499 -1.30 1.76 -61.78
CA ASP B 499 -2.26 1.91 -62.88
C ASP B 499 -2.76 0.56 -63.36
N LYS B 500 -1.88 -0.43 -63.49
CA LYS B 500 -2.29 -1.71 -64.05
C LYS B 500 -3.12 -2.53 -63.06
N TYR B 501 -2.73 -2.51 -61.79
CA TYR B 501 -3.33 -3.39 -60.79
C TYR B 501 -4.60 -2.83 -60.16
N GLU B 502 -5.02 -1.62 -60.57
CA GLU B 502 -6.32 -1.08 -60.17
C GLU B 502 -6.40 -0.91 -58.65
N ILE B 503 -5.35 -0.32 -58.07
CA ILE B 503 -5.26 -0.15 -56.63
C ILE B 503 -5.64 1.25 -56.18
N ASN B 504 -6.07 2.12 -57.09
CA ASN B 504 -6.49 3.47 -56.75
C ASN B 504 -7.88 3.77 -57.29
N LYS B 505 -8.73 2.75 -57.39
CA LYS B 505 -10.11 2.92 -57.84
C LYS B 505 -11.03 2.11 -56.94
N PHE B 506 -12.28 2.56 -56.86
CA PHE B 506 -13.20 2.03 -55.86
C PHE B 506 -13.50 0.55 -56.09
N HIS B 507 -13.54 0.10 -57.35
CA HIS B 507 -13.89 -1.28 -57.69
C HIS B 507 -12.59 -2.08 -57.82
N PHE B 508 -12.13 -2.63 -56.70
CA PHE B 508 -10.91 -3.42 -56.66
C PHE B 508 -11.15 -4.69 -55.87
N SER B 509 -10.76 -5.82 -56.43
CA SER B 509 -10.95 -7.13 -55.81
C SER B 509 -9.59 -7.81 -55.69
N ASP B 510 -9.28 -8.28 -54.47
CA ASP B 510 -8.00 -8.94 -54.19
C ASP B 510 -8.10 -10.45 -54.21
N LEU B 511 -9.23 -11.01 -54.64
CA LEU B 511 -9.35 -12.46 -54.68
C LEU B 511 -8.32 -13.10 -55.59
N PRO B 512 -8.10 -12.64 -56.82
CA PRO B 512 -7.03 -13.24 -57.64
C PRO B 512 -5.65 -13.08 -57.05
N LEU B 513 -5.39 -11.95 -56.38
CA LEU B 513 -4.05 -11.66 -55.89
C LEU B 513 -3.68 -12.60 -54.74
N THR B 514 -2.40 -12.92 -54.66
CA THR B 514 -1.88 -13.83 -53.65
C THR B 514 -1.82 -13.11 -52.29
N GLU B 515 -1.59 -13.92 -51.25
CA GLU B 515 -1.51 -13.36 -49.90
C GLU B 515 -0.34 -12.39 -49.79
N LEU B 516 0.82 -12.74 -50.34
CA LEU B 516 1.98 -11.87 -50.29
C LEU B 516 1.84 -10.67 -51.22
N GLU B 517 1.00 -10.77 -52.25
CA GLU B 517 0.85 -9.68 -53.21
C GLU B 517 0.31 -8.42 -52.54
N LEU B 518 -0.61 -8.60 -51.59
CA LEU B 518 -1.20 -7.45 -50.91
C LEU B 518 -0.16 -6.65 -50.14
N VAL B 519 0.85 -7.32 -49.60
CA VAL B 519 1.92 -6.60 -48.91
C VAL B 519 2.66 -5.69 -49.89
N LYS B 520 2.95 -6.21 -51.09
CA LYS B 520 3.59 -5.39 -52.12
C LYS B 520 2.71 -4.22 -52.52
N CYS B 521 1.41 -4.45 -52.66
CA CYS B 521 0.50 -3.36 -52.99
C CYS B 521 0.50 -2.29 -51.90
N GLY B 522 0.48 -2.71 -50.64
CA GLY B 522 0.54 -1.75 -49.54
C GLY B 522 1.83 -0.97 -49.52
N ILE B 523 2.95 -1.64 -49.81
CA ILE B 523 4.23 -0.95 -49.89
C ILE B 523 4.20 0.10 -51.01
N GLN B 524 3.64 -0.28 -52.16
CA GLN B 524 3.57 0.65 -53.29
C GLN B 524 2.68 1.85 -52.96
N MET B 525 1.59 1.61 -52.23
CA MET B 525 0.63 2.68 -51.99
C MET B 525 1.23 3.86 -51.26
N TYR B 526 2.29 3.65 -50.48
CA TYR B 526 2.96 4.77 -49.82
C TYR B 526 3.70 5.64 -50.84
N TYR B 527 4.32 5.02 -51.83
CA TYR B 527 5.03 5.79 -52.85
C TYR B 527 4.08 6.65 -53.67
N GLU B 528 2.91 6.10 -54.01
CA GLU B 528 1.96 6.83 -54.85
C GLU B 528 1.49 8.13 -54.20
N LEU B 529 1.60 8.23 -52.87
CA LEU B 529 1.28 9.47 -52.17
C LEU B 529 2.48 10.41 -52.09
N LYS B 530 3.63 10.00 -52.61
CA LYS B 530 4.85 10.82 -52.58
C LYS B 530 5.15 11.29 -51.16
N VAL B 531 4.97 10.38 -50.21
CA VAL B 531 5.20 10.69 -48.81
C VAL B 531 6.45 10.03 -48.26
N VAL B 532 6.93 8.94 -48.85
CA VAL B 532 8.16 8.31 -48.37
C VAL B 532 9.35 9.23 -48.62
N ASP B 533 9.42 9.85 -49.80
CA ASP B 533 10.59 10.63 -50.17
C ASP B 533 10.73 11.87 -49.30
N LYS B 534 9.63 12.60 -49.09
CA LYS B 534 9.74 13.90 -48.40
C LYS B 534 10.06 13.73 -46.93
N PHE B 535 9.56 12.68 -46.30
CA PHE B 535 9.82 12.42 -44.89
C PHE B 535 11.08 11.60 -44.66
N HIS B 536 11.72 11.12 -45.72
CA HIS B 536 13.01 10.43 -45.63
C HIS B 536 12.93 9.18 -44.77
N ILE B 537 11.75 8.58 -44.66
CA ILE B 537 11.63 7.36 -43.87
C ILE B 537 12.37 6.23 -44.57
N PRO B 538 13.11 5.38 -43.84
CA PRO B 538 13.86 4.30 -44.51
C PRO B 538 12.92 3.36 -45.25
N GLN B 539 13.39 2.88 -46.41
CA GLN B 539 12.60 1.91 -47.18
C GLN B 539 12.67 0.52 -46.56
N GLU B 540 13.83 0.16 -46.00
CA GLU B 540 13.96 -1.15 -45.35
C GLU B 540 13.00 -1.26 -44.18
N ALA B 541 12.93 -0.22 -43.35
CA ALA B 541 12.00 -0.23 -42.21
C ALA B 541 10.57 -0.28 -42.69
N LEU B 542 10.24 0.45 -43.75
CA LEU B 542 8.87 0.43 -44.27
C LEU B 542 8.49 -0.97 -44.76
N VAL B 543 9.39 -1.62 -45.50
CA VAL B 543 9.11 -2.96 -45.98
C VAL B 543 8.94 -3.92 -44.82
N ARG B 544 9.81 -3.83 -43.81
CA ARG B 544 9.71 -4.71 -42.66
C ARG B 544 8.39 -4.51 -41.93
N PHE B 545 7.99 -3.24 -41.74
CA PHE B 545 6.72 -2.97 -41.05
C PHE B 545 5.54 -3.49 -41.84
N MET B 546 5.54 -3.28 -43.16
CA MET B 546 4.43 -3.76 -43.98
C MET B 546 4.34 -5.28 -43.94
N TYR B 547 5.48 -5.96 -44.00
CA TYR B 547 5.45 -7.43 -43.95
C TYR B 547 5.02 -7.92 -42.57
N SER B 548 5.47 -7.25 -41.51
CA SER B 548 5.10 -7.67 -40.16
C SER B 548 3.63 -7.44 -39.88
N LEU B 549 3.02 -6.44 -40.52
CA LEU B 549 1.59 -6.23 -40.35
C LEU B 549 0.81 -7.45 -40.80
N SER B 550 1.26 -8.12 -41.87
CA SER B 550 0.59 -9.31 -42.34
C SER B 550 0.62 -10.41 -41.30
N LYS B 551 1.76 -10.59 -40.63
CA LYS B 551 1.87 -11.63 -39.61
C LYS B 551 1.11 -11.24 -38.34
N GLY B 552 0.95 -9.95 -38.08
CA GLY B 552 0.21 -9.53 -36.90
C GLY B 552 -1.23 -9.97 -36.93
N TYR B 553 -1.88 -9.86 -38.08
CA TYR B 553 -3.26 -10.30 -38.20
C TYR B 553 -3.37 -11.81 -38.01
N ARG B 554 -4.50 -12.24 -37.47
CA ARG B 554 -4.72 -13.65 -37.20
C ARG B 554 -5.16 -14.37 -38.48
N ARG B 555 -5.43 -15.67 -38.35
CA ARG B 555 -5.89 -16.50 -39.46
C ARG B 555 -7.39 -16.81 -39.35
N ILE B 556 -8.12 -15.94 -38.67
CA ILE B 556 -9.55 -16.13 -38.46
C ILE B 556 -10.32 -15.91 -39.76
N THR B 557 -11.59 -16.29 -39.77
CA THR B 557 -12.34 -16.42 -41.01
C THR B 557 -12.38 -15.11 -41.79
N TYR B 558 -12.80 -14.01 -41.15
CA TYR B 558 -13.06 -12.76 -41.85
C TYR B 558 -12.04 -11.68 -41.52
N HIS B 559 -11.89 -11.33 -40.24
CA HIS B 559 -11.01 -10.21 -39.85
C HIS B 559 -9.56 -10.66 -39.86
N ASN B 560 -9.10 -11.07 -41.05
CA ASN B 560 -7.72 -11.45 -41.29
C ASN B 560 -7.01 -10.30 -42.00
N TRP B 561 -5.78 -10.56 -42.45
CA TRP B 561 -5.00 -9.51 -43.09
C TRP B 561 -5.69 -8.96 -44.33
N ARG B 562 -6.47 -9.78 -45.03
CA ARG B 562 -7.11 -9.33 -46.26
C ARG B 562 -8.07 -8.18 -45.99
N HIS B 563 -8.86 -8.28 -44.92
CA HIS B 563 -9.80 -7.21 -44.58
C HIS B 563 -9.06 -5.92 -44.26
N GLY B 564 -7.96 -6.01 -43.52
CA GLY B 564 -7.18 -4.81 -43.22
C GLY B 564 -6.64 -4.15 -44.48
N PHE B 565 -6.12 -4.94 -45.41
CA PHE B 565 -5.63 -4.38 -46.66
C PHE B 565 -6.77 -3.77 -47.47
N ASN B 566 -7.95 -4.39 -47.44
CA ASN B 566 -9.08 -3.82 -48.16
C ASN B 566 -9.48 -2.47 -47.58
N VAL B 567 -9.49 -2.36 -46.26
CA VAL B 567 -9.80 -1.07 -45.63
C VAL B 567 -8.73 -0.03 -45.99
N GLY B 568 -7.46 -0.42 -45.95
CA GLY B 568 -6.40 0.50 -46.32
C GLY B 568 -6.52 0.97 -47.75
N GLN B 569 -6.85 0.06 -48.67
CA GLN B 569 -7.02 0.42 -50.06
C GLN B 569 -8.23 1.33 -50.25
N THR B 570 -9.30 1.09 -49.48
CA THR B 570 -10.46 1.97 -49.56
C THR B 570 -10.08 3.39 -49.15
N MET B 571 -9.31 3.53 -48.07
CA MET B 571 -8.84 4.86 -47.68
C MET B 571 -7.95 5.47 -48.77
N PHE B 572 -7.02 4.67 -49.31
CA PHE B 572 -6.11 5.20 -50.30
C PHE B 572 -6.87 5.71 -51.53
N SER B 573 -7.89 4.97 -51.96
CA SER B 573 -8.73 5.43 -53.05
C SER B 573 -9.47 6.71 -52.67
N LEU B 574 -10.06 6.75 -51.47
CA LEU B 574 -10.79 7.94 -51.07
C LEU B 574 -9.89 9.17 -51.08
N LEU B 575 -8.59 9.00 -50.85
CA LEU B 575 -7.69 10.14 -50.85
C LEU B 575 -7.30 10.58 -52.26
N VAL B 576 -6.90 9.63 -53.10
CA VAL B 576 -6.26 10.00 -54.37
C VAL B 576 -7.27 10.17 -55.51
N THR B 577 -8.29 9.31 -55.59
CA THR B 577 -9.30 9.43 -56.64
C THR B 577 -10.55 10.14 -56.17
N GLY B 578 -10.78 10.20 -54.86
CA GLY B 578 -11.92 10.90 -54.30
C GLY B 578 -11.72 12.38 -54.05
N LYS B 579 -10.50 12.89 -54.25
CA LYS B 579 -10.20 14.30 -54.02
C LYS B 579 -10.57 14.72 -52.60
N LEU B 580 -10.36 13.82 -51.64
CA LEU B 580 -10.43 14.16 -50.23
C LEU B 580 -9.08 14.57 -49.67
N LYS B 581 -8.03 14.53 -50.49
CA LYS B 581 -6.70 14.96 -50.05
C LYS B 581 -6.61 16.45 -49.85
N ARG B 582 -7.55 17.22 -50.41
CA ARG B 582 -7.48 18.68 -50.32
C ARG B 582 -7.54 19.15 -48.87
N TYR B 583 -8.42 18.56 -48.05
CA TYR B 583 -8.54 18.99 -46.67
C TYR B 583 -7.39 18.49 -45.80
N PHE B 584 -6.80 17.35 -46.13
CA PHE B 584 -5.84 16.68 -45.26
C PHE B 584 -4.41 16.98 -45.70
N THR B 585 -3.56 17.31 -44.72
CA THR B 585 -2.16 17.55 -44.99
C THR B 585 -1.47 16.24 -45.38
N ASP B 586 -0.28 16.37 -45.98
CA ASP B 586 0.45 15.19 -46.42
C ASP B 586 0.82 14.30 -45.24
N LEU B 587 1.26 14.90 -44.13
CA LEU B 587 1.53 14.11 -42.93
C LEU B 587 0.26 13.44 -42.44
N GLU B 588 -0.88 14.13 -42.57
CA GLU B 588 -2.14 13.54 -42.15
C GLU B 588 -2.50 12.34 -43.03
N ALA B 589 -2.17 12.38 -44.32
CA ALA B 589 -2.35 11.19 -45.14
C ALA B 589 -1.42 10.07 -44.69
N LEU B 590 -0.17 10.40 -44.38
CA LEU B 590 0.76 9.41 -43.85
C LEU B 590 0.19 8.73 -42.62
N ALA B 591 -0.50 9.50 -41.78
CA ALA B 591 -1.09 8.92 -40.57
C ALA B 591 -2.33 8.10 -40.90
N MET B 592 -3.20 8.61 -41.77
CA MET B 592 -4.46 7.91 -42.05
C MET B 592 -4.23 6.57 -42.72
N VAL B 593 -3.34 6.50 -43.70
CA VAL B 593 -3.15 5.24 -44.43
C VAL B 593 -2.64 4.16 -43.47
N THR B 594 -1.65 4.50 -42.66
CA THR B 594 -1.09 3.51 -41.73
C THR B 594 -2.08 3.17 -40.62
N ALA B 595 -2.91 4.13 -40.20
CA ALA B 595 -3.91 3.83 -39.19
C ALA B 595 -4.99 2.89 -39.75
N ALA B 596 -5.34 3.05 -41.02
CA ALA B 596 -6.31 2.15 -41.64
C ALA B 596 -5.72 0.78 -41.90
N PHE B 597 -4.40 0.68 -42.12
CA PHE B 597 -3.81 -0.62 -42.41
C PHE B 597 -3.86 -1.55 -41.20
N CYS B 598 -3.72 -1.02 -39.98
CA CYS B 598 -3.71 -1.83 -38.77
C CYS B 598 -4.85 -1.43 -37.84
N HIS B 599 -6.05 -1.22 -38.38
CA HIS B 599 -7.19 -0.86 -37.54
C HIS B 599 -7.75 -2.07 -36.80
N ASP B 600 -7.62 -3.26 -37.37
CA ASP B 600 -8.11 -4.50 -36.76
C ASP B 600 -6.98 -5.51 -36.59
N ILE B 601 -5.83 -5.04 -36.12
CA ILE B 601 -4.68 -5.92 -35.94
C ILE B 601 -4.92 -6.81 -34.72
N ASP B 602 -4.65 -8.11 -34.88
CA ASP B 602 -4.80 -9.08 -33.79
C ASP B 602 -6.24 -9.11 -33.28
N HIS B 603 -7.15 -9.49 -34.16
CA HIS B 603 -8.56 -9.62 -33.83
C HIS B 603 -8.84 -11.05 -33.38
N ARG B 604 -9.37 -11.20 -32.16
CA ARG B 604 -9.65 -12.53 -31.65
C ARG B 604 -10.73 -13.22 -32.48
N GLY B 605 -11.75 -12.48 -32.88
CA GLY B 605 -12.88 -13.03 -33.62
C GLY B 605 -14.22 -12.84 -32.95
N THR B 606 -14.27 -12.18 -31.79
CA THR B 606 -15.52 -11.94 -31.08
C THR B 606 -15.65 -10.45 -30.80
N ASN B 607 -16.89 -9.96 -30.83
CA ASN B 607 -17.14 -8.54 -30.70
C ASN B 607 -17.02 -8.09 -29.24
N ASN B 608 -17.25 -6.80 -29.00
CA ASN B 608 -17.09 -6.24 -27.65
C ASN B 608 -18.09 -6.84 -26.67
N LEU B 609 -19.28 -7.20 -27.15
CA LEU B 609 -20.29 -7.76 -26.24
C LEU B 609 -19.79 -9.07 -25.63
N TYR B 610 -19.10 -9.90 -26.42
CA TYR B 610 -18.54 -11.12 -25.86
C TYR B 610 -17.41 -10.82 -24.89
N GLN B 611 -16.69 -9.71 -25.10
CA GLN B 611 -15.66 -9.30 -24.14
C GLN B 611 -16.30 -8.95 -22.81
N MET B 612 -17.41 -8.20 -22.82
CA MET B 612 -18.12 -7.90 -21.58
C MET B 612 -18.68 -9.17 -20.95
N LYS B 613 -19.27 -10.04 -21.76
CA LYS B 613 -19.98 -11.19 -21.22
C LYS B 613 -19.03 -12.20 -20.58
N SER B 614 -17.90 -12.47 -21.23
CA SER B 614 -16.99 -13.52 -20.78
C SER B 614 -15.93 -13.02 -19.83
N GLN B 615 -15.93 -11.75 -19.46
CA GLN B 615 -14.95 -11.17 -18.56
C GLN B 615 -13.53 -11.44 -19.05
N ASN B 616 -13.33 -11.19 -20.35
CA ASN B 616 -12.01 -11.35 -20.95
C ASN B 616 -11.04 -10.33 -20.33
N PRO B 617 -9.75 -10.68 -20.23
CA PRO B 617 -8.79 -9.71 -19.69
C PRO B 617 -8.77 -8.39 -20.44
N LEU B 618 -9.12 -8.40 -21.73
CA LEU B 618 -9.23 -7.15 -22.47
C LEU B 618 -10.33 -6.27 -21.87
N ALA B 619 -11.47 -6.87 -21.54
CA ALA B 619 -12.59 -6.08 -21.00
C ALA B 619 -12.23 -5.45 -19.66
N LYS B 620 -11.54 -6.20 -18.80
CA LYS B 620 -11.22 -5.70 -17.46
C LYS B 620 -10.22 -4.56 -17.46
N LEU B 621 -9.59 -4.27 -18.60
CA LEU B 621 -8.60 -3.20 -18.70
C LEU B 621 -9.12 -1.98 -19.45
N HIS B 622 -9.86 -2.18 -20.53
CA HIS B 622 -10.42 -1.09 -21.32
C HIS B 622 -11.90 -0.91 -20.98
N GLY B 623 -12.27 0.31 -20.59
CA GLY B 623 -13.64 0.55 -20.18
C GLY B 623 -14.62 0.46 -21.33
N SER B 624 -14.30 1.10 -22.46
CA SER B 624 -15.20 1.15 -23.60
C SER B 624 -14.40 0.94 -24.88
N SER B 625 -15.08 0.44 -25.91
CA SER B 625 -14.46 0.11 -27.19
C SER B 625 -13.23 -0.75 -26.97
N ILE B 626 -13.46 -1.92 -26.38
CA ILE B 626 -12.35 -2.76 -25.92
C ILE B 626 -11.47 -3.19 -27.08
N LEU B 627 -12.09 -3.73 -28.14
CA LEU B 627 -11.30 -4.23 -29.27
C LEU B 627 -10.56 -3.10 -29.98
N GLU B 628 -11.21 -1.95 -30.16
CA GLU B 628 -10.55 -0.85 -30.85
C GLU B 628 -9.35 -0.34 -30.07
N ARG B 629 -9.50 -0.16 -28.75
CA ARG B 629 -8.37 0.27 -27.95
C ARG B 629 -7.27 -0.79 -27.92
N HIS B 630 -7.66 -2.06 -27.91
CA HIS B 630 -6.66 -3.13 -27.92
C HIS B 630 -5.84 -3.09 -29.20
N HIS B 631 -6.52 -2.94 -30.35
CA HIS B 631 -5.82 -2.83 -31.62
C HIS B 631 -5.02 -1.53 -31.71
N LEU B 632 -5.43 -0.50 -30.98
CA LEU B 632 -4.67 0.75 -30.96
C LEU B 632 -3.37 0.58 -30.18
N GLU B 633 -3.42 -0.10 -29.03
CA GLU B 633 -2.24 -0.24 -28.19
C GLU B 633 -1.31 -1.34 -28.67
N PHE B 634 -1.73 -2.17 -29.63
CA PHE B 634 -0.87 -3.21 -30.19
C PHE B 634 -0.24 -2.80 -31.51
N GLY B 635 -0.93 -1.97 -32.31
CA GLY B 635 -0.35 -1.51 -33.55
C GLY B 635 0.76 -0.50 -33.36
N LYS B 636 0.74 0.22 -32.22
CA LYS B 636 1.80 1.16 -31.91
C LYS B 636 3.01 0.48 -31.28
N THR B 637 2.81 -0.67 -30.62
CA THR B 637 3.94 -1.40 -30.06
C THR B 637 4.88 -1.88 -31.15
N LEU B 638 4.34 -2.34 -32.27
CA LEU B 638 5.17 -2.75 -33.40
C LEU B 638 5.87 -1.56 -34.03
N LEU B 639 5.27 -0.38 -33.92
CA LEU B 639 5.79 0.84 -34.52
C LEU B 639 6.73 1.61 -33.58
N ARG B 640 6.93 1.12 -32.36
CA ARG B 640 7.70 1.86 -31.37
C ARG B 640 9.18 1.48 -31.35
N ASP B 641 9.55 0.34 -31.94
CA ASP B 641 10.92 -0.16 -31.87
C ASP B 641 11.69 0.17 -33.14
N GLU B 642 13.01 0.17 -33.02
CA GLU B 642 13.89 0.43 -34.16
C GLU B 642 13.88 -0.77 -35.10
N SER B 643 14.32 -0.52 -36.34
CA SER B 643 14.34 -1.48 -37.43
C SER B 643 12.94 -1.89 -37.88
N LEU B 644 11.89 -1.36 -37.24
CA LEU B 644 10.52 -1.66 -37.62
C LEU B 644 9.63 -0.44 -37.59
N ASN B 645 10.19 0.74 -37.27
CA ASN B 645 9.44 1.99 -37.18
C ASN B 645 9.63 2.81 -38.44
N ILE B 646 8.59 3.57 -38.80
CA ILE B 646 8.61 4.42 -39.98
C ILE B 646 8.50 5.90 -39.62
N PHE B 647 8.58 6.24 -38.33
CA PHE B 647 8.53 7.63 -37.89
C PHE B 647 9.88 8.11 -37.35
N GLN B 648 10.97 7.39 -37.66
CA GLN B 648 12.26 7.75 -37.10
C GLN B 648 12.69 9.14 -37.55
N ASN B 649 12.53 9.43 -38.83
CA ASN B 649 12.96 10.72 -39.39
C ASN B 649 11.83 11.75 -39.36
N LEU B 650 11.21 11.91 -38.20
CA LEU B 650 10.18 12.91 -37.98
C LEU B 650 10.51 13.68 -36.71
N ASN B 651 10.49 15.01 -36.79
CA ASN B 651 10.79 15.84 -35.64
C ASN B 651 9.64 15.79 -34.63
N ARG B 652 9.91 16.33 -33.44
CA ARG B 652 9.07 16.02 -32.28
C ARG B 652 7.63 16.45 -32.48
N ARG B 653 7.39 17.65 -33.01
CA ARG B 653 6.02 18.13 -33.16
C ARG B 653 5.25 17.32 -34.21
N GLN B 654 5.90 16.93 -35.31
CA GLN B 654 5.23 16.08 -36.27
C GLN B 654 4.98 14.69 -35.70
N HIS B 655 5.90 14.18 -34.88
CA HIS B 655 5.70 12.88 -34.27
C HIS B 655 4.54 12.91 -33.27
N GLU B 656 4.46 13.97 -32.47
CA GLU B 656 3.35 14.11 -31.53
C GLU B 656 2.04 14.37 -32.23
N HIS B 657 2.07 14.90 -33.45
CA HIS B 657 0.84 15.07 -34.22
C HIS B 657 0.39 13.75 -34.84
N ALA B 658 1.32 13.01 -35.47
CA ALA B 658 0.93 11.80 -36.19
C ALA B 658 0.33 10.76 -35.25
N ILE B 659 0.96 10.54 -34.09
CA ILE B 659 0.47 9.52 -33.17
C ILE B 659 -0.88 9.93 -32.61
N HIS B 660 -1.08 11.23 -32.39
CA HIS B 660 -2.32 11.69 -31.78
C HIS B 660 -3.53 11.37 -32.64
N MET B 661 -3.39 11.40 -33.97
CA MET B 661 -4.50 11.13 -34.86
C MET B 661 -4.67 9.64 -35.17
N MET B 662 -3.70 8.80 -34.80
CA MET B 662 -3.94 7.36 -34.85
C MET B 662 -4.98 6.96 -33.82
N ASP B 663 -4.99 7.63 -32.66
CA ASP B 663 -6.04 7.39 -31.68
C ASP B 663 -7.40 7.78 -32.25
N ILE B 664 -7.46 8.89 -32.98
CA ILE B 664 -8.73 9.37 -33.53
C ILE B 664 -9.28 8.37 -34.54
N ALA B 665 -8.42 7.85 -35.42
CA ALA B 665 -8.90 6.98 -36.50
C ALA B 665 -9.23 5.59 -35.97
N ILE B 666 -8.29 4.96 -35.27
CA ILE B 666 -8.47 3.56 -34.90
C ILE B 666 -9.64 3.41 -33.92
N ILE B 667 -9.78 4.33 -32.98
CA ILE B 667 -10.88 4.24 -32.02
C ILE B 667 -12.21 4.49 -32.70
N ALA B 668 -12.25 5.43 -33.66
CA ALA B 668 -13.51 5.84 -34.26
C ALA B 668 -14.11 4.78 -35.16
N THR B 669 -13.39 3.71 -35.48
CA THR B 669 -13.95 2.66 -36.32
C THR B 669 -15.02 1.86 -35.61
N ASP B 670 -15.18 2.03 -34.30
CA ASP B 670 -16.24 1.33 -33.57
C ASP B 670 -17.59 1.76 -34.08
N LEU B 671 -18.51 0.79 -34.19
CA LEU B 671 -19.86 1.11 -34.66
C LEU B 671 -20.67 1.84 -33.59
N ALA B 672 -20.47 1.46 -32.32
CA ALA B 672 -21.19 2.14 -31.24
C ALA B 672 -20.80 3.61 -31.16
N LEU B 673 -19.51 3.90 -31.31
CA LEU B 673 -19.05 5.29 -31.32
C LEU B 673 -19.54 6.03 -32.55
N TYR B 674 -19.74 5.32 -33.67
CA TYR B 674 -20.30 5.94 -34.87
C TYR B 674 -21.73 6.42 -34.65
N PHE B 675 -22.59 5.55 -34.12
CA PHE B 675 -24.01 5.89 -34.05
C PHE B 675 -24.27 7.03 -33.07
N LYS B 676 -23.52 7.12 -31.99
CA LYS B 676 -23.78 8.16 -30.99
C LYS B 676 -23.57 9.55 -31.59
N LYS B 677 -22.55 9.72 -32.42
CA LYS B 677 -22.20 11.00 -32.99
C LYS B 677 -22.29 10.97 -34.51
N ARG B 678 -23.37 10.39 -35.02
CA ARG B 678 -23.60 10.30 -36.46
C ARG B 678 -24.07 11.63 -37.05
N THR B 679 -24.81 12.42 -36.28
CA THR B 679 -25.47 13.62 -36.80
C THR B 679 -24.61 14.87 -36.72
N MET B 680 -23.38 14.76 -36.23
CA MET B 680 -22.48 15.91 -36.19
C MET B 680 -21.70 16.10 -37.49
N PHE B 681 -21.77 15.13 -38.41
CA PHE B 681 -21.13 15.25 -39.72
C PHE B 681 -22.08 15.79 -40.77
N GLN B 682 -23.39 15.53 -40.61
CA GLN B 682 -24.36 16.08 -41.54
C GLN B 682 -24.39 17.60 -41.47
N LYS B 683 -24.18 18.16 -40.28
CA LYS B 683 -24.12 19.62 -40.15
C LYS B 683 -22.91 20.18 -40.91
N ILE B 684 -21.77 19.51 -40.82
CA ILE B 684 -20.59 19.94 -41.57
C ILE B 684 -20.88 19.85 -43.07
N VAL B 685 -21.54 18.76 -43.49
CA VAL B 685 -21.88 18.61 -44.91
C VAL B 685 -22.77 19.76 -45.36
N ASP B 686 -23.76 20.12 -44.54
CA ASP B 686 -24.62 21.25 -44.88
C ASP B 686 -23.84 22.54 -44.94
N GLN B 687 -22.88 22.74 -44.04
CA GLN B 687 -22.02 23.90 -44.10
C GLN B 687 -21.18 23.92 -45.36
N SER B 688 -20.90 22.76 -45.95
CA SER B 688 -20.07 22.72 -47.16
C SER B 688 -20.83 23.21 -48.38
N LYS B 689 -22.16 23.12 -48.37
CA LYS B 689 -22.97 23.49 -49.52
C LYS B 689 -23.46 24.94 -49.47
N THR B 690 -23.07 25.70 -48.46
CA THR B 690 -23.50 27.09 -48.31
C THR B 690 -22.46 28.08 -48.78
N TYR B 691 -21.25 27.64 -49.10
CA TYR B 691 -20.20 28.53 -49.60
C TYR B 691 -20.33 28.66 -51.12
N GLU B 692 -21.36 29.41 -51.52
CA GLU B 692 -21.73 29.51 -52.92
C GLU B 692 -20.69 30.32 -53.69
N THR B 693 -20.85 30.34 -55.01
CA THR B 693 -20.04 31.08 -55.96
C THR B 693 -18.64 30.50 -56.18
N GLN B 694 -18.28 29.39 -55.52
CA GLN B 694 -17.00 28.76 -55.78
C GLN B 694 -16.99 27.36 -55.18
N GLN B 695 -15.98 26.58 -55.58
CA GLN B 695 -15.72 25.25 -55.04
C GLN B 695 -14.69 25.29 -53.90
N GLU B 696 -14.39 26.48 -53.38
CA GLU B 696 -13.27 26.66 -52.45
C GLU B 696 -13.68 26.55 -50.99
N TRP B 697 -14.68 25.73 -50.67
CA TRP B 697 -14.97 25.47 -49.28
C TRP B 697 -13.82 24.74 -48.61
N THR B 698 -12.90 24.19 -49.41
CA THR B 698 -11.69 23.54 -48.91
C THR B 698 -10.85 24.47 -48.05
N GLN B 699 -10.67 25.72 -48.48
CA GLN B 699 -9.73 26.59 -47.79
C GLN B 699 -10.13 26.77 -46.33
N TYR B 700 -11.43 26.91 -46.05
CA TYR B 700 -11.87 27.04 -44.66
C TYR B 700 -11.65 25.73 -43.92
N MET B 701 -11.84 24.60 -44.61
CA MET B 701 -11.57 23.31 -44.00
C MET B 701 -10.14 23.20 -43.52
N MET B 702 -9.19 23.71 -44.32
CA MET B 702 -7.78 23.41 -44.08
C MET B 702 -7.33 23.87 -42.69
N LEU B 703 -7.60 25.13 -42.35
CA LEU B 703 -7.30 25.69 -41.04
C LEU B 703 -8.11 25.01 -39.95
N ASP B 704 -9.44 25.10 -40.10
CA ASP B 704 -10.44 24.78 -39.09
C ASP B 704 -10.10 23.56 -38.23
N GLN B 705 -9.53 22.52 -38.82
CA GLN B 705 -9.13 21.32 -38.08
C GLN B 705 -10.28 20.45 -37.54
N THR B 706 -10.97 20.87 -36.48
CA THR B 706 -11.93 19.96 -35.85
C THR B 706 -12.85 19.33 -36.89
N ARG B 707 -13.21 20.11 -37.92
CA ARG B 707 -13.95 19.55 -39.04
C ARG B 707 -13.16 18.42 -39.69
N LYS B 708 -11.84 18.61 -39.86
CA LYS B 708 -11.00 17.57 -40.43
C LYS B 708 -10.99 16.33 -39.55
N GLU B 709 -10.93 16.51 -38.23
CA GLU B 709 -10.89 15.37 -37.33
C GLU B 709 -12.20 14.58 -37.40
N ILE B 710 -13.33 15.29 -37.47
CA ILE B 710 -14.60 14.60 -37.61
C ILE B 710 -14.68 13.88 -38.96
N VAL B 711 -14.16 14.49 -40.02
CA VAL B 711 -14.15 13.82 -41.32
C VAL B 711 -13.29 12.56 -41.27
N MET B 712 -12.15 12.64 -40.57
CA MET B 712 -11.32 11.46 -40.37
C MET B 712 -12.09 10.37 -39.65
N ALA B 713 -12.75 10.72 -38.55
CA ALA B 713 -13.54 9.73 -37.82
C ALA B 713 -14.72 9.23 -38.64
N MET B 714 -15.12 9.97 -39.68
CA MET B 714 -16.25 9.59 -40.51
C MET B 714 -15.83 8.79 -41.74
N MET B 715 -14.60 8.94 -42.21
CA MET B 715 -14.08 8.11 -43.29
C MET B 715 -13.43 6.84 -42.78
N MET B 716 -13.22 6.71 -41.47
CA MET B 716 -12.88 5.43 -40.89
C MET B 716 -14.08 4.49 -40.90
N THR B 717 -15.27 5.01 -40.60
CA THR B 717 -16.48 4.21 -40.65
C THR B 717 -16.93 3.96 -42.08
N ALA B 718 -16.51 4.78 -43.04
CA ALA B 718 -16.84 4.59 -44.45
C ALA B 718 -15.88 3.64 -45.15
N CYS B 719 -14.83 3.19 -44.48
CA CYS B 719 -13.88 2.23 -45.02
C CYS B 719 -13.99 0.85 -44.37
N ASP B 720 -14.26 0.79 -43.07
CA ASP B 720 -14.39 -0.50 -42.40
C ASP B 720 -15.54 -1.29 -42.99
N LEU B 721 -16.72 -0.69 -43.08
CA LEU B 721 -17.89 -1.32 -43.69
C LEU B 721 -18.02 -0.96 -45.16
N SER B 722 -16.93 -1.14 -45.91
CA SER B 722 -16.91 -0.89 -47.33
C SER B 722 -17.17 -2.15 -48.16
N ALA B 723 -17.43 -3.29 -47.51
CA ALA B 723 -17.68 -4.52 -48.25
C ALA B 723 -19.00 -4.45 -49.01
N ILE B 724 -19.94 -3.63 -48.56
CA ILE B 724 -21.21 -3.51 -49.25
C ILE B 724 -21.02 -2.89 -50.62
N THR B 725 -20.07 -1.97 -50.75
CA THR B 725 -19.91 -1.17 -51.96
C THR B 725 -19.28 -1.93 -53.12
N LYS B 726 -18.65 -3.08 -52.86
CA LYS B 726 -17.99 -3.82 -53.92
C LYS B 726 -19.04 -4.47 -54.83
N PRO B 727 -18.65 -4.81 -56.06
CA PRO B 727 -19.60 -5.48 -56.96
C PRO B 727 -20.10 -6.79 -56.36
N TRP B 728 -21.24 -7.24 -56.88
CA TRP B 728 -21.93 -8.39 -56.29
C TRP B 728 -21.01 -9.61 -56.23
N GLU B 729 -20.19 -9.82 -57.27
CA GLU B 729 -19.37 -11.02 -57.35
C GLU B 729 -18.41 -11.13 -56.17
N VAL B 730 -18.11 -10.02 -55.50
CA VAL B 730 -17.29 -10.05 -54.30
C VAL B 730 -18.13 -9.83 -53.04
N GLN B 731 -19.19 -9.03 -53.11
CA GLN B 731 -19.99 -8.77 -51.93
C GLN B 731 -20.67 -10.04 -51.44
N SER B 732 -21.12 -10.89 -52.36
CA SER B 732 -21.76 -12.13 -51.95
C SER B 732 -20.80 -13.00 -51.14
N LYS B 733 -19.58 -13.16 -51.64
CA LYS B 733 -18.59 -13.99 -50.94
C LYS B 733 -18.22 -13.37 -49.59
N VAL B 734 -18.05 -12.04 -49.54
CA VAL B 734 -17.71 -11.40 -48.29
C VAL B 734 -18.84 -11.56 -47.28
N ALA B 735 -20.09 -11.46 -47.75
CA ALA B 735 -21.23 -11.67 -46.86
C ALA B 735 -21.25 -13.09 -46.33
N LEU B 736 -20.95 -14.07 -47.18
CA LEU B 736 -20.89 -15.45 -46.71
C LEU B 736 -19.81 -15.61 -45.65
N LEU B 737 -18.64 -15.00 -45.87
CA LEU B 737 -17.55 -15.12 -44.89
C LEU B 737 -17.92 -14.48 -43.56
N VAL B 738 -18.50 -13.29 -43.59
CA VAL B 738 -18.86 -12.62 -42.34
C VAL B 738 -19.97 -13.38 -41.63
N ALA B 739 -20.92 -13.94 -42.38
CA ALA B 739 -21.96 -14.77 -41.76
C ALA B 739 -21.35 -15.99 -41.09
N ALA B 740 -20.36 -16.62 -41.74
CA ALA B 740 -19.69 -17.75 -41.12
C ALA B 740 -18.98 -17.35 -39.84
N GLU B 741 -18.33 -16.18 -39.84
CA GLU B 741 -17.66 -15.70 -38.63
C GLU B 741 -18.66 -15.46 -37.51
N PHE B 742 -19.81 -14.86 -37.83
CA PHE B 742 -20.84 -14.62 -36.82
C PHE B 742 -21.37 -15.94 -36.28
N TRP B 743 -21.55 -16.93 -37.17
CA TRP B 743 -22.01 -18.24 -36.72
C TRP B 743 -21.00 -18.89 -35.80
N GLU B 744 -19.70 -18.75 -36.10
CA GLU B 744 -18.67 -19.27 -35.22
C GLU B 744 -18.74 -18.60 -33.86
N GLN B 745 -18.93 -17.28 -33.84
CA GLN B 745 -19.07 -16.58 -32.56
C GLN B 745 -20.26 -17.09 -31.78
N GLY B 746 -21.38 -17.32 -32.47
CA GLY B 746 -22.56 -17.86 -31.79
C GLY B 746 -22.33 -19.23 -31.21
N ASP B 747 -21.66 -20.10 -31.97
CA ASP B 747 -21.32 -21.42 -31.46
C ASP B 747 -20.43 -21.32 -30.23
N LEU B 748 -19.44 -20.44 -30.27
CA LEU B 748 -18.56 -20.27 -29.12
C LEU B 748 -19.33 -19.76 -27.90
N GLU B 749 -20.25 -18.82 -28.12
CA GLU B 749 -20.99 -18.25 -27.00
C GLU B 749 -21.98 -19.23 -26.41
N ARG B 750 -22.59 -20.08 -27.23
CA ARG B 750 -23.63 -20.98 -26.72
C ARG B 750 -23.08 -21.94 -25.68
N THR B 751 -21.91 -22.51 -25.93
CA THR B 751 -21.35 -23.53 -25.04
C THR B 751 -20.56 -22.93 -23.88
N VAL B 752 -19.76 -21.90 -24.15
CA VAL B 752 -18.90 -21.34 -23.11
C VAL B 752 -19.72 -20.69 -22.02
N LEU B 753 -20.73 -19.89 -22.40
CA LEU B 753 -21.47 -19.07 -21.45
C LEU B 753 -22.88 -19.56 -21.19
N GLN B 754 -23.38 -20.51 -21.98
CA GLN B 754 -24.71 -21.11 -21.77
C GLN B 754 -25.81 -20.04 -21.90
N GLN B 755 -25.90 -19.45 -23.09
CA GLN B 755 -26.99 -18.53 -23.40
C GLN B 755 -27.26 -18.58 -24.89
N ASN B 756 -28.47 -18.16 -25.26
CA ASN B 756 -28.90 -18.17 -26.66
C ASN B 756 -28.48 -16.86 -27.35
N PRO B 757 -27.82 -16.93 -28.50
CA PRO B 757 -27.33 -15.70 -29.15
C PRO B 757 -28.46 -14.98 -29.89
N ILE B 758 -28.08 -13.84 -30.48
CA ILE B 758 -29.00 -13.04 -31.30
C ILE B 758 -29.15 -13.75 -32.65
N PRO B 759 -30.18 -13.43 -33.45
CA PRO B 759 -30.53 -14.33 -34.56
C PRO B 759 -29.42 -14.55 -35.57
N MET B 760 -28.60 -13.54 -35.87
CA MET B 760 -27.60 -13.71 -36.93
C MET B 760 -26.52 -14.70 -36.51
N MET B 761 -26.22 -14.80 -35.23
CA MET B 761 -25.20 -15.74 -34.77
C MET B 761 -25.72 -17.17 -34.64
N ASP B 762 -27.01 -17.39 -34.83
CA ASP B 762 -27.56 -18.74 -34.81
C ASP B 762 -27.38 -19.39 -36.18
N ARG B 763 -26.90 -20.63 -36.19
CA ARG B 763 -26.66 -21.31 -37.45
C ARG B 763 -27.96 -21.59 -38.20
N ASN B 764 -28.99 -22.04 -37.48
CA ASN B 764 -30.23 -22.47 -38.13
C ASN B 764 -31.05 -21.30 -38.65
N LYS B 765 -30.56 -20.07 -38.53
CA LYS B 765 -31.19 -18.90 -39.14
C LYS B 765 -30.42 -18.44 -40.38
N ALA B 766 -29.69 -19.35 -41.01
CA ALA B 766 -28.90 -19.00 -42.18
C ALA B 766 -29.78 -18.53 -43.33
N ASP B 767 -30.95 -19.16 -43.50
CA ASP B 767 -31.82 -18.82 -44.61
C ASP B 767 -32.34 -17.39 -44.53
N GLU B 768 -32.25 -16.76 -43.37
CA GLU B 768 -32.69 -15.38 -43.19
C GLU B 768 -31.57 -14.37 -43.43
N LEU B 769 -30.42 -14.82 -43.95
CA LEU B 769 -29.29 -13.91 -44.12
C LEU B 769 -29.62 -12.73 -45.01
N PRO B 770 -30.24 -12.89 -46.19
CA PRO B 770 -30.50 -11.71 -47.04
C PRO B 770 -31.39 -10.68 -46.37
N LYS B 771 -32.40 -11.10 -45.62
CA LYS B 771 -33.36 -10.15 -45.06
C LYS B 771 -32.79 -9.42 -43.84
N LEU B 772 -31.87 -10.05 -43.11
CA LEU B 772 -31.16 -9.37 -42.04
C LEU B 772 -29.92 -8.64 -42.55
N GLN B 773 -29.56 -8.84 -43.82
CA GLN B 773 -28.47 -8.10 -44.45
C GLN B 773 -28.97 -6.83 -45.12
N VAL B 774 -30.15 -6.87 -45.74
CA VAL B 774 -30.74 -5.64 -46.28
C VAL B 774 -31.06 -4.67 -45.15
N GLY B 775 -31.49 -5.19 -44.00
CA GLY B 775 -31.71 -4.31 -42.86
C GLY B 775 -30.45 -3.62 -42.40
N PHE B 776 -29.34 -4.38 -42.33
CA PHE B 776 -28.06 -3.78 -41.98
C PHE B 776 -27.63 -2.74 -43.03
N ILE B 777 -27.84 -3.04 -44.30
CA ILE B 777 -27.46 -2.12 -45.36
C ILE B 777 -28.28 -0.84 -45.28
N ASP B 778 -29.56 -0.96 -44.92
CA ASP B 778 -30.44 0.20 -44.87
C ASP B 778 -30.27 1.01 -43.59
N PHE B 779 -29.83 0.37 -42.51
CA PHE B 779 -29.73 1.04 -41.21
C PHE B 779 -28.31 1.52 -40.91
N VAL B 780 -27.34 0.60 -40.87
CA VAL B 780 -25.97 1.00 -40.60
C VAL B 780 -25.36 1.71 -41.79
N CYS B 781 -25.58 1.18 -42.99
CA CYS B 781 -25.01 1.73 -44.21
C CYS B 781 -25.98 2.75 -44.80
N THR B 782 -25.72 3.16 -46.04
CA THR B 782 -26.59 4.05 -46.82
C THR B 782 -26.94 5.34 -46.08
N PHE B 783 -26.15 5.71 -45.08
CA PHE B 783 -26.18 7.05 -44.51
C PHE B 783 -24.84 7.75 -44.67
N VAL B 784 -23.75 7.11 -44.24
CA VAL B 784 -22.42 7.66 -44.51
C VAL B 784 -22.21 7.77 -46.01
N TYR B 785 -22.52 6.70 -46.74
CA TYR B 785 -22.26 6.64 -48.17
C TYR B 785 -23.21 7.52 -48.98
N LYS B 786 -24.30 7.98 -48.36
CA LYS B 786 -25.15 9.00 -48.97
C LYS B 786 -24.66 10.40 -48.62
N GLU B 787 -24.23 10.60 -47.37
CA GLU B 787 -23.74 11.91 -46.96
C GLU B 787 -22.48 12.30 -47.71
N PHE B 788 -21.53 11.37 -47.86
CA PHE B 788 -20.35 11.67 -48.66
C PHE B 788 -20.71 11.90 -50.13
N SER B 789 -21.65 11.09 -50.65
CA SER B 789 -22.03 11.25 -52.06
C SER B 789 -22.62 12.63 -52.32
N ARG B 790 -23.48 13.11 -51.40
CA ARG B 790 -24.04 14.45 -51.51
C ARG B 790 -23.04 15.53 -51.12
N PHE B 791 -21.96 15.16 -50.42
CA PHE B 791 -20.94 16.11 -49.99
C PHE B 791 -19.79 16.19 -50.98
N HIS B 792 -19.44 15.07 -51.63
CA HIS B 792 -18.48 15.06 -52.72
C HIS B 792 -19.11 14.34 -53.92
N GLU B 793 -19.02 14.96 -55.09
CA GLU B 793 -19.51 14.33 -56.31
C GLU B 793 -18.48 13.40 -56.95
N GLU B 794 -17.24 13.41 -56.46
CA GLU B 794 -16.19 12.59 -57.05
C GLU B 794 -16.24 11.14 -56.59
N ILE B 795 -16.98 10.88 -55.50
CA ILE B 795 -17.14 9.53 -54.99
C ILE B 795 -18.56 8.98 -55.21
N THR B 796 -19.16 9.33 -56.34
CA THR B 796 -20.52 8.86 -56.71
C THR B 796 -20.65 7.34 -56.93
N PRO B 797 -19.62 6.68 -57.51
CA PRO B 797 -19.78 5.22 -57.71
C PRO B 797 -20.03 4.33 -56.48
N MET B 798 -19.75 4.76 -55.25
CA MET B 798 -19.96 3.97 -54.10
C MET B 798 -21.42 3.75 -53.79
N LEU B 799 -22.25 4.73 -54.05
CA LEU B 799 -23.68 4.60 -53.81
C LEU B 799 -24.37 3.79 -54.89
N ASP B 800 -23.85 3.81 -56.12
CA ASP B 800 -24.36 2.91 -57.14
C ASP B 800 -24.14 1.46 -56.75
N GLY B 801 -22.95 1.15 -56.23
CA GLY B 801 -22.64 -0.19 -55.77
C GLY B 801 -23.36 -0.60 -54.50
N ILE B 802 -23.90 0.37 -53.76
CA ILE B 802 -24.78 0.03 -52.64
C ILE B 802 -26.20 -0.22 -53.12
N THR B 803 -26.72 0.65 -54.00
CA THR B 803 -28.07 0.47 -54.51
C THR B 803 -28.21 -0.84 -55.28
N ASN B 804 -27.24 -1.15 -56.15
CA ASN B 804 -27.31 -2.39 -56.90
C ASN B 804 -27.23 -3.61 -55.98
N ASN B 805 -26.35 -3.54 -54.98
CA ASN B 805 -26.20 -4.67 -54.07
C ASN B 805 -27.47 -4.90 -53.27
N ARG B 806 -28.11 -3.83 -52.80
CA ARG B 806 -29.37 -4.00 -52.07
C ARG B 806 -30.47 -4.51 -53.00
N LYS B 807 -30.48 -4.03 -54.25
CA LYS B 807 -31.47 -4.51 -55.21
C LYS B 807 -31.33 -6.00 -55.45
N GLU B 808 -30.08 -6.48 -55.57
CA GLU B 808 -29.86 -7.91 -55.78
C GLU B 808 -30.00 -8.74 -54.50
N TRP B 809 -29.88 -8.10 -53.33
CA TRP B 809 -30.16 -8.81 -52.09
C TRP B 809 -31.66 -9.02 -51.90
N LYS B 810 -32.47 -8.03 -52.29
CA LYS B 810 -33.91 -8.18 -52.16
C LYS B 810 -34.43 -9.36 -52.98
N ALA B 811 -33.73 -9.73 -54.06
CA ALA B 811 -34.15 -10.89 -54.83
C ALA B 811 -34.18 -12.14 -53.96
N LEU B 812 -33.09 -12.41 -53.25
CA LEU B 812 -33.05 -13.58 -52.36
C LEU B 812 -33.96 -13.38 -51.16
N ALA B 813 -34.03 -12.16 -50.64
CA ALA B 813 -34.89 -11.89 -49.48
C ALA B 813 -36.34 -12.17 -49.80
N ASP B 814 -36.75 -11.98 -51.06
CA ASP B 814 -38.12 -12.29 -51.47
C ASP B 814 -38.27 -13.73 -51.93
N GLU B 815 -37.20 -14.35 -52.46
CA GLU B 815 -37.27 -15.76 -52.78
C GLU B 815 -37.51 -16.59 -51.52
N TYR B 816 -36.82 -16.27 -50.44
CA TYR B 816 -37.06 -16.99 -49.19
C TYR B 816 -38.47 -16.74 -48.67
N GLU B 817 -38.97 -15.50 -48.82
CA GLU B 817 -40.32 -15.19 -48.39
C GLU B 817 -41.35 -16.01 -49.16
N THR B 818 -41.18 -16.12 -50.48
CA THR B 818 -42.09 -16.95 -51.27
C THR B 818 -41.98 -18.41 -50.88
N LYS B 819 -40.77 -18.90 -50.62
CA LYS B 819 -40.61 -20.28 -50.18
C LYS B 819 -41.36 -20.53 -48.89
N MET B 820 -41.21 -19.62 -47.92
CA MET B 820 -41.89 -19.79 -46.63
C MET B 820 -43.40 -19.69 -46.80
N LYS B 821 -43.87 -18.76 -47.64
CA LYS B 821 -45.30 -18.65 -47.87
C LYS B 821 -45.86 -19.92 -48.50
N GLY B 822 -45.16 -20.49 -49.47
CA GLY B 822 -45.62 -21.73 -50.07
C GLY B 822 -45.63 -22.88 -49.07
N LEU B 823 -44.58 -23.00 -48.26
CA LEU B 823 -44.54 -24.07 -47.27
C LEU B 823 -45.67 -23.92 -46.25
N GLU B 824 -45.96 -22.69 -45.83
CA GLU B 824 -47.07 -22.46 -44.92
C GLU B 824 -48.40 -22.80 -45.60
N GLU B 825 -48.55 -22.43 -46.88
CA GLU B 825 -49.76 -22.77 -47.60
C GLU B 825 -49.94 -24.27 -47.72
N GLU B 826 -48.84 -25.02 -47.75
CA GLU B 826 -48.95 -26.48 -47.72
C GLU B 826 -49.62 -26.94 -46.43
N LYS B 827 -49.45 -26.20 -45.35
CA LYS B 827 -50.11 -26.51 -44.08
C LYS B 827 -51.53 -25.95 -44.07
N ILE C 10 27.06 10.25 51.67
CA ILE C 10 25.69 10.17 51.18
C ILE C 10 24.90 9.20 52.05
N ARG C 11 23.81 9.68 52.65
CA ARG C 11 22.99 8.82 53.50
C ARG C 11 22.36 7.70 52.68
N SER C 12 21.85 8.01 51.50
CA SER C 12 21.20 7.09 50.57
C SER C 12 19.80 6.69 51.02
N ALA C 13 19.36 7.09 52.21
CA ALA C 13 18.00 6.83 52.67
C ALA C 13 17.74 5.33 52.79
N THR C 14 17.63 4.64 51.66
CA THR C 14 17.38 3.20 51.67
C THR C 14 18.59 2.41 52.16
N ARG C 15 19.77 3.02 52.21
CA ARG C 15 21.02 2.35 52.61
C ARG C 15 21.44 1.28 51.61
N VAL C 16 20.95 1.36 50.37
CA VAL C 16 21.35 0.45 49.31
C VAL C 16 21.81 1.26 48.12
N MET C 17 22.80 0.74 47.39
CA MET C 17 23.36 1.41 46.24
C MET C 17 23.52 0.40 45.11
N GLY C 18 23.87 0.89 43.93
CA GLY C 18 24.02 0.05 42.77
C GLY C 18 22.77 -0.01 41.92
N GLY C 19 21.99 -1.08 42.08
CA GLY C 19 20.76 -1.25 41.34
C GLY C 19 19.60 -1.60 42.24
N PRO C 20 18.38 -1.53 41.71
CA PRO C 20 17.21 -1.91 42.49
C PRO C 20 17.31 -3.35 42.98
N VAL C 21 16.85 -3.59 44.21
CA VAL C 21 16.97 -4.88 44.87
C VAL C 21 15.57 -5.42 45.11
N THR C 22 15.33 -6.65 44.67
CA THR C 22 14.05 -7.33 44.86
C THR C 22 14.17 -8.39 45.96
N PRO C 23 13.11 -8.63 46.74
CA PRO C 23 13.24 -9.61 47.82
C PRO C 23 13.28 -11.05 47.33
N ARG C 24 12.46 -11.39 46.33
CA ARG C 24 12.40 -12.75 45.81
C ARG C 24 13.16 -12.84 44.50
N LYS C 25 13.70 -14.03 44.23
CA LYS C 25 14.45 -14.31 43.01
C LYS C 25 13.80 -15.51 42.31
N GLY C 26 13.56 -15.37 41.01
CA GLY C 26 12.98 -16.43 40.22
C GLY C 26 13.26 -16.24 38.74
N PRO C 27 12.97 -17.26 37.94
CA PRO C 27 13.20 -17.15 36.50
C PRO C 27 12.36 -16.06 35.88
N PRO C 28 12.95 -15.16 35.10
CA PRO C 28 12.17 -14.10 34.46
C PRO C 28 10.89 -14.62 33.82
N LYS C 29 9.80 -13.86 34.00
CA LYS C 29 8.54 -14.11 33.33
C LYS C 29 8.23 -12.90 32.44
N PHE C 30 7.87 -13.17 31.18
CA PHE C 30 7.73 -12.14 30.18
C PHE C 30 6.31 -12.10 29.63
N LYS C 31 5.88 -10.90 29.24
CA LYS C 31 4.50 -10.68 28.83
C LYS C 31 4.23 -11.33 27.47
N GLN C 32 3.00 -11.81 27.30
CA GLN C 32 2.57 -12.37 26.03
C GLN C 32 2.03 -11.27 25.12
N ARG C 33 2.17 -11.49 23.80
CA ARG C 33 1.65 -10.53 22.85
C ARG C 33 0.13 -10.45 22.94
N GLN C 34 -0.40 -9.25 22.74
CA GLN C 34 -1.83 -9.00 22.81
C GLN C 34 -2.42 -8.97 21.41
N THR C 35 -3.37 -9.87 21.14
CA THR C 35 -4.04 -9.91 19.85
C THR C 35 -5.53 -10.18 19.98
N ARG C 36 -6.12 -9.90 21.15
CA ARG C 36 -7.52 -10.18 21.41
C ARG C 36 -8.44 -9.03 21.04
N GLN C 37 -7.91 -7.94 20.49
CA GLN C 37 -8.70 -6.78 20.12
C GLN C 37 -8.78 -6.53 18.63
N PHE C 38 -7.66 -6.64 17.91
CA PHE C 38 -7.62 -6.31 16.48
C PHE C 38 -7.84 -7.54 15.61
N LYS C 39 -6.97 -8.54 15.73
CA LYS C 39 -7.02 -9.72 14.86
C LYS C 39 -8.03 -10.72 15.41
N SER C 40 -9.30 -10.32 15.35
CA SER C 40 -10.41 -11.20 15.71
C SER C 40 -10.95 -11.92 14.48
N LYS C 41 -10.06 -12.59 13.75
CA LYS C 41 -10.42 -13.28 12.52
C LYS C 41 -9.99 -14.73 12.58
N ALA C 72 -28.64 6.29 -22.31
CA ALA C 72 -27.83 7.44 -22.68
C ALA C 72 -28.01 7.79 -24.15
N PHE C 73 -28.29 6.77 -24.96
CA PHE C 73 -28.46 6.97 -26.39
C PHE C 73 -29.72 7.77 -26.68
N ASN C 74 -29.60 8.74 -27.59
CA ASN C 74 -30.77 9.40 -28.14
C ASN C 74 -31.33 8.55 -29.27
N HIS C 75 -32.61 8.21 -29.19
CA HIS C 75 -33.14 7.14 -30.01
C HIS C 75 -34.63 7.35 -30.29
N LEU C 76 -35.07 6.82 -31.43
CA LEU C 76 -36.48 6.51 -31.59
C LEU C 76 -36.83 5.23 -30.83
N GLU C 77 -35.92 4.26 -30.83
CA GLU C 77 -36.02 3.06 -30.02
C GLU C 77 -34.68 2.35 -30.08
N LEU C 78 -34.31 1.72 -28.97
CA LEU C 78 -32.94 1.22 -28.81
C LEU C 78 -32.75 -0.22 -29.28
N HIS C 79 -33.81 -1.02 -29.40
CA HIS C 79 -33.58 -2.43 -29.73
C HIS C 79 -33.11 -2.61 -31.16
N GLU C 80 -33.16 -1.58 -32.00
CA GLU C 80 -32.67 -1.70 -33.37
C GLU C 80 -31.19 -2.04 -33.39
N LEU C 81 -30.39 -1.36 -32.56
CA LEU C 81 -28.98 -1.68 -32.47
C LEU C 81 -28.76 -3.08 -31.90
N ALA C 82 -29.58 -3.48 -30.93
CA ALA C 82 -29.41 -4.78 -30.31
C ALA C 82 -29.57 -5.92 -31.31
N GLN C 83 -30.32 -5.70 -32.39
CA GLN C 83 -30.48 -6.74 -33.40
C GLN C 83 -29.14 -7.12 -34.01
N TYR C 84 -28.25 -6.13 -34.18
CA TYR C 84 -26.92 -6.34 -34.72
C TYR C 84 -25.91 -6.40 -33.57
N GLY C 85 -24.63 -6.45 -33.92
CA GLY C 85 -23.59 -6.57 -32.90
C GLY C 85 -23.49 -5.38 -31.97
N ILE C 86 -24.02 -4.22 -32.40
CA ILE C 86 -23.94 -3.02 -31.57
C ILE C 86 -24.76 -3.21 -30.30
N ILE C 87 -24.31 -2.58 -29.22
CA ILE C 87 -24.94 -2.67 -27.91
C ILE C 87 -25.46 -4.07 -27.63
N ILE D 10 -35.62 36.77 28.13
CA ILE D 10 -35.99 35.45 28.59
C ILE D 10 -35.52 35.27 30.03
N ARG D 11 -36.29 34.51 30.81
CA ARG D 11 -35.94 34.27 32.20
C ARG D 11 -35.05 33.05 32.39
N SER D 12 -35.32 31.97 31.65
CA SER D 12 -34.58 30.72 31.84
C SER D 12 -33.08 30.95 31.71
N ALA D 13 -32.63 31.33 30.52
CA ALA D 13 -31.23 31.64 30.30
C ALA D 13 -30.98 33.13 30.57
N THR D 14 -29.73 33.56 30.42
CA THR D 14 -29.36 34.95 30.68
C THR D 14 -29.59 35.78 29.41
N ARG D 15 -30.87 35.98 29.11
CA ARG D 15 -31.32 36.84 28.02
C ARG D 15 -30.81 36.37 26.65
N VAL D 16 -30.50 35.08 26.53
CA VAL D 16 -30.04 34.50 25.26
C VAL D 16 -30.73 33.16 25.05
N MET D 17 -31.22 32.93 23.84
CA MET D 17 -31.83 31.66 23.48
C MET D 17 -31.33 31.28 22.10
N GLY D 18 -31.93 30.24 21.52
CA GLY D 18 -31.46 29.76 20.23
C GLY D 18 -30.04 29.25 20.35
N GLY D 19 -29.13 29.84 19.58
CA GLY D 19 -27.74 29.49 19.64
C GLY D 19 -26.89 30.60 20.25
N PRO D 20 -25.59 30.37 20.36
CA PRO D 20 -24.71 31.40 20.91
C PRO D 20 -24.62 32.61 19.99
N VAL D 21 -24.36 33.76 20.61
CA VAL D 21 -24.29 35.04 19.91
C VAL D 21 -22.92 35.65 20.15
N THR D 22 -22.35 36.25 19.10
CA THR D 22 -21.03 36.87 19.16
C THR D 22 -21.09 38.32 18.70
N PRO D 23 -20.28 39.21 19.30
CA PRO D 23 -20.26 40.63 18.89
C PRO D 23 -19.34 40.90 17.70
N ARG D 24 -19.44 40.06 16.67
CA ARG D 24 -18.60 40.17 15.49
C ARG D 24 -19.47 40.20 14.24
N LYS D 25 -19.12 41.08 13.31
CA LYS D 25 -19.81 41.20 12.03
C LYS D 25 -18.77 41.33 10.93
N GLY D 26 -18.75 40.37 10.01
CA GLY D 26 -17.78 40.38 8.95
C GLY D 26 -17.72 39.04 8.23
N PRO D 27 -16.66 38.83 7.45
CA PRO D 27 -16.51 37.57 6.72
C PRO D 27 -15.85 36.51 7.58
N PRO D 28 -16.46 35.33 7.70
CA PRO D 28 -15.81 34.26 8.48
C PRO D 28 -14.48 33.85 7.87
N LYS D 29 -13.52 33.54 8.73
CA LYS D 29 -12.19 33.11 8.31
C LYS D 29 -11.98 31.66 8.71
N PHE D 30 -11.61 30.83 7.74
CA PHE D 30 -11.45 29.40 7.95
C PHE D 30 -9.97 29.04 8.04
N LYS D 31 -9.70 27.86 8.60
CA LYS D 31 -8.33 27.42 8.79
C LYS D 31 -7.65 27.17 7.45
N GLN D 32 -6.37 27.47 7.39
CA GLN D 32 -5.59 27.33 6.16
C GLN D 32 -4.98 25.94 5.99
N ARG D 33 -5.21 25.03 6.93
CA ARG D 33 -4.75 23.65 6.81
C ARG D 33 -3.24 23.57 6.99
N GLN D 34 -2.76 22.53 7.67
CA GLN D 34 -1.34 22.37 7.95
C GLN D 34 -0.67 21.64 6.79
N THR D 35 0.35 22.26 6.22
CA THR D 35 1.07 21.71 5.07
C THR D 35 2.56 21.63 5.30
N ARG D 36 3.05 21.86 6.51
CA ARG D 36 4.48 21.91 6.78
C ARG D 36 4.94 21.07 7.96
N GLN D 37 4.04 20.63 8.84
CA GLN D 37 4.49 19.82 9.98
C GLN D 37 5.08 18.50 9.52
N PHE D 38 4.45 17.84 8.54
CA PHE D 38 4.87 16.52 8.08
C PHE D 38 5.33 16.63 6.64
N LYS D 39 6.57 16.22 6.39
CA LYS D 39 7.14 16.25 5.04
C LYS D 39 8.48 15.52 5.02
N ALA D 72 31.00 -17.21 -5.32
CA ALA D 72 31.96 -17.30 -4.24
C ALA D 72 32.12 -18.73 -3.77
N PHE D 73 31.77 -19.69 -4.63
CA PHE D 73 31.87 -21.10 -4.29
C PHE D 73 33.32 -21.53 -4.21
N ASN D 74 33.54 -22.69 -3.58
CA ASN D 74 34.89 -23.17 -3.33
C ASN D 74 35.65 -23.34 -4.64
N HIS D 75 36.95 -23.09 -4.59
CA HIS D 75 37.76 -23.05 -5.81
C HIS D 75 39.23 -23.06 -5.45
N LEU D 76 40.01 -23.81 -6.22
CA LEU D 76 41.46 -23.63 -6.20
C LEU D 76 41.84 -22.29 -6.82
N GLU D 77 41.24 -21.98 -7.98
CA GLU D 77 41.39 -20.67 -8.62
C GLU D 77 40.12 -20.47 -9.45
N LEU D 78 39.21 -19.64 -8.95
CA LEU D 78 37.85 -19.63 -9.48
C LEU D 78 37.79 -19.29 -10.96
N HIS D 79 38.78 -18.57 -11.49
CA HIS D 79 38.71 -18.00 -12.83
C HIS D 79 39.30 -18.92 -13.90
N GLU D 80 39.50 -20.21 -13.59
CA GLU D 80 39.99 -21.12 -14.61
C GLU D 80 38.89 -21.42 -15.64
N LEU D 81 37.64 -21.43 -15.21
CA LEU D 81 36.49 -21.66 -16.07
C LEU D 81 35.81 -20.38 -16.52
N ALA D 82 36.29 -19.22 -16.05
CA ALA D 82 35.69 -17.94 -16.46
C ALA D 82 35.99 -17.61 -17.91
N GLN D 83 37.06 -18.18 -18.48
CA GLN D 83 37.37 -17.94 -19.89
C GLN D 83 36.30 -18.47 -20.82
N TYR D 84 35.47 -19.41 -20.34
CA TYR D 84 34.34 -19.92 -21.09
C TYR D 84 33.08 -19.16 -20.70
N GLY D 85 31.92 -19.64 -21.17
CA GLY D 85 30.68 -18.94 -20.91
C GLY D 85 30.34 -18.84 -19.44
N ILE D 86 30.73 -19.86 -18.66
CA ILE D 86 30.37 -19.88 -17.24
C ILE D 86 31.06 -18.73 -16.52
N ILE D 87 30.29 -17.98 -15.73
CA ILE D 87 30.77 -16.77 -15.06
C ILE D 87 31.80 -16.04 -15.90
ZN ZN E . 20.13 -27.14 -24.65
MG MG F . 20.35 -24.09 -22.15
P 35G G . -16.10 42.89 28.21
O1P 35G G . -16.60 43.82 27.18
O2P 35G G . -15.14 42.52 27.06
O5' 35G G . -16.58 44.27 28.89
C5' 35G G . -17.10 44.27 30.20
C4' 35G G . -17.29 42.83 30.59
O4' 35G G . -18.08 42.65 31.77
C3' 35G G . -18.04 42.03 29.55
O3' 35G G . -17.23 41.82 28.40
C2' 35G G . -18.42 40.78 30.32
O2' 35G G . -17.34 39.87 30.37
C1' 35G G . -18.63 41.35 31.74
N9 35G G . -20.05 41.40 32.14
C8 35G G . -21.09 42.02 31.51
N7 35G G . -22.23 41.88 32.15
C5 35G G . -21.92 41.11 33.26
C6 35G G . -22.73 40.62 34.32
O6 35G G . -23.93 40.79 34.49
N1 35G G . -21.99 39.89 35.23
C2 35G G . -20.65 39.65 35.16
N2 35G G . -20.10 38.92 36.14
N3 35G G . -19.88 40.10 34.17
C4 35G G . -20.58 40.81 33.27
H5'1 35G G . -18.03 44.83 30.16
H5'2 35G G . -16.43 44.82 30.86
H4' 35G G . -16.31 42.40 30.84
H3' 35G G . -18.95 42.53 29.22
H2' 35G G . -19.32 40.32 29.93
HO2' 35G G . -17.72 38.95 30.40
H1' 35G G . -18.10 40.76 32.49
H8 35G G . -20.98 42.58 30.58
HN1 35G G . -22.52 39.51 36.02
HN21 35G G . -20.62 38.55 36.93
HN22 35G G . -19.11 38.71 36.13
ZN ZN H . -12.28 -3.58 -39.65
MG MG I . -12.96 -3.49 -35.95
P 35G J . 6.80 -5.03 55.37
O1P 35G J . 6.32 -6.41 55.93
O2P 35G J . 5.35 -4.77 55.43
O5' 35G J . 6.31 -4.12 54.13
C5' 35G J . 7.18 -3.13 53.59
C4' 35G J . 8.31 -2.94 54.56
O4' 35G J . 9.01 -1.71 54.35
C3' 35G J . 7.85 -2.86 55.99
O3' 35G J . 7.43 -4.12 56.48
C2' 35G J . 9.06 -2.25 56.67
O2' 35G J . 10.05 -3.24 56.92
C1' 35G J . 9.58 -1.31 55.58
N9 35G J . 9.21 0.10 55.82
C8 35G J . 8.00 0.71 55.62
N7 35G J . 8.03 2.01 55.87
C5 35G J . 9.34 2.25 56.25
C6 35G J . 9.98 3.47 56.62
O6 35G J . 9.49 4.60 56.67
N1 35G J . 11.32 3.27 56.94
C2 35G J . 11.96 2.06 56.91
N2 35G J . 13.25 2.05 57.28
N3 35G J . 11.37 0.93 56.55
C4 35G J . 10.07 1.09 56.23
H5'1 35G J . 6.57 -2.25 53.48
H5'2 35G J . 7.48 -3.43 52.60
H4' 35G J . 9.03 -3.75 54.40
H3' 35G J . 7.01 -2.17 56.12
H2' 35G J . 8.81 -1.73 57.59
HO2' 35G J . 9.59 -4.08 57.18
H1' 35G J . 10.67 -1.35 55.48
H8 35G J . 7.12 0.16 55.30
HN1 35G J . 11.83 4.11 57.22
HN21 35G J . 13.76 2.88 57.57
HN22 35G J . 13.77 1.19 57.29
#